data_4R62
# 
_entry.id   4R62 
# 
_audit_conform.dict_name       mmcif_pdbx.dic 
_audit_conform.dict_version    5.379 
_audit_conform.dict_location   http://mmcif.pdb.org/dictionaries/ascii/mmcif_pdbx.dic 
# 
loop_
_database_2.database_id 
_database_2.database_code 
_database_2.pdbx_database_accession 
_database_2.pdbx_DOI 
PDB   4R62         pdb_00004r62 10.2210/pdb4r62/pdb 
RCSB  RCSB086944   ?            ?                   
WWPDB D_1000086944 ?            ?                   
# 
_pdbx_database_related.db_name        PDB 
_pdbx_database_related.db_id          4QWH 
_pdbx_database_related.details        . 
_pdbx_database_related.content_type   unspecified 
# 
_pdbx_database_status.status_code                     REL 
_pdbx_database_status.entry_id                        4R62 
_pdbx_database_status.recvd_initial_deposition_date   2014-08-22 
_pdbx_database_status.deposit_site                    RCSB 
_pdbx_database_status.process_site                    RCSB 
_pdbx_database_status.status_code_sf                  REL 
_pdbx_database_status.status_code_mr                  ? 
_pdbx_database_status.SG_entry                        ? 
_pdbx_database_status.status_code_cs                  ? 
_pdbx_database_status.methods_development_category    ? 
_pdbx_database_status.pdb_format_compatible           Y 
_pdbx_database_status.status_code_nmr_data            ? 
# 
loop_
_audit_author.name 
_audit_author.pdbx_ordinal 
'Kumar, P.'     1 
'Wolberger, C.' 2 
# 
_citation.id                        primary 
_citation.title                     'Role of a non-canonical surface of Rad6 in ubiquitin conjugating activity.' 
_citation.journal_abbrev            'Nucleic Acids Res.' 
_citation.journal_volume            43 
_citation.page_first                9039 
_citation.page_last                 9050 
_citation.year                      2015 
_citation.journal_id_ASTM           NARHAD 
_citation.country                   UK 
_citation.journal_id_ISSN           0305-1048 
_citation.journal_id_CSD            0389 
_citation.book_publisher            ? 
_citation.pdbx_database_id_PubMed   26286193 
_citation.pdbx_database_id_DOI      10.1093/nar/gkv845 
# 
loop_
_citation_author.citation_id 
_citation_author.name 
_citation_author.ordinal 
_citation_author.identifier_ORCID 
primary 'Kumar, P.'             1 ? 
primary 'Magala, P.'            2 ? 
primary 'Geiger-Schuller, K.R.' 3 ? 
primary 'Majumdar, A.'          4 ? 
primary 'Tolman, J.R.'          5 ? 
primary 'Wolberger, C.'         6 ? 
# 
_cell.entry_id           4R62 
_cell.length_a           33.666 
_cell.length_b           58.412 
_cell.length_c           115.722 
_cell.angle_alpha        90.00 
_cell.angle_beta         90.00 
_cell.angle_gamma        90.00 
_cell.Z_PDB              4 
_cell.pdbx_unique_axis   ? 
_cell.length_a_esd       ? 
_cell.length_b_esd       ? 
_cell.length_c_esd       ? 
_cell.angle_alpha_esd    ? 
_cell.angle_beta_esd     ? 
_cell.angle_gamma_esd    ? 
# 
_symmetry.entry_id                         4R62 
_symmetry.space_group_name_H-M             'P 21 21 21' 
_symmetry.pdbx_full_space_group_name_H-M   ? 
_symmetry.cell_setting                     ? 
_symmetry.Int_Tables_number                19 
_symmetry.space_group_name_Hall            ? 
# 
loop_
_entity.id 
_entity.type 
_entity.src_method 
_entity.pdbx_description 
_entity.formula_weight 
_entity.pdbx_number_of_molecules 
_entity.pdbx_ec 
_entity.pdbx_mutation 
_entity.pdbx_fragment 
_entity.details 
1 polymer     man 'Ubiquitin-conjugating enzyme E2 2'    19751.699 1  6.3.2.19 C88K Rad6      ? 
2 polymer     man 'Ubiquitin-40S ribosomal protein S27a' 8818.117  1  ?        ?    Ubiquitin ? 
3 non-polymer syn 'ACETATE ION'                          59.044    1  ?        ?    ?         ? 
4 water       nat water                                  18.015    12 ?        ?    ?         ? 
# 
loop_
_entity_name_com.entity_id 
_entity_name_com.name 
1 'Radiation sensitivity protein 6, Ubiquitin carrier protein UBC2, Ubiquitin-protein ligase UBC2' 
2 'Ubiquitin carboxyl extension protein 80, Ubiquitin, 40S ribosomal protein S27a'                 
# 
loop_
_entity_poly.entity_id 
_entity_poly.type 
_entity_poly.nstd_linkage 
_entity_poly.nstd_monomer 
_entity_poly.pdbx_seq_one_letter_code 
_entity_poly.pdbx_seq_one_letter_code_can 
_entity_poly.pdbx_strand_id 
_entity_poly.pdbx_target_identifier 
1 'polypeptide(L)' no no 
;MSTPARRRLMRDFKRMKEDAPPGVSASPLPDNVMVWNAMIIGPADTPYEDGTFRLLLEFDEEYPNKPPHVKFLSEMFHPN
VYANGEIKLDILQNRWTPTYDVASILTSIQSLFNDPNPASPANVEAATLFKDHKSQYVKRVKETVEKSWEDDMDDMDDDD
DDDDDDDDDEAD
;
;MSTPARRRLMRDFKRMKEDAPPGVSASPLPDNVMVWNAMIIGPADTPYEDGTFRLLLEFDEEYPNKPPHVKFLSEMFHPN
VYANGEIKLDILQNRWTPTYDVASILTSIQSLFNDPNPASPANVEAATLFKDHKSQYVKRVKETVEKSWEDDMDDMDDDD
DDDDDDDDDEAD
;
A ? 
2 'polypeptide(L)' no no IQMQIFVKTLTGKTITLEVEPSDTIENVKAKIQDKEGIPPDQQRLIFAGKQLEDGRTLSDYNIQKESTLHLVLRLRGG 
IQMQIFVKTLTGKTITLEVEPSDTIENVKAKIQDKEGIPPDQQRLIFAGKQLEDGRTLSDYNIQKESTLHLVLRLRGG B ? 
# 
loop_
_entity_poly_seq.entity_id 
_entity_poly_seq.num 
_entity_poly_seq.mon_id 
_entity_poly_seq.hetero 
1 1   MET n 
1 2   SER n 
1 3   THR n 
1 4   PRO n 
1 5   ALA n 
1 6   ARG n 
1 7   ARG n 
1 8   ARG n 
1 9   LEU n 
1 10  MET n 
1 11  ARG n 
1 12  ASP n 
1 13  PHE n 
1 14  LYS n 
1 15  ARG n 
1 16  MET n 
1 17  LYS n 
1 18  GLU n 
1 19  ASP n 
1 20  ALA n 
1 21  PRO n 
1 22  PRO n 
1 23  GLY n 
1 24  VAL n 
1 25  SER n 
1 26  ALA n 
1 27  SER n 
1 28  PRO n 
1 29  LEU n 
1 30  PRO n 
1 31  ASP n 
1 32  ASN n 
1 33  VAL n 
1 34  MET n 
1 35  VAL n 
1 36  TRP n 
1 37  ASN n 
1 38  ALA n 
1 39  MET n 
1 40  ILE n 
1 41  ILE n 
1 42  GLY n 
1 43  PRO n 
1 44  ALA n 
1 45  ASP n 
1 46  THR n 
1 47  PRO n 
1 48  TYR n 
1 49  GLU n 
1 50  ASP n 
1 51  GLY n 
1 52  THR n 
1 53  PHE n 
1 54  ARG n 
1 55  LEU n 
1 56  LEU n 
1 57  LEU n 
1 58  GLU n 
1 59  PHE n 
1 60  ASP n 
1 61  GLU n 
1 62  GLU n 
1 63  TYR n 
1 64  PRO n 
1 65  ASN n 
1 66  LYS n 
1 67  PRO n 
1 68  PRO n 
1 69  HIS n 
1 70  VAL n 
1 71  LYS n 
1 72  PHE n 
1 73  LEU n 
1 74  SER n 
1 75  GLU n 
1 76  MET n 
1 77  PHE n 
1 78  HIS n 
1 79  PRO n 
1 80  ASN n 
1 81  VAL n 
1 82  TYR n 
1 83  ALA n 
1 84  ASN n 
1 85  GLY n 
1 86  GLU n 
1 87  ILE n 
1 88  LYS n 
1 89  LEU n 
1 90  ASP n 
1 91  ILE n 
1 92  LEU n 
1 93  GLN n 
1 94  ASN n 
1 95  ARG n 
1 96  TRP n 
1 97  THR n 
1 98  PRO n 
1 99  THR n 
1 100 TYR n 
1 101 ASP n 
1 102 VAL n 
1 103 ALA n 
1 104 SER n 
1 105 ILE n 
1 106 LEU n 
1 107 THR n 
1 108 SER n 
1 109 ILE n 
1 110 GLN n 
1 111 SER n 
1 112 LEU n 
1 113 PHE n 
1 114 ASN n 
1 115 ASP n 
1 116 PRO n 
1 117 ASN n 
1 118 PRO n 
1 119 ALA n 
1 120 SER n 
1 121 PRO n 
1 122 ALA n 
1 123 ASN n 
1 124 VAL n 
1 125 GLU n 
1 126 ALA n 
1 127 ALA n 
1 128 THR n 
1 129 LEU n 
1 130 PHE n 
1 131 LYS n 
1 132 ASP n 
1 133 HIS n 
1 134 LYS n 
1 135 SER n 
1 136 GLN n 
1 137 TYR n 
1 138 VAL n 
1 139 LYS n 
1 140 ARG n 
1 141 VAL n 
1 142 LYS n 
1 143 GLU n 
1 144 THR n 
1 145 VAL n 
1 146 GLU n 
1 147 LYS n 
1 148 SER n 
1 149 TRP n 
1 150 GLU n 
1 151 ASP n 
1 152 ASP n 
1 153 MET n 
1 154 ASP n 
1 155 ASP n 
1 156 MET n 
1 157 ASP n 
1 158 ASP n 
1 159 ASP n 
1 160 ASP n 
1 161 ASP n 
1 162 ASP n 
1 163 ASP n 
1 164 ASP n 
1 165 ASP n 
1 166 ASP n 
1 167 ASP n 
1 168 ASP n 
1 169 ASP n 
1 170 GLU n 
1 171 ALA n 
1 172 ASP n 
2 1   ILE n 
2 2   GLN n 
2 3   MET n 
2 4   GLN n 
2 5   ILE n 
2 6   PHE n 
2 7   VAL n 
2 8   LYS n 
2 9   THR n 
2 10  LEU n 
2 11  THR n 
2 12  GLY n 
2 13  LYS n 
2 14  THR n 
2 15  ILE n 
2 16  THR n 
2 17  LEU n 
2 18  GLU n 
2 19  VAL n 
2 20  GLU n 
2 21  PRO n 
2 22  SER n 
2 23  ASP n 
2 24  THR n 
2 25  ILE n 
2 26  GLU n 
2 27  ASN n 
2 28  VAL n 
2 29  LYS n 
2 30  ALA n 
2 31  LYS n 
2 32  ILE n 
2 33  GLN n 
2 34  ASP n 
2 35  LYS n 
2 36  GLU n 
2 37  GLY n 
2 38  ILE n 
2 39  PRO n 
2 40  PRO n 
2 41  ASP n 
2 42  GLN n 
2 43  GLN n 
2 44  ARG n 
2 45  LEU n 
2 46  ILE n 
2 47  PHE n 
2 48  ALA n 
2 49  GLY n 
2 50  LYS n 
2 51  GLN n 
2 52  LEU n 
2 53  GLU n 
2 54  ASP n 
2 55  GLY n 
2 56  ARG n 
2 57  THR n 
2 58  LEU n 
2 59  SER n 
2 60  ASP n 
2 61  TYR n 
2 62  ASN n 
2 63  ILE n 
2 64  GLN n 
2 65  LYS n 
2 66  GLU n 
2 67  SER n 
2 68  THR n 
2 69  LEU n 
2 70  HIS n 
2 71  LEU n 
2 72  VAL n 
2 73  LEU n 
2 74  ARG n 
2 75  LEU n 
2 76  ARG n 
2 77  GLY n 
2 78  GLY n 
# 
loop_
_entity_src_gen.entity_id 
_entity_src_gen.pdbx_src_id 
_entity_src_gen.pdbx_alt_source_flag 
_entity_src_gen.pdbx_seq_type 
_entity_src_gen.pdbx_beg_seq_num 
_entity_src_gen.pdbx_end_seq_num 
_entity_src_gen.gene_src_common_name 
_entity_src_gen.gene_src_genus 
_entity_src_gen.pdbx_gene_src_gene 
_entity_src_gen.gene_src_species 
_entity_src_gen.gene_src_strain 
_entity_src_gen.gene_src_tissue 
_entity_src_gen.gene_src_tissue_fraction 
_entity_src_gen.gene_src_details 
_entity_src_gen.pdbx_gene_src_fragment 
_entity_src_gen.pdbx_gene_src_scientific_name 
_entity_src_gen.pdbx_gene_src_ncbi_taxonomy_id 
_entity_src_gen.pdbx_gene_src_variant 
_entity_src_gen.pdbx_gene_src_cell_line 
_entity_src_gen.pdbx_gene_src_atcc 
_entity_src_gen.pdbx_gene_src_organ 
_entity_src_gen.pdbx_gene_src_organelle 
_entity_src_gen.pdbx_gene_src_cell 
_entity_src_gen.pdbx_gene_src_cellular_location 
_entity_src_gen.host_org_common_name 
_entity_src_gen.pdbx_host_org_scientific_name 
_entity_src_gen.pdbx_host_org_ncbi_taxonomy_id 
_entity_src_gen.host_org_genus 
_entity_src_gen.pdbx_host_org_gene 
_entity_src_gen.pdbx_host_org_organ 
_entity_src_gen.host_org_species 
_entity_src_gen.pdbx_host_org_tissue 
_entity_src_gen.pdbx_host_org_tissue_fraction 
_entity_src_gen.pdbx_host_org_strain 
_entity_src_gen.pdbx_host_org_variant 
_entity_src_gen.pdbx_host_org_cell_line 
_entity_src_gen.pdbx_host_org_atcc 
_entity_src_gen.pdbx_host_org_culture_collection 
_entity_src_gen.pdbx_host_org_cell 
_entity_src_gen.pdbx_host_org_organelle 
_entity_src_gen.pdbx_host_org_cellular_location 
_entity_src_gen.pdbx_host_org_vector_type 
_entity_src_gen.pdbx_host_org_vector 
_entity_src_gen.host_org_details 
_entity_src_gen.expression_system_id 
_entity_src_gen.plasmid_name 
_entity_src_gen.plasmid_details 
_entity_src_gen.pdbx_description 
1 1 sample ? ? ? 
;Baker's yeast
;
? 'RAD6, UBC2, YGL058W'              ? 'ATCC 204508 / S288c' ? ? ? ? 'Saccharomyces cerevisiae' 559292 ? ? ? ? ? ? ? ? 
'Escherichia coli' 562 ? ? ? ? ? ? 'Rosetta2 DE3 pLysS' ? ? ? ? ? ? ? PLASMID ? ? ? pMALc2 ? ? 
2 1 sample ? ? ? human           ? 'RPS27A, UBA80, UBCEP1, Ubiquitin' ? human                 ? ? ? ? 'Homo sapiens'             
9606   ? ? ? ? ? ? ? ? 'Escherichia coli' 562 ? ? ? ? ? ? 'Rosetta2 DE3 pLysS' ? ? ? ? ? ? ? PLASMID ? ? ? pET3a  ? ? 
# 
loop_
_struct_ref.id 
_struct_ref.db_name 
_struct_ref.db_code 
_struct_ref.pdbx_db_accession 
_struct_ref.entity_id 
_struct_ref.pdbx_seq_one_letter_code 
_struct_ref.pdbx_align_begin 
_struct_ref.pdbx_db_isoform 
1 UNP UBC2_YEAST  P06104 1 
;MSTPARRRLMRDFKRMKEDAPPGVSASPLPDNVMVWNAMIIGPADTPYEDGTFRLLLEFDEEYPNKPPHVKFLSEMFHPN
VYANGEICLDILQNRWTPTYDVASILTSIQSLFNDPNPASPANVEAATLFKDHKSQYVKRVKETVEKSWEDDMDDMDDDD
DDDDDDDDDEAD
;
1 ? 
2 UNP RS27A_HUMAN P62979 2 
;MQIFVKTLTGKTITLEVEPSDTIENVKAKIQDKEGIPPDQQRLIFAGKQLEDGRTLSDYNIQKESTLHLVLRLRGGAKKR
KKKSYTTPKKNKHKRKKVKLAVLKYYKVDENGKISRLRRECPSDECGAGVFMASHFDRHYCGKCCLTYCFNKPEDK
;
1 ? 
# 
loop_
_struct_ref_seq.align_id 
_struct_ref_seq.ref_id 
_struct_ref_seq.pdbx_PDB_id_code 
_struct_ref_seq.pdbx_strand_id 
_struct_ref_seq.seq_align_beg 
_struct_ref_seq.pdbx_seq_align_beg_ins_code 
_struct_ref_seq.seq_align_end 
_struct_ref_seq.pdbx_seq_align_end_ins_code 
_struct_ref_seq.pdbx_db_accession 
_struct_ref_seq.db_align_beg 
_struct_ref_seq.pdbx_db_align_beg_ins_code 
_struct_ref_seq.db_align_end 
_struct_ref_seq.pdbx_db_align_end_ins_code 
_struct_ref_seq.pdbx_auth_seq_align_beg 
_struct_ref_seq.pdbx_auth_seq_align_end 
1 1 4R62 A 1 ? 172 ? P06104 1 ? 172 ? 1 172 
2 2 4R62 B 3 ? 78  ? P62979 1 ? 76  ? 1 76  
# 
loop_
_struct_ref_seq_dif.align_id 
_struct_ref_seq_dif.pdbx_pdb_id_code 
_struct_ref_seq_dif.mon_id 
_struct_ref_seq_dif.pdbx_pdb_strand_id 
_struct_ref_seq_dif.seq_num 
_struct_ref_seq_dif.pdbx_pdb_ins_code 
_struct_ref_seq_dif.pdbx_seq_db_name 
_struct_ref_seq_dif.pdbx_seq_db_accession_code 
_struct_ref_seq_dif.db_mon_id 
_struct_ref_seq_dif.pdbx_seq_db_seq_num 
_struct_ref_seq_dif.details 
_struct_ref_seq_dif.pdbx_auth_seq_num 
_struct_ref_seq_dif.pdbx_ordinal 
1 4R62 LYS A 88 ? UNP P06104 CYS 88 'engineered mutation' 88 1 
2 4R62 ILE B 1  ? UNP P62979 ?   ?  'expression tag'      -1 2 
2 4R62 GLN B 2  ? UNP P62979 ?   ?  'expression tag'      0  3 
# 
loop_
_chem_comp.id 
_chem_comp.type 
_chem_comp.mon_nstd_flag 
_chem_comp.name 
_chem_comp.pdbx_synonyms 
_chem_comp.formula 
_chem_comp.formula_weight 
ACT non-polymer         . 'ACETATE ION'   ? 'C2 H3 O2 -1'    59.044  
ALA 'L-peptide linking' y ALANINE         ? 'C3 H7 N O2'     89.093  
ARG 'L-peptide linking' y ARGININE        ? 'C6 H15 N4 O2 1' 175.209 
ASN 'L-peptide linking' y ASPARAGINE      ? 'C4 H8 N2 O3'    132.118 
ASP 'L-peptide linking' y 'ASPARTIC ACID' ? 'C4 H7 N O4'     133.103 
CYS 'L-peptide linking' y CYSTEINE        ? 'C3 H7 N O2 S'   121.158 
GLN 'L-peptide linking' y GLUTAMINE       ? 'C5 H10 N2 O3'   146.144 
GLU 'L-peptide linking' y 'GLUTAMIC ACID' ? 'C5 H9 N O4'     147.129 
GLY 'peptide linking'   y GLYCINE         ? 'C2 H5 N O2'     75.067  
HIS 'L-peptide linking' y HISTIDINE       ? 'C6 H10 N3 O2 1' 156.162 
HOH non-polymer         . WATER           ? 'H2 O'           18.015  
ILE 'L-peptide linking' y ISOLEUCINE      ? 'C6 H13 N O2'    131.173 
LEU 'L-peptide linking' y LEUCINE         ? 'C6 H13 N O2'    131.173 
LYS 'L-peptide linking' y LYSINE          ? 'C6 H15 N2 O2 1' 147.195 
MET 'L-peptide linking' y METHIONINE      ? 'C5 H11 N O2 S'  149.211 
PHE 'L-peptide linking' y PHENYLALANINE   ? 'C9 H11 N O2'    165.189 
PRO 'L-peptide linking' y PROLINE         ? 'C5 H9 N O2'     115.130 
SER 'L-peptide linking' y SERINE          ? 'C3 H7 N O3'     105.093 
THR 'L-peptide linking' y THREONINE       ? 'C4 H9 N O3'     119.119 
TRP 'L-peptide linking' y TRYPTOPHAN      ? 'C11 H12 N2 O2'  204.225 
TYR 'L-peptide linking' y TYROSINE        ? 'C9 H11 N O3'    181.189 
VAL 'L-peptide linking' y VALINE          ? 'C5 H11 N O2'    117.146 
# 
_exptl.entry_id          4R62 
_exptl.method            'X-RAY DIFFRACTION' 
_exptl.crystals_number   1 
# 
_exptl_crystal.id                    1 
_exptl_crystal.density_meas          ? 
_exptl_crystal.density_Matthews      1.99 
_exptl_crystal.density_percent_sol   38.23 
_exptl_crystal.description           ? 
_exptl_crystal.F_000                 ? 
_exptl_crystal.preparation           ? 
# 
_exptl_crystal_grow.crystal_id      1 
_exptl_crystal_grow.method          'VAPOR DIFFUSION, HANGING DROP' 
_exptl_crystal_grow.temp            293 
_exptl_crystal_grow.temp_details    ? 
_exptl_crystal_grow.pH              5.4 
_exptl_crystal_grow.pdbx_pH_range   ? 
_exptl_crystal_grow.pdbx_details    '24% PEG 300, 50 mM sodium acetate, pH 5.4, VAPOR DIFFUSION, HANGING DROP, temperature 293K' 
# 
_diffrn.id                     1 
_diffrn.ambient_temp           77 
_diffrn.ambient_temp_details   ? 
_diffrn.crystal_id             1 
# 
_diffrn_detector.diffrn_id              1 
_diffrn_detector.detector               PIXEL 
_diffrn_detector.type                   'PILATUS3 6M' 
_diffrn_detector.pdbx_collection_date   2014-08-10 
_diffrn_detector.details                'Silicon sensor' 
# 
_diffrn_radiation.diffrn_id                        1 
_diffrn_radiation.wavelength_id                    1 
_diffrn_radiation.pdbx_monochromatic_or_laue_m_l   M 
_diffrn_radiation.monochromator                    'Silicon sensor' 
_diffrn_radiation.pdbx_diffrn_protocol             'SINGLE WAVELENGTH' 
_diffrn_radiation.pdbx_scattering_type             x-ray 
# 
_diffrn_radiation_wavelength.id           1 
_diffrn_radiation_wavelength.wavelength   1.03 
_diffrn_radiation_wavelength.wt           1.0 
# 
_diffrn_source.diffrn_id                   1 
_diffrn_source.source                      SYNCHROTRON 
_diffrn_source.type                        'APS BEAMLINE 23-ID-D' 
_diffrn_source.pdbx_synchrotron_site       APS 
_diffrn_source.pdbx_synchrotron_beamline   23-ID-D 
_diffrn_source.pdbx_wavelength             ? 
_diffrn_source.pdbx_wavelength_list        1.03 
# 
_reflns.pdbx_diffrn_id               1 
_reflns.pdbx_ordinal                 1 
_reflns.entry_id                     4R62 
_reflns.observed_criterion_sigma_I   ? 
_reflns.observed_criterion_sigma_F   ? 
_reflns.d_resolution_low             50 
_reflns.d_resolution_high            2.2 
_reflns.number_obs                   11656 
_reflns.number_all                   20019 
_reflns.percent_possible_obs         96.5 
_reflns.pdbx_Rmerge_I_obs            .106 
_reflns.pdbx_Rsym_value              .104 
_reflns.pdbx_netI_over_sigmaI        2.15 
_reflns.B_iso_Wilson_estimate        59.83 
_reflns.pdbx_redundancy              2.9 
_reflns.R_free_details               ? 
_reflns.limit_h_max                  ? 
_reflns.limit_h_min                  ? 
_reflns.limit_k_max                  ? 
_reflns.limit_k_min                  ? 
_reflns.limit_l_max                  ? 
_reflns.limit_l_min                  ? 
_reflns.observed_criterion_F_max     ? 
_reflns.observed_criterion_F_min     ? 
_reflns.pdbx_chi_squared             ? 
_reflns.pdbx_scaling_rejects         ? 
# 
_refine.pdbx_refine_id                           'X-RAY DIFFRACTION' 
_refine.entry_id                                 4R62 
_refine.pdbx_diffrn_id                           1 
_refine.pdbx_TLS_residual_ADP_flag               ? 
_refine.ls_number_reflns_obs                     10705 
_refine.ls_number_reflns_all                     ? 
_refine.pdbx_ls_sigma_I                          ? 
_refine.pdbx_ls_sigma_F                          1.34 
_refine.pdbx_data_cutoff_high_absF               ? 
_refine.pdbx_data_cutoff_low_absF                ? 
_refine.pdbx_data_cutoff_high_rms_absF           ? 
_refine.ls_d_res_low                             41.107 
_refine.ls_d_res_high                            2.280 
_refine.ls_percent_reflns_obs                    97.46 
_refine.ls_R_factor_obs                          0.2128 
_refine.ls_R_factor_all                          ? 
_refine.ls_R_factor_R_work                       0.2101 
_refine.ls_R_factor_R_free                       0.2645 
_refine.ls_R_factor_R_free_error                 ? 
_refine.ls_R_factor_R_free_error_details         ? 
_refine.ls_percent_reflns_R_free                 4.99 
_refine.ls_number_reflns_R_free                  534 
_refine.ls_number_parameters                     ? 
_refine.ls_number_restraints                     ? 
_refine.occupancy_min                            ? 
_refine.occupancy_max                            ? 
_refine.correlation_coeff_Fo_to_Fc               ? 
_refine.correlation_coeff_Fo_to_Fc_free          ? 
_refine.B_iso_mean                               ? 
_refine.aniso_B[1][1]                            ? 
_refine.aniso_B[2][2]                            ? 
_refine.aniso_B[3][3]                            ? 
_refine.aniso_B[1][2]                            ? 
_refine.aniso_B[1][3]                            ? 
_refine.aniso_B[2][3]                            ? 
_refine.solvent_model_details                    'FLAT BULK SOLVENT MODEL' 
_refine.solvent_model_param_ksol                 ? 
_refine.solvent_model_param_bsol                 ? 
_refine.pdbx_solvent_vdw_probe_radii             1.11 
_refine.pdbx_solvent_ion_probe_radii             ? 
_refine.pdbx_solvent_shrinkage_radii             0.90 
_refine.pdbx_ls_cross_valid_method               ? 
_refine.details                                  ? 
_refine.pdbx_starting_model                      '1AYZ and 1UBQ' 
_refine.pdbx_method_to_determine_struct          'MOLECULAR REPLACEMENT' 
_refine.pdbx_isotropic_thermal_model             ? 
_refine.pdbx_stereochemistry_target_values       ML 
_refine.pdbx_stereochem_target_val_spec_case     ? 
_refine.pdbx_R_Free_selection_details            ? 
_refine.pdbx_overall_ESU_R                       ? 
_refine.pdbx_overall_ESU_R_Free                  ? 
_refine.overall_SU_ML                            0.35 
_refine.pdbx_overall_phase_error                 34.77 
_refine.overall_SU_B                             ? 
_refine.overall_SU_R_Cruickshank_DPI             ? 
_refine.pdbx_overall_SU_R_free_Cruickshank_DPI   ? 
_refine.pdbx_overall_SU_R_Blow_DPI               ? 
_refine.pdbx_overall_SU_R_free_Blow_DPI          ? 
_refine.ls_redundancy_reflns_obs                 ? 
_refine.B_iso_min                                ? 
_refine.B_iso_max                                ? 
_refine.overall_SU_R_free                        ? 
_refine.ls_wR_factor_R_free                      ? 
_refine.ls_wR_factor_R_work                      ? 
_refine.overall_FOM_free_R_set                   ? 
_refine.overall_FOM_work_R_set                   ? 
# 
_refine_hist.pdbx_refine_id                   'X-RAY DIFFRACTION' 
_refine_hist.cycle_id                         LAST 
_refine_hist.pdbx_number_atoms_protein        1719 
_refine_hist.pdbx_number_atoms_nucleic_acid   0 
_refine_hist.pdbx_number_atoms_ligand         4 
_refine_hist.number_atoms_solvent             12 
_refine_hist.number_atoms_total               1735 
_refine_hist.d_res_high                       2.280 
_refine_hist.d_res_low                        41.107 
# 
loop_
_refine_ls_restr.type 
_refine_ls_restr.dev_ideal 
_refine_ls_restr.dev_ideal_target 
_refine_ls_restr.weight 
_refine_ls_restr.number 
_refine_ls_restr.pdbx_refine_id 
_refine_ls_restr.pdbx_restraint_function 
f_bond_d           0.010  ? ? 1764 'X-RAY DIFFRACTION' ? 
f_angle_d          1.194  ? ? 2409 'X-RAY DIFFRACTION' ? 
f_dihedral_angle_d 14.560 ? ? 633  'X-RAY DIFFRACTION' ? 
f_chiral_restr     0.074  ? ? 279  'X-RAY DIFFRACTION' ? 
f_plane_restr      0.006  ? ? 315  'X-RAY DIFFRACTION' ? 
# 
loop_
_refine_ls_shell.pdbx_refine_id 
_refine_ls_shell.pdbx_total_number_of_bins_used 
_refine_ls_shell.d_res_high 
_refine_ls_shell.d_res_low 
_refine_ls_shell.number_reflns_R_work 
_refine_ls_shell.R_factor_R_work 
_refine_ls_shell.percent_reflns_obs 
_refine_ls_shell.R_factor_R_free 
_refine_ls_shell.R_factor_R_free_error 
_refine_ls_shell.percent_reflns_R_free 
_refine_ls_shell.number_reflns_R_free 
_refine_ls_shell.number_reflns_all 
_refine_ls_shell.R_factor_all 
_refine_ls_shell.redundancy_reflns_obs 
_refine_ls_shell.number_reflns_obs 
'X-RAY DIFFRACTION' . 2.2800 2.5095  2431 0.2981 96.00 0.3799 . . 127 . . . . 
'X-RAY DIFFRACTION' . 2.5095 2.8725  2552 0.2587 99.00 0.3738 . . 134 . . . . 
'X-RAY DIFFRACTION' . 2.8725 3.6187  2549 0.2405 99.00 0.2956 . . 136 . . . . 
'X-RAY DIFFRACTION' . 3.6187 41.1140 2639 0.1830 96.00 0.2274 . . 137 . . . . 
# 
_struct.entry_id                  4R62 
_struct.title                     'Structure of Rad6~Ub' 
_struct.pdbx_model_details        ? 
_struct.pdbx_CASP_flag            ? 
_struct.pdbx_model_type_details   ? 
# 
_struct_keywords.entry_id        4R62 
_struct_keywords.pdbx_keywords   'NUCLEAR PROTEIN' 
_struct_keywords.text            
;E2 conjugating enzyme, UBC, Monoubiquitination of Histone H2B at K123 in Saccharomyces cerevisiae, Bre1, Ubiquitin, PCNA, Rad18, Histone H2B, UBIQUITINATION, NUCLEUS, NUCLEAR PROTEIN
;
# 
loop_
_struct_asym.id 
_struct_asym.pdbx_blank_PDB_chainid_flag 
_struct_asym.pdbx_modified 
_struct_asym.entity_id 
_struct_asym.details 
A N N 1 ? 
B N N 2 ? 
C N N 3 ? 
D N N 4 ? 
E N N 4 ? 
# 
_struct_biol.id        1 
_struct_biol.details   ? 
# 
loop_
_struct_conf.conf_type_id 
_struct_conf.id 
_struct_conf.pdbx_PDB_helix_id 
_struct_conf.beg_label_comp_id 
_struct_conf.beg_label_asym_id 
_struct_conf.beg_label_seq_id 
_struct_conf.pdbx_beg_PDB_ins_code 
_struct_conf.end_label_comp_id 
_struct_conf.end_label_asym_id 
_struct_conf.end_label_seq_id 
_struct_conf.pdbx_end_PDB_ins_code 
_struct_conf.beg_auth_comp_id 
_struct_conf.beg_auth_asym_id 
_struct_conf.beg_auth_seq_id 
_struct_conf.end_auth_comp_id 
_struct_conf.end_auth_asym_id 
_struct_conf.end_auth_seq_id 
_struct_conf.pdbx_PDB_helix_class 
_struct_conf.details 
_struct_conf.pdbx_PDB_helix_length 
HELX_P HELX_P1 1 THR A 3   ? ASP A 19  ? THR A 3   ASP A 19  1 ? 17 
HELX_P HELX_P2 2 LEU A 89  ? GLN A 93  ? LEU A 89  GLN A 93  5 ? 5  
HELX_P HELX_P3 3 ASP A 101 ? ASP A 115 ? ASP A 101 ASP A 115 1 ? 15 
HELX_P HELX_P4 4 ASN A 123 ? HIS A 133 ? ASN A 123 HIS A 133 1 ? 11 
HELX_P HELX_P5 5 HIS A 133 ? GLU A 150 ? HIS A 133 GLU A 150 1 ? 18 
HELX_P HELX_P6 6 THR B 24  ? GLY B 37  ? THR B 22  GLY B 35  1 ? 14 
HELX_P HELX_P7 7 PRO B 39  ? ASP B 41  ? PRO B 37  ASP B 39  5 ? 3  
HELX_P HELX_P8 8 LEU B 58  ? ASN B 62  ? LEU B 56  ASN B 60  5 ? 5  
# 
_struct_conf_type.id          HELX_P 
_struct_conf_type.criteria    ? 
_struct_conf_type.reference   ? 
# 
loop_
_struct_mon_prot_cis.pdbx_id 
_struct_mon_prot_cis.label_comp_id 
_struct_mon_prot_cis.label_seq_id 
_struct_mon_prot_cis.label_asym_id 
_struct_mon_prot_cis.label_alt_id 
_struct_mon_prot_cis.pdbx_PDB_ins_code 
_struct_mon_prot_cis.auth_comp_id 
_struct_mon_prot_cis.auth_seq_id 
_struct_mon_prot_cis.auth_asym_id 
_struct_mon_prot_cis.pdbx_label_comp_id_2 
_struct_mon_prot_cis.pdbx_label_seq_id_2 
_struct_mon_prot_cis.pdbx_label_asym_id_2 
_struct_mon_prot_cis.pdbx_PDB_ins_code_2 
_struct_mon_prot_cis.pdbx_auth_comp_id_2 
_struct_mon_prot_cis.pdbx_auth_seq_id_2 
_struct_mon_prot_cis.pdbx_auth_asym_id_2 
_struct_mon_prot_cis.pdbx_PDB_model_num 
_struct_mon_prot_cis.pdbx_omega_angle 
1 TYR 63 A . ? TYR 63 A PRO 64 A ? PRO 64 A 1 1.90 
2 LEU 75 B . ? LEU 73 B ARG 76 B ? ARG 74 B 1 0.60 
# 
loop_
_struct_sheet.id 
_struct_sheet.type 
_struct_sheet.number_strands 
_struct_sheet.details 
A ? 4 ? 
B ? 5 ? 
# 
loop_
_struct_sheet_order.sheet_id 
_struct_sheet_order.range_id_1 
_struct_sheet_order.range_id_2 
_struct_sheet_order.offset 
_struct_sheet_order.sense 
A 1 2 ? anti-parallel 
A 2 3 ? anti-parallel 
A 3 4 ? anti-parallel 
B 1 2 ? anti-parallel 
B 2 3 ? parallel      
B 3 4 ? anti-parallel 
B 4 5 ? anti-parallel 
# 
loop_
_struct_sheet_range.sheet_id 
_struct_sheet_range.id 
_struct_sheet_range.beg_label_comp_id 
_struct_sheet_range.beg_label_asym_id 
_struct_sheet_range.beg_label_seq_id 
_struct_sheet_range.pdbx_beg_PDB_ins_code 
_struct_sheet_range.end_label_comp_id 
_struct_sheet_range.end_label_asym_id 
_struct_sheet_range.end_label_seq_id 
_struct_sheet_range.pdbx_end_PDB_ins_code 
_struct_sheet_range.beg_auth_comp_id 
_struct_sheet_range.beg_auth_asym_id 
_struct_sheet_range.beg_auth_seq_id 
_struct_sheet_range.end_auth_comp_id 
_struct_sheet_range.end_auth_asym_id 
_struct_sheet_range.end_auth_seq_id 
A 1 VAL A 24 ? LEU A 29 ? VAL A 24 LEU A 29 
A 2 ASN A 32 ? ILE A 41 ? ASN A 32 ILE A 41 
A 3 THR A 52 ? GLU A 58 ? THR A 52 GLU A 58 
A 4 HIS A 69 ? PHE A 72 ? HIS A 69 PHE A 72 
B 1 THR B 14 ? VAL B 19 ? THR B 12 VAL B 17 
B 2 MET B 3  ? THR B 9  ? MET B 1  THR B 7  
B 3 THR B 68 ? LEU B 73 ? THR B 66 LEU B 71 
B 4 GLN B 43 ? PHE B 47 ? GLN B 41 PHE B 45 
B 5 LYS B 50 ? GLN B 51 ? LYS B 48 GLN B 49 
# 
loop_
_pdbx_struct_sheet_hbond.sheet_id 
_pdbx_struct_sheet_hbond.range_id_1 
_pdbx_struct_sheet_hbond.range_id_2 
_pdbx_struct_sheet_hbond.range_1_label_atom_id 
_pdbx_struct_sheet_hbond.range_1_label_comp_id 
_pdbx_struct_sheet_hbond.range_1_label_asym_id 
_pdbx_struct_sheet_hbond.range_1_label_seq_id 
_pdbx_struct_sheet_hbond.range_1_PDB_ins_code 
_pdbx_struct_sheet_hbond.range_1_auth_atom_id 
_pdbx_struct_sheet_hbond.range_1_auth_comp_id 
_pdbx_struct_sheet_hbond.range_1_auth_asym_id 
_pdbx_struct_sheet_hbond.range_1_auth_seq_id 
_pdbx_struct_sheet_hbond.range_2_label_atom_id 
_pdbx_struct_sheet_hbond.range_2_label_comp_id 
_pdbx_struct_sheet_hbond.range_2_label_asym_id 
_pdbx_struct_sheet_hbond.range_2_label_seq_id 
_pdbx_struct_sheet_hbond.range_2_PDB_ins_code 
_pdbx_struct_sheet_hbond.range_2_auth_atom_id 
_pdbx_struct_sheet_hbond.range_2_auth_comp_id 
_pdbx_struct_sheet_hbond.range_2_auth_asym_id 
_pdbx_struct_sheet_hbond.range_2_auth_seq_id 
A 1 2 N SER A 25 ? N SER A 25 O MET A 39 ? O MET A 39 
A 2 3 N TRP A 36 ? N TRP A 36 O LEU A 57 ? O LEU A 57 
A 3 4 N GLU A 58 ? N GLU A 58 O HIS A 69 ? O HIS A 69 
B 1 2 O LEU B 17 ? O LEU B 15 N ILE B 5  ? N ILE B 3  
B 2 3 N PHE B 6  ? N PHE B 4  O LEU B 69 ? O LEU B 67 
B 3 4 O HIS B 70 ? O HIS B 68 N ILE B 46 ? N ILE B 44 
B 4 5 N PHE B 47 ? N PHE B 45 O LYS B 50 ? O LYS B 48 
# 
_struct_site.id                   AC1 
_struct_site.pdbx_evidence_code   Software 
_struct_site.pdbx_auth_asym_id    A 
_struct_site.pdbx_auth_comp_id    ACT 
_struct_site.pdbx_auth_seq_id     201 
_struct_site.pdbx_auth_ins_code   ? 
_struct_site.pdbx_num_residues    3 
_struct_site.details              'BINDING SITE FOR RESIDUE ACT A 201' 
# 
loop_
_struct_site_gen.id 
_struct_site_gen.site_id 
_struct_site_gen.pdbx_num_res 
_struct_site_gen.label_comp_id 
_struct_site_gen.label_asym_id 
_struct_site_gen.label_seq_id 
_struct_site_gen.pdbx_auth_ins_code 
_struct_site_gen.auth_comp_id 
_struct_site_gen.auth_asym_id 
_struct_site_gen.auth_seq_id 
_struct_site_gen.label_atom_id 
_struct_site_gen.label_alt_id 
_struct_site_gen.symmetry 
_struct_site_gen.details 
1 AC1 3 HIS A 69 ? HIS A 69 . ? 1_555 ? 
2 AC1 3 VAL A 70 ? VAL A 70 . ? 1_555 ? 
3 AC1 3 ILE A 87 ? ILE A 87 . ? 1_555 ? 
# 
_atom_sites.entry_id                    4R62 
_atom_sites.fract_transf_matrix[1][1]   0.02608374 
_atom_sites.fract_transf_matrix[1][2]   0.01374910 
_atom_sites.fract_transf_matrix[1][3]   0.00359559 
_atom_sites.fract_transf_matrix[2][1]   0.00813014 
_atom_sites.fract_transf_matrix[2][2]   -0.01496287 
_atom_sites.fract_transf_matrix[2][3]   -0.00176287 
_atom_sites.fract_transf_matrix[3][1]   0.00050233 
_atom_sites.fract_transf_matrix[3][2]   0.00127806 
_atom_sites.fract_transf_matrix[3][3]   -0.00853119 
_atom_sites.fract_transf_vector[1]      -0.220109 
_atom_sites.fract_transf_vector[2]      0.157380 
_atom_sites.fract_transf_vector[3]      -0.167154 
# 
loop_
_atom_type.symbol 
C 
N 
O 
S 
# 
loop_
_atom_site.group_PDB 
_atom_site.id 
_atom_site.type_symbol 
_atom_site.label_atom_id 
_atom_site.label_alt_id 
_atom_site.label_comp_id 
_atom_site.label_asym_id 
_atom_site.label_entity_id 
_atom_site.label_seq_id 
_atom_site.pdbx_PDB_ins_code 
_atom_site.Cartn_x 
_atom_site.Cartn_y 
_atom_site.Cartn_z 
_atom_site.occupancy 
_atom_site.B_iso_or_equiv 
_atom_site.pdbx_formal_charge 
_atom_site.auth_seq_id 
_atom_site.auth_comp_id 
_atom_site.auth_asym_id 
_atom_site.auth_atom_id 
_atom_site.pdbx_PDB_model_num 
ATOM   1    N N   . SER A 1 2   ? 8.698   19.334  -30.426 1.00 97.48  ? 2   SER A N   1 
ATOM   2    C CA  . SER A 1 2   ? 8.834   19.233  -28.977 1.00 101.96 ? 2   SER A CA  1 
ATOM   3    C C   . SER A 1 2   ? 9.078   17.792  -28.510 1.00 105.40 ? 2   SER A C   1 
ATOM   4    O O   . SER A 1 2   ? 8.991   16.848  -29.306 1.00 103.58 ? 2   SER A O   1 
ATOM   5    C CB  . SER A 1 2   ? 7.606   19.823  -28.290 1.00 104.07 ? 2   SER A CB  1 
ATOM   6    O OG  . SER A 1 2   ? 6.572   20.043  -29.230 1.00 104.15 ? 2   SER A OG  1 
ATOM   7    N N   . THR A 1 3   ? 9.368   17.649  -27.213 1.00 101.26 ? 3   THR A N   1 
ATOM   8    C CA  . THR A 1 3   ? 9.839   16.404  -26.585 1.00 91.44  ? 3   THR A CA  1 
ATOM   9    C C   . THR A 1 3   ? 9.083   15.106  -26.918 1.00 91.40  ? 3   THR A C   1 
ATOM   10   O O   . THR A 1 3   ? 7.866   15.112  -27.102 1.00 92.58  ? 3   THR A O   1 
ATOM   11   C CB  . THR A 1 3   ? 9.920   16.575  -25.031 1.00 95.33  ? 3   THR A CB  1 
ATOM   12   O OG1 . THR A 1 3   ? 9.530   15.359  -24.367 1.00 86.77  ? 3   THR A OG1 1 
ATOM   13   C CG2 . THR A 1 3   ? 9.020   17.714  -24.565 1.00 98.66  ? 3   THR A CG2 1 
ATOM   14   N N   . PRO A 1 4   ? 9.822   13.985  -26.986 1.00 88.72  ? 4   PRO A N   1 
ATOM   15   C CA  . PRO A 1 4   ? 9.307   12.614  -27.130 1.00 87.45  ? 4   PRO A CA  1 
ATOM   16   C C   . PRO A 1 4   ? 8.268   12.262  -26.065 1.00 90.26  ? 4   PRO A C   1 
ATOM   17   O O   . PRO A 1 4   ? 7.213   11.691  -26.374 1.00 89.78  ? 4   PRO A O   1 
ATOM   18   C CB  . PRO A 1 4   ? 10.549  11.749  -26.888 1.00 88.79  ? 4   PRO A CB  1 
ATOM   19   C CG  . PRO A 1 4   ? 11.685  12.600  -27.228 1.00 86.10  ? 4   PRO A CG  1 
ATOM   20   C CD  . PRO A 1 4   ? 11.294  14.019  -26.935 1.00 87.30  ? 4   PRO A CD  1 
ATOM   21   N N   . ALA A 1 5   ? 8.591   12.575  -24.812 1.00 88.76  ? 5   ALA A N   1 
ATOM   22   C CA  . ALA A 1 5   ? 7.664   12.385  -23.706 1.00 81.55  ? 5   ALA A CA  1 
ATOM   23   C C   . ALA A 1 5   ? 6.353   13.125  -23.958 1.00 82.88  ? 5   ALA A C   1 
ATOM   24   O O   . ALA A 1 5   ? 5.285   12.521  -23.876 1.00 80.15  ? 5   ALA A O   1 
ATOM   25   C CB  . ALA A 1 5   ? 8.294   12.836  -22.404 1.00 81.67  ? 5   ALA A CB  1 
ATOM   26   N N   . ARG A 1 6   ? 6.433   14.417  -24.284 1.00 82.10  ? 6   ARG A N   1 
ATOM   27   C CA  . ARG A 1 6   ? 5.232   15.202  -24.573 1.00 82.43  ? 6   ARG A CA  1 
ATOM   28   C C   . ARG A 1 6   ? 4.464   14.634  -25.769 1.00 86.36  ? 6   ARG A C   1 
ATOM   29   O O   . ARG A 1 6   ? 3.240   14.765  -25.855 1.00 83.99  ? 6   ARG A O   1 
ATOM   30   C CB  . ARG A 1 6   ? 5.560   16.684  -24.805 1.00 92.63  ? 6   ARG A CB  1 
ATOM   31   C CG  . ARG A 1 6   ? 5.629   17.539  -23.532 1.00 93.93  ? 6   ARG A CG  1 
ATOM   32   C CD  . ARG A 1 6   ? 5.111   18.961  -23.764 1.00 101.32 ? 6   ARG A CD  1 
ATOM   33   N NE  . ARG A 1 6   ? 6.018   19.780  -24.572 1.00 114.52 ? 6   ARG A NE  1 
ATOM   34   C CZ  . ARG A 1 6   ? 5.696   20.960  -25.107 1.00 112.88 ? 6   ARG A CZ  1 
ATOM   35   N NH1 . ARG A 1 6   ? 4.482   21.467  -24.930 1.00 104.71 ? 6   ARG A NH1 1 
ATOM   36   N NH2 . ARG A 1 6   ? 6.588   21.632  -25.826 1.00 108.63 ? 6   ARG A NH2 1 
ATOM   37   N N   . ARG A 1 7   ? 5.190   13.987  -26.677 1.00 86.04  ? 7   ARG A N   1 
ATOM   38   C CA  . ARG A 1 7   ? 4.591   13.392  -27.865 1.00 85.81  ? 7   ARG A CA  1 
ATOM   39   C C   . ARG A 1 7   ? 3.874   12.100  -27.513 1.00 84.19  ? 7   ARG A C   1 
ATOM   40   O O   . ARG A 1 7   ? 2.724   11.891  -27.898 1.00 82.54  ? 7   ARG A O   1 
ATOM   41   C CB  . ARG A 1 7   ? 5.663   13.116  -28.920 1.00 90.94  ? 7   ARG A CB  1 
ATOM   42   N N   . ARG A 1 8   ? 4.572   11.230  -26.791 1.00 82.17  ? 8   ARG A N   1 
ATOM   43   C CA  . ARG A 1 8   ? 3.992   10.004  -26.277 1.00 80.44  ? 8   ARG A CA  1 
ATOM   44   C C   . ARG A 1 8   ? 2.761   10.294  -25.426 1.00 77.36  ? 8   ARG A C   1 
ATOM   45   O O   . ARG A 1 8   ? 1.784   9.542   -25.441 1.00 72.53  ? 8   ARG A O   1 
ATOM   46   C CB  . ARG A 1 8   ? 5.015   9.311   -25.408 1.00 75.85  ? 8   ARG A CB  1 
ATOM   47   C CG  . ARG A 1 8   ? 5.246   7.901   -25.787 1.00 79.66  ? 8   ARG A CG  1 
ATOM   48   C CD  . ARG A 1 8   ? 3.995   7.090   -25.628 1.00 80.18  ? 8   ARG A CD  1 
ATOM   49   N NE  . ARG A 1 8   ? 4.384   5.691   -25.604 1.00 83.52  ? 8   ARG A NE  1 
ATOM   50   C CZ  . ARG A 1 8   ? 4.371   4.931   -24.516 1.00 84.30  ? 8   ARG A CZ  1 
ATOM   51   N NH1 . ARG A 1 8   ? 3.952   5.421   -23.359 1.00 81.10  ? 8   ARG A NH1 1 
ATOM   52   N NH2 . ARG A 1 8   ? 4.765   3.669   -24.591 1.00 85.37  ? 8   ARG A NH2 1 
ATOM   53   N N   . LEU A 1 9   ? 2.815   11.397  -24.688 1.00 77.21  ? 9   LEU A N   1 
ATOM   54   C CA  . LEU A 1 9   ? 1.762   11.707  -23.736 1.00 77.83  ? 9   LEU A CA  1 
ATOM   55   C C   . LEU A 1 9   ? 0.515   12.194  -24.438 1.00 77.06  ? 9   LEU A C   1 
ATOM   56   O O   . LEU A 1 9   ? -0.592  11.953  -23.969 1.00 74.51  ? 9   LEU A O   1 
ATOM   57   C CB  . LEU A 1 9   ? 2.230   12.718  -22.700 1.00 69.81  ? 9   LEU A CB  1 
ATOM   58   C CG  . LEU A 1 9   ? 2.931   12.062  -21.508 1.00 72.68  ? 9   LEU A CG  1 
ATOM   59   C CD1 . LEU A 1 9   ? 3.525   13.116  -20.571 1.00 69.89  ? 9   LEU A CD1 1 
ATOM   60   C CD2 . LEU A 1 9   ? 1.989   11.119  -20.755 1.00 70.35  ? 9   LEU A CD2 1 
ATOM   61   N N   . MET A 1 10  ? 0.686   12.862  -25.571 1.00 77.70  ? 10  MET A N   1 
ATOM   62   C CA  . MET A 1 10  ? -0.475  13.347  -26.307 1.00 81.07  ? 10  MET A CA  1 
ATOM   63   C C   . MET A 1 10  ? -1.184  12.178  -27.008 1.00 80.38  ? 10  MET A C   1 
ATOM   64   O O   . MET A 1 10  ? -2.405  12.168  -27.137 1.00 77.08  ? 10  MET A O   1 
ATOM   65   C CB  . MET A 1 10  ? -0.095  14.478  -27.268 1.00 87.80  ? 10  MET A CB  1 
ATOM   66   C CG  . MET A 1 10  ? -1.206  15.536  -27.460 1.00 96.39  ? 10  MET A CG  1 
ATOM   67   S SD  . MET A 1 10  ? -1.757  16.396  -25.950 1.00 110.69 ? 10  MET A SD  1 
ATOM   68   C CE  . MET A 1 10  ? -3.236  17.233  -26.544 1.00 100.14 ? 10  MET A CE  1 
ATOM   69   N N   . ARG A 1 11  ? -0.406  11.182  -27.425 1.00 81.90  ? 11  ARG A N   1 
ATOM   70   C CA  . ARG A 1 11  ? -0.958  9.902   -27.865 1.00 79.21  ? 11  ARG A CA  1 
ATOM   71   C C   . ARG A 1 11  ? -1.813  9.270   -26.763 1.00 77.85  ? 11  ARG A C   1 
ATOM   72   O O   . ARG A 1 11  ? -2.976  8.926   -26.995 1.00 78.06  ? 11  ARG A O   1 
ATOM   73   C CB  . ARG A 1 11  ? 0.165   8.938   -28.284 1.00 79.74  ? 11  ARG A CB  1 
ATOM   74   C CG  . ARG A 1 11  ? 0.473   8.938   -29.775 1.00 87.55  ? 11  ARG A CG  1 
ATOM   75   C CD  . ARG A 1 11  ? 1.929   8.575   -30.047 1.00 95.72  ? 11  ARG A CD  1 
ATOM   76   N NE  . ARG A 1 11  ? 2.221   7.156   -29.838 1.00 96.55  ? 11  ARG A NE  1 
ATOM   77   C CZ  . ARG A 1 11  ? 3.451   6.657   -29.733 1.00 97.56  ? 11  ARG A CZ  1 
ATOM   78   N NH1 . ARG A 1 11  ? 4.503   7.468   -29.802 1.00 95.32  ? 11  ARG A NH1 1 
ATOM   79   N NH2 . ARG A 1 11  ? 3.634   5.352   -29.546 1.00 99.60  ? 11  ARG A NH2 1 
ATOM   80   N N   . ASP A 1 12  ? -1.244  9.124   -25.565 1.00 77.60  ? 12  ASP A N   1 
ATOM   81   C CA  . ASP A 1 12  ? -1.987  8.564   -24.435 1.00 71.42  ? 12  ASP A CA  1 
ATOM   82   C C   . ASP A 1 12  ? -3.273  9.343   -24.225 1.00 69.38  ? 12  ASP A C   1 
ATOM   83   O O   . ASP A 1 12  ? -4.328  8.759   -24.035 1.00 69.58  ? 12  ASP A O   1 
ATOM   84   C CB  . ASP A 1 12  ? -1.144  8.564   -23.159 1.00 71.19  ? 12  ASP A CB  1 
ATOM   85   C CG  . ASP A 1 12  ? 0.065   7.664   -23.266 1.00 76.85  ? 12  ASP A CG  1 
ATOM   86   O OD1 . ASP A 1 12  ? 0.418   7.294   -24.406 1.00 82.08  ? 12  ASP A OD1 1 
ATOM   87   O OD2 . ASP A 1 12  ? 0.670   7.326   -22.227 1.00 75.35  ? 12  ASP A OD2 1 
ATOM   88   N N   . PHE A 1 13  ? -3.193  10.665  -24.317 1.00 69.27  ? 13  PHE A N   1 
ATOM   89   C CA  . PHE A 1 13  ? -4.373  11.478  -24.074 1.00 73.92  ? 13  PHE A CA  1 
ATOM   90   C C   . PHE A 1 13  ? -5.432  11.212  -25.116 1.00 77.69  ? 13  PHE A C   1 
ATOM   91   O O   . PHE A 1 13  ? -6.583  10.927  -24.771 1.00 77.99  ? 13  PHE A O   1 
ATOM   92   C CB  . PHE A 1 13  ? -4.051  12.971  -24.036 1.00 76.75  ? 13  PHE A CB  1 
ATOM   93   C CG  . PHE A 1 13  ? -5.218  13.827  -23.594 1.00 77.18  ? 13  PHE A CG  1 
ATOM   94   C CD1 . PHE A 1 13  ? -6.270  13.274  -22.884 1.00 78.36  ? 13  PHE A CD1 1 
ATOM   95   C CD2 . PHE A 1 13  ? -5.259  15.179  -23.882 1.00 84.78  ? 13  PHE A CD2 1 
ATOM   96   C CE1 . PHE A 1 13  ? -7.343  14.049  -22.484 1.00 80.78  ? 13  PHE A CE1 1 
ATOM   97   C CE2 . PHE A 1 13  ? -6.329  15.964  -23.472 1.00 79.74  ? 13  PHE A CE2 1 
ATOM   98   C CZ  . PHE A 1 13  ? -7.370  15.397  -22.778 1.00 82.08  ? 13  PHE A CZ  1 
ATOM   99   N N   . LYS A 1 14  ? -5.036  11.326  -26.383 1.00 76.86  ? 14  LYS A N   1 
ATOM   100  C CA  . LYS A 1 14  ? -5.929  11.053  -27.495 1.00 76.65  ? 14  LYS A CA  1 
ATOM   101  C C   . LYS A 1 14  ? -6.594  9.707   -27.263 1.00 77.45  ? 14  LYS A C   1 
ATOM   102  O O   . LYS A 1 14  ? -7.807  9.568   -27.397 1.00 80.54  ? 14  LYS A O   1 
ATOM   103  C CB  . LYS A 1 14  ? -5.159  11.051  -28.821 1.00 82.29  ? 14  LYS A CB  1 
ATOM   104  N N   . ARG A 1 15  ? -5.796  8.725   -26.873 1.00 74.06  ? 15  ARG A N   1 
ATOM   105  C CA  . ARG A 1 15  ? -6.336  7.436   -26.475 1.00 77.71  ? 15  ARG A CA  1 
ATOM   106  C C   . ARG A 1 15  ? -7.431  7.553   -25.392 1.00 86.48  ? 15  ARG A C   1 
ATOM   107  O O   . ARG A 1 15  ? -8.536  7.029   -25.559 1.00 87.22  ? 15  ARG A O   1 
ATOM   108  C CB  . ARG A 1 15  ? -5.214  6.538   -25.989 1.00 71.92  ? 15  ARG A CB  1 
ATOM   109  C CG  . ARG A 1 15  ? -5.700  5.311   -25.279 1.00 85.29  ? 15  ARG A CG  1 
ATOM   110  C CD  . ARG A 1 15  ? -6.391  4.389   -26.248 1.00 86.36  ? 15  ARG A CD  1 
ATOM   111  N NE  . ARG A 1 15  ? -7.016  3.238   -25.601 1.00 87.16  ? 15  ARG A NE  1 
ATOM   112  C CZ  . ARG A 1 15  ? -6.368  2.131   -25.256 1.00 78.34  ? 15  ARG A CZ  1 
ATOM   113  N NH1 . ARG A 1 15  ? -5.059  2.026   -25.454 1.00 81.36  ? 15  ARG A NH1 1 
ATOM   114  N NH2 . ARG A 1 15  ? -7.035  1.139   -24.691 1.00 76.72  ? 15  ARG A NH2 1 
ATOM   115  N N   . MET A 1 16  ? -7.142  8.245   -24.294 1.00 80.41  ? 16  MET A N   1 
ATOM   116  C CA  . MET A 1 16  ? -8.089  8.282   -23.172 1.00 82.17  ? 16  MET A CA  1 
ATOM   117  C C   . MET A 1 16  ? -9.326  9.126   -23.490 1.00 89.34  ? 16  MET A C   1 
ATOM   118  O O   . MET A 1 16  ? -10.386 8.977   -22.862 1.00 89.22  ? 16  MET A O   1 
ATOM   119  C CB  . MET A 1 16  ? -7.416  8.810   -21.899 1.00 74.66  ? 16  MET A CB  1 
ATOM   120  C CG  . MET A 1 16  ? -6.314  7.913   -21.339 1.00 72.71  ? 16  MET A CG  1 
ATOM   121  S SD  . MET A 1 16  ? -6.924  6.308   -20.751 1.00 76.83  ? 16  MET A SD  1 
ATOM   122  C CE  . MET A 1 16  ? -8.175  6.838   -19.591 1.00 75.15  ? 16  MET A CE  1 
ATOM   123  N N   . LYS A 1 17  ? -9.180  10.008  -24.473 1.00 87.17  ? 17  LYS A N   1 
ATOM   124  C CA  . LYS A 1 17  ? -10.208 10.980  -24.800 1.00 84.48  ? 17  LYS A CA  1 
ATOM   125  C C   . LYS A 1 17  ? -11.324 10.345  -25.639 1.00 93.04  ? 17  LYS A C   1 
ATOM   126  O O   . LYS A 1 17  ? -12.474 10.802  -25.627 1.00 90.59  ? 17  LYS A O   1 
ATOM   127  C CB  . LYS A 1 17  ? -9.573  12.151  -25.555 1.00 82.75  ? 17  LYS A CB  1 
ATOM   128  C CG  . LYS A 1 17  ? -10.074 13.527  -25.155 1.00 88.03  ? 17  LYS A CG  1 
ATOM   129  C CD  . LYS A 1 17  ? -9.278  14.620  -25.873 1.00 92.07  ? 17  LYS A CD  1 
ATOM   130  C CE  . LYS A 1 17  ? -9.796  16.011  -25.511 1.00 94.14  ? 17  LYS A CE  1 
ATOM   131  N NZ  . LYS A 1 17  ? -11.221 16.228  -25.931 1.00 97.27  ? 17  LYS A NZ  1 
ATOM   132  N N   . GLU A 1 18  ? -10.988 9.281   -26.361 1.00 91.08  ? 18  GLU A N   1 
ATOM   133  C CA  . GLU A 1 18  ? -11.917 8.725   -27.344 1.00 92.99  ? 18  GLU A CA  1 
ATOM   134  C C   . GLU A 1 18  ? -12.283 7.264   -27.080 1.00 92.49  ? 18  GLU A C   1 
ATOM   135  O O   . GLU A 1 18  ? -13.415 6.845   -27.343 1.00 94.29  ? 18  GLU A O   1 
ATOM   136  C CB  . GLU A 1 18  ? -11.338 8.870   -28.757 1.00 95.06  ? 18  GLU A CB  1 
ATOM   137  C CG  . GLU A 1 18  ? -10.827 10.274  -29.100 1.00 93.81  ? 18  GLU A CG  1 
ATOM   138  C CD  . GLU A 1 18  ? -10.177 10.347  -30.478 1.00 96.22  ? 18  GLU A CD  1 
ATOM   139  O OE1 . GLU A 1 18  ? -10.551 9.546   -31.366 1.00 97.75  ? 18  GLU A OE1 1 
ATOM   140  O OE2 . GLU A 1 18  ? -9.287  11.204  -30.671 1.00 97.93  ? 18  GLU A OE2 1 
ATOM   141  N N   . ASP A 1 19  ? -11.321 6.503   -26.561 1.00 88.16  ? 19  ASP A N   1 
ATOM   142  C CA  . ASP A 1 19  ? -11.471 5.062   -26.375 1.00 90.50  ? 19  ASP A CA  1 
ATOM   143  C C   . ASP A 1 19  ? -10.887 4.584   -25.033 1.00 89.38  ? 19  ASP A C   1 
ATOM   144  O O   . ASP A 1 19  ? -9.949  3.776   -25.003 1.00 89.07  ? 19  ASP A O   1 
ATOM   145  C CB  . ASP A 1 19  ? -10.795 4.316   -27.529 1.00 86.88  ? 19  ASP A CB  1 
ATOM   146  N N   . ALA A 1 20  ? -11.452 5.075   -23.933 1.00 84.55  ? 20  ALA A N   1 
ATOM   147  C CA  . ALA A 1 20  ? -10.947 4.763   -22.596 1.00 85.46  ? 20  ALA A CA  1 
ATOM   148  C C   . ALA A 1 20  ? -11.646 3.537   -22.043 1.00 79.68  ? 20  ALA A C   1 
ATOM   149  O O   . ALA A 1 20  ? -12.853 3.380   -22.214 1.00 83.57  ? 20  ALA A O   1 
ATOM   150  C CB  . ALA A 1 20  ? -11.129 5.962   -21.653 1.00 77.21  ? 20  ALA A CB  1 
ATOM   151  N N   . PRO A 1 21  ? -10.888 2.665   -21.370 1.00 79.27  ? 21  PRO A N   1 
ATOM   152  C CA  . PRO A 1 21  ? -11.401 1.419   -20.793 1.00 75.44  ? 21  PRO A CA  1 
ATOM   153  C C   . PRO A 1 21  ? -12.522 1.727   -19.829 1.00 79.34  ? 21  PRO A C   1 
ATOM   154  O O   . PRO A 1 21  ? -12.631 2.864   -19.356 1.00 79.22  ? 21  PRO A O   1 
ATOM   155  C CB  . PRO A 1 21  ? -10.205 0.871   -20.026 1.00 75.95  ? 21  PRO A CB  1 
ATOM   156  C CG  . PRO A 1 21  ? -9.014  1.499   -20.686 1.00 78.27  ? 21  PRO A CG  1 
ATOM   157  C CD  . PRO A 1 21  ? -9.460  2.863   -21.077 1.00 77.53  ? 21  PRO A CD  1 
ATOM   158  N N   . PRO A 1 22  ? -13.361 0.730   -19.544 1.00 77.92  ? 22  PRO A N   1 
ATOM   159  C CA  . PRO A 1 22  ? -14.533 0.932   -18.694 1.00 76.83  ? 22  PRO A CA  1 
ATOM   160  C C   . PRO A 1 22  ? -14.142 1.154   -17.236 1.00 75.12  ? 22  PRO A C   1 
ATOM   161  O O   . PRO A 1 22  ? -13.279 0.449   -16.714 1.00 78.86  ? 22  PRO A O   1 
ATOM   162  C CB  . PRO A 1 22  ? -15.289 -0.398  -18.823 1.00 84.32  ? 22  PRO A CB  1 
ATOM   163  C CG  . PRO A 1 22  ? -14.637 -1.140  -19.947 1.00 76.83  ? 22  PRO A CG  1 
ATOM   164  C CD  . PRO A 1 22  ? -13.246 -0.658  -20.015 1.00 81.07  ? 22  PRO A CD  1 
ATOM   165  N N   . GLY A 1 23  ? -14.773 2.125   -16.587 1.00 74.43  ? 23  GLY A N   1 
ATOM   166  C CA  . GLY A 1 23  ? -14.530 2.355   -15.174 1.00 74.20  ? 23  GLY A CA  1 
ATOM   167  C C   . GLY A 1 23  ? -13.253 3.118   -14.871 1.00 70.65  ? 23  GLY A C   1 
ATOM   168  O O   . GLY A 1 23  ? -12.894 3.307   -13.706 1.00 67.46  ? 23  GLY A O   1 
ATOM   169  N N   . VAL A 1 24  ? -12.539 3.535   -15.915 1.00 70.62  ? 24  VAL A N   1 
ATOM   170  C CA  . VAL A 1 24  ? -11.348 4.348   -15.710 1.00 68.16  ? 24  VAL A CA  1 
ATOM   171  C C   . VAL A 1 24  ? -11.327 5.578   -16.620 1.00 69.37  ? 24  VAL A C   1 
ATOM   172  O O   . VAL A 1 24  ? -11.874 5.560   -17.717 1.00 74.78  ? 24  VAL A O   1 
ATOM   173  C CB  . VAL A 1 24  ? -10.046 3.537   -15.865 1.00 67.44  ? 24  VAL A CB  1 
ATOM   174  C CG1 . VAL A 1 24  ? -10.294 2.045   -15.625 1.00 69.19  ? 24  VAL A CG1 1 
ATOM   175  C CG2 . VAL A 1 24  ? -9.426  3.783   -17.215 1.00 68.02  ? 24  VAL A CG2 1 
ATOM   176  N N   . SER A 1 25  ? -10.714 6.656   -16.145 1.00 65.07  ? 25  SER A N   1 
ATOM   177  C CA  . SER A 1 25  ? -10.597 7.864   -16.939 1.00 64.47  ? 25  SER A CA  1 
ATOM   178  C C   . SER A 1 25  ? -9.412  8.653   -16.424 1.00 64.47  ? 25  SER A C   1 
ATOM   179  O O   . SER A 1 25  ? -8.957  8.427   -15.310 1.00 66.51  ? 25  SER A O   1 
ATOM   180  C CB  . SER A 1 25  ? -11.878 8.700   -16.860 1.00 66.90  ? 25  SER A CB  1 
ATOM   181  O OG  . SER A 1 25  ? -12.194 9.017   -15.514 1.00 74.80  ? 25  SER A OG  1 
ATOM   182  N N   . ALA A 1 26  ? -8.926  9.592   -17.230 1.00 67.58  ? 26  ALA A N   1 
ATOM   183  C CA  . ALA A 1 26  ? -7.735  10.348  -16.881 1.00 58.43  ? 26  ALA A CA  1 
ATOM   184  C C   . ALA A 1 26  ? -7.532  11.495  -17.855 1.00 68.57  ? 26  ALA A C   1 
ATOM   185  O O   . ALA A 1 26  ? -7.942  11.413  -19.011 1.00 70.27  ? 26  ALA A O   1 
ATOM   186  C CB  . ALA A 1 26  ? -6.520  9.433   -16.885 1.00 59.54  ? 26  ALA A CB  1 
ATOM   187  N N   . SER A 1 27  ? -6.895  12.566  -17.397 1.00 67.34  ? 27  SER A N   1 
ATOM   188  C CA  . SER A 1 27  ? -6.606  13.701  -18.268 1.00 72.86  ? 27  SER A CA  1 
ATOM   189  C C   . SER A 1 27  ? -5.567  14.595  -17.626 1.00 69.87  ? 27  SER A C   1 
ATOM   190  O O   . SER A 1 27  ? -5.571  14.764  -16.413 1.00 64.92  ? 27  SER A O   1 
ATOM   191  C CB  . SER A 1 27  ? -7.871  14.517  -18.516 1.00 67.69  ? 27  SER A CB  1 
ATOM   192  O OG  . SER A 1 27  ? -8.687  14.474  -17.363 1.00 74.13  ? 27  SER A OG  1 
ATOM   193  N N   . PRO A 1 28  ? -4.664  15.164  -18.440 1.00 70.68  ? 28  PRO A N   1 
ATOM   194  C CA  . PRO A 1 28  ? -3.702  16.144  -17.929 1.00 69.10  ? 28  PRO A CA  1 
ATOM   195  C C   . PRO A 1 28  ? -4.385  17.360  -17.363 1.00 67.75  ? 28  PRO A C   1 
ATOM   196  O O   . PRO A 1 28  ? -5.578  17.558  -17.540 1.00 72.46  ? 28  PRO A O   1 
ATOM   197  C CB  . PRO A 1 28  ? -2.902  16.554  -19.175 1.00 68.23  ? 28  PRO A CB  1 
ATOM   198  C CG  . PRO A 1 28  ? -3.667  16.011  -20.340 1.00 71.62  ? 28  PRO A CG  1 
ATOM   199  C CD  . PRO A 1 28  ? -4.398  14.808  -19.841 1.00 69.68  ? 28  PRO A CD  1 
ATOM   200  N N   . LEU A 1 29  ? -3.616  18.175  -16.670 1.00 69.40  ? 29  LEU A N   1 
ATOM   201  C CA  . LEU A 1 29  ? -4.081  19.487  -16.291 1.00 74.47  ? 29  LEU A CA  1 
ATOM   202  C C   . LEU A 1 29  ? -4.026  20.347  -17.555 1.00 78.40  ? 29  LEU A C   1 
ATOM   203  O O   . LEU A 1 29  ? -3.247  20.052  -18.458 1.00 78.26  ? 29  LEU A O   1 
ATOM   204  C CB  . LEU A 1 29  ? -3.173  20.032  -15.197 1.00 75.37  ? 29  LEU A CB  1 
ATOM   205  C CG  . LEU A 1 29  ? -3.020  19.074  -14.013 1.00 76.15  ? 29  LEU A CG  1 
ATOM   206  C CD1 . LEU A 1 29  ? -1.934  19.581  -13.061 1.00 72.56  ? 29  LEU A CD1 1 
ATOM   207  C CD2 . LEU A 1 29  ? -4.359  18.914  -13.291 1.00 73.13  ? 29  LEU A CD2 1 
ATOM   208  N N   . PRO A 1 30  ? -4.847  21.411  -17.627 1.00 80.30  ? 30  PRO A N   1 
ATOM   209  C CA  . PRO A 1 30  ? -4.938  22.218  -18.853 1.00 82.01  ? 30  PRO A CA  1 
ATOM   210  C C   . PRO A 1 30  ? -3.576  22.735  -19.287 1.00 82.65  ? 30  PRO A C   1 
ATOM   211  O O   . PRO A 1 30  ? -3.238  22.715  -20.473 1.00 83.46  ? 30  PRO A O   1 
ATOM   212  C CB  . PRO A 1 30  ? -5.805  23.409  -18.424 1.00 85.96  ? 30  PRO A CB  1 
ATOM   213  C CG  . PRO A 1 30  ? -6.541  22.941  -17.207 1.00 85.27  ? 30  PRO A CG  1 
ATOM   214  C CD  . PRO A 1 30  ? -5.617  22.003  -16.516 1.00 78.78  ? 30  PRO A CD  1 
ATOM   215  N N   . ASP A 1 31  ? -2.796  23.160  -18.299 1.00 83.00  ? 31  ASP A N   1 
ATOM   216  C CA  . ASP A 1 31  ? -1.550  23.878  -18.523 1.00 84.74  ? 31  ASP A CA  1 
ATOM   217  C C   . ASP A 1 31  ? -0.287  23.100  -18.140 1.00 84.79  ? 31  ASP A C   1 
ATOM   218  O O   . ASP A 1 31  ? 0.791   23.691  -18.026 1.00 85.61  ? 31  ASP A O   1 
ATOM   219  C CB  . ASP A 1 31  ? -1.578  25.184  -17.730 1.00 87.15  ? 31  ASP A CB  1 
ATOM   220  C CG  . ASP A 1 31  ? -1.913  24.967  -16.262 1.00 92.50  ? 31  ASP A CG  1 
ATOM   221  O OD1 . ASP A 1 31  ? -2.781  24.105  -15.962 1.00 88.59  ? 31  ASP A OD1 1 
ATOM   222  O OD2 . ASP A 1 31  ? -1.303  25.657  -15.413 1.00 92.35  ? 31  ASP A OD2 1 
ATOM   223  N N   . ASN A 1 32  ? -0.410  21.790  -17.932 1.00 78.10  ? 32  ASN A N   1 
ATOM   224  C CA  . ASN A 1 32  ? 0.746   20.966  -17.565 1.00 74.35  ? 32  ASN A CA  1 
ATOM   225  C C   . ASN A 1 32  ? 0.493   19.506  -17.902 1.00 76.30  ? 32  ASN A C   1 
ATOM   226  O O   . ASN A 1 32  ? -0.190  18.807  -17.154 1.00 72.01  ? 32  ASN A O   1 
ATOM   227  C CB  . ASN A 1 32  ? 1.093   21.116  -16.072 1.00 69.29  ? 32  ASN A CB  1 
ATOM   228  C CG  . ASN A 1 32  ? 2.367   20.364  -15.685 1.00 70.34  ? 32  ASN A CG  1 
ATOM   229  O OD1 . ASN A 1 32  ? 3.017   19.758  -16.527 1.00 78.22  ? 32  ASN A OD1 1 
ATOM   230  N ND2 . ASN A 1 32  ? 2.723   20.400  -14.407 1.00 75.11  ? 32  ASN A ND2 1 
ATOM   231  N N   . VAL A 1 33  ? 1.064   19.052  -19.020 1.00 69.20  ? 33  VAL A N   1 
ATOM   232  C CA  . VAL A 1 33  ? 0.750   17.747  -19.577 1.00 67.02  ? 33  VAL A CA  1 
ATOM   233  C C   . VAL A 1 33  ? 1.501   16.653  -18.841 1.00 67.01  ? 33  VAL A C   1 
ATOM   234  O O   . VAL A 1 33  ? 1.226   15.472  -19.022 1.00 71.11  ? 33  VAL A O   1 
ATOM   235  C CB  . VAL A 1 33  ? 1.071   17.697  -21.099 1.00 72.10  ? 33  VAL A CB  1 
ATOM   236  C CG1 . VAL A 1 33  ? 2.546   17.398  -21.338 1.00 73.22  ? 33  VAL A CG1 1 
ATOM   237  C CG2 . VAL A 1 33  ? 0.227   16.656  -21.783 1.00 68.69  ? 33  VAL A CG2 1 
ATOM   238  N N   . MET A 1 34  ? 2.448   17.046  -17.996 1.00 68.08  ? 34  MET A N   1 
ATOM   239  C CA  . MET A 1 34  ? 3.212   16.079  -17.206 1.00 65.14  ? 34  MET A CA  1 
ATOM   240  C C   . MET A 1 34  ? 2.473   15.580  -15.952 1.00 65.29  ? 34  MET A C   1 
ATOM   241  O O   . MET A 1 34  ? 2.953   14.666  -15.270 1.00 66.68  ? 34  MET A O   1 
ATOM   242  C CB  . MET A 1 34  ? 4.570   16.669  -16.807 1.00 68.27  ? 34  MET A CB  1 
ATOM   243  C CG  . MET A 1 34  ? 5.465   17.042  -17.982 1.00 68.61  ? 34  MET A CG  1 
ATOM   244  S SD  . MET A 1 34  ? 5.880   15.565  -18.912 1.00 81.67  ? 34  MET A SD  1 
ATOM   245  C CE  . MET A 1 34  ? 6.561   16.281  -20.399 1.00 85.27  ? 34  MET A CE  1 
ATOM   246  N N   . VAL A 1 35  ? 1.325   16.182  -15.637 1.00 65.95  ? 35  VAL A N   1 
ATOM   247  C CA  . VAL A 1 35  ? 0.552   15.792  -14.451 1.00 60.86  ? 35  VAL A CA  1 
ATOM   248  C C   . VAL A 1 35  ? -0.910  15.500  -14.808 1.00 61.11  ? 35  VAL A C   1 
ATOM   249  O O   . VAL A 1 35  ? -1.573  16.315  -15.435 1.00 63.00  ? 35  VAL A O   1 
ATOM   250  C CB  . VAL A 1 35  ? 0.556   16.870  -13.351 1.00 65.39  ? 35  VAL A CB  1 
ATOM   251  C CG1 . VAL A 1 35  ? -0.336  16.424  -12.179 1.00 62.17  ? 35  VAL A CG1 1 
ATOM   252  C CG2 . VAL A 1 35  ? 1.964   17.169  -12.865 1.00 58.71  ? 35  VAL A CG2 1 
ATOM   253  N N   . TRP A 1 36  ? -1.410  14.346  -14.386 1.00 56.23  ? 36  TRP A N   1 
ATOM   254  C CA  . TRP A 1 36  ? -2.736  13.900  -14.776 1.00 60.19  ? 36  TRP A CA  1 
ATOM   255  C C   . TRP A 1 36  ? -3.542  13.527  -13.556 1.00 62.20  ? 36  TRP A C   1 
ATOM   256  O O   . TRP A 1 36  ? -3.022  12.886  -12.637 1.00 59.28  ? 36  TRP A O   1 
ATOM   257  C CB  . TRP A 1 36  ? -2.633  12.641  -15.639 1.00 59.67  ? 36  TRP A CB  1 
ATOM   258  C CG  . TRP A 1 36  ? -2.057  12.800  -17.031 1.00 65.12  ? 36  TRP A CG  1 
ATOM   259  C CD1 . TRP A 1 36  ? -0.919  13.468  -17.389 1.00 65.05  ? 36  TRP A CD1 1 
ATOM   260  C CD2 . TRP A 1 36  ? -2.569  12.211  -18.234 1.00 63.20  ? 36  TRP A CD2 1 
ATOM   261  N NE1 . TRP A 1 36  ? -0.708  13.348  -18.742 1.00 67.07  ? 36  TRP A NE1 1 
ATOM   262  C CE2 . TRP A 1 36  ? -1.707  12.582  -19.284 1.00 65.00  ? 36  TRP A CE2 1 
ATOM   263  C CE3 . TRP A 1 36  ? -3.687  11.424  -18.527 1.00 66.19  ? 36  TRP A CE3 1 
ATOM   264  C CZ2 . TRP A 1 36  ? -1.930  12.197  -20.608 1.00 67.96  ? 36  TRP A CZ2 1 
ATOM   265  C CZ3 . TRP A 1 36  ? -3.908  11.037  -19.850 1.00 67.07  ? 36  TRP A CZ3 1 
ATOM   266  C CH2 . TRP A 1 36  ? -3.032  11.423  -20.868 1.00 65.76  ? 36  TRP A CH2 1 
ATOM   267  N N   . ASN A 1 37  ? -4.814  13.912  -13.554 1.00 61.07  ? 37  ASN A N   1 
ATOM   268  C CA  . ASN A 1 37  ? -5.778  13.297  -12.658 1.00 57.36  ? 37  ASN A CA  1 
ATOM   269  C C   . ASN A 1 37  ? -6.309  12.041  -13.293 1.00 60.91  ? 37  ASN A C   1 
ATOM   270  O O   . ASN A 1 37  ? -6.473  11.997  -14.506 1.00 59.04  ? 37  ASN A O   1 
ATOM   271  C CB  . ASN A 1 37  ? -6.941  14.226  -12.402 1.00 62.78  ? 37  ASN A CB  1 
ATOM   272  C CG  . ASN A 1 37  ? -6.558  15.391  -11.519 1.00 64.16  ? 37  ASN A CG  1 
ATOM   273  O OD1 . ASN A 1 37  ? -6.333  15.235  -10.317 1.00 63.80  ? 37  ASN A OD1 1 
ATOM   274  N ND2 . ASN A 1 37  ? -6.469  16.559  -12.112 1.00 62.57  ? 37  ASN A ND2 1 
ATOM   275  N N   . ALA A 1 38  ? -6.566  11.017  -12.479 1.00 60.07  ? 38  ALA A N   1 
ATOM   276  C CA  . ALA A 1 38  ? -7.219  9.809   -12.964 1.00 58.06  ? 38  ALA A CA  1 
ATOM   277  C C   . ALA A 1 38  ? -8.263  9.351   -11.977 1.00 58.82  ? 38  ALA A C   1 
ATOM   278  O O   . ALA A 1 38  ? -8.271  9.778   -10.823 1.00 57.76  ? 38  ALA A O   1 
ATOM   279  C CB  . ALA A 1 38  ? -6.203  8.689   -13.175 1.00 57.91  ? 38  ALA A CB  1 
ATOM   280  N N   . MET A 1 39  ? -9.122  8.443   -12.425 1.00 58.44  ? 39  MET A N   1 
ATOM   281  C CA  . MET A 1 39  ? -10.074 7.836   -11.520 1.00 61.67  ? 39  MET A CA  1 
ATOM   282  C C   . MET A 1 39  ? -10.358 6.420   -11.960 1.00 62.27  ? 39  MET A C   1 
ATOM   283  O O   . MET A 1 39  ? -10.484 6.150   -13.158 1.00 62.74  ? 39  MET A O   1 
ATOM   284  C CB  . MET A 1 39  ? -11.369 8.645   -11.461 1.00 60.46  ? 39  MET A CB  1 
ATOM   285  C CG  . MET A 1 39  ? -12.500 7.877   -10.793 1.00 69.08  ? 39  MET A CG  1 
ATOM   286  S SD  . MET A 1 39  ? -13.854 8.894   -10.183 1.00 82.39  ? 39  MET A SD  1 
ATOM   287  C CE  . MET A 1 39  ? -14.882 8.996   -11.638 1.00 81.81  ? 39  MET A CE  1 
ATOM   288  N N   . ILE A 1 40  ? -10.421 5.518   -10.987 1.00 56.70  ? 40  ILE A N   1 
ATOM   289  C CA  . ILE A 1 40  ? -10.822 4.153   -11.228 1.00 58.91  ? 40  ILE A CA  1 
ATOM   290  C C   . ILE A 1 40  ? -12.047 3.858   -10.369 1.00 62.08  ? 40  ILE A C   1 
ATOM   291  O O   . ILE A 1 40  ? -12.083 4.189   -9.191  1.00 64.08  ? 40  ILE A O   1 
ATOM   292  C CB  . ILE A 1 40  ? -9.697  3.168   -10.899 1.00 63.22  ? 40  ILE A CB  1 
ATOM   293  C CG1 . ILE A 1 40  ? -8.449  3.487   -11.715 1.00 64.07  ? 40  ILE A CG1 1 
ATOM   294  C CG2 . ILE A 1 40  ? -10.124 1.740   -11.212 1.00 60.43  ? 40  ILE A CG2 1 
ATOM   295  C CD1 . ILE A 1 40  ? -7.334  2.430   -11.538 1.00 58.51  ? 40  ILE A CD1 1 
ATOM   296  N N   . ILE A 1 41  ? -13.074 3.278   -10.973 1.00 67.38  ? 41  ILE A N   1 
ATOM   297  C CA  . ILE A 1 41  ? -14.280 2.939   -10.232 1.00 60.95  ? 41  ILE A CA  1 
ATOM   298  C C   . ILE A 1 41  ? -14.132 1.533   -9.691  1.00 59.36  ? 41  ILE A C   1 
ATOM   299  O O   . ILE A 1 41  ? -13.644 0.650   -10.388 1.00 67.19  ? 41  ILE A O   1 
ATOM   300  C CB  . ILE A 1 41  ? -15.521 2.970   -11.128 1.00 65.69  ? 41  ILE A CB  1 
ATOM   301  C CG1 . ILE A 1 41  ? -15.520 4.216   -12.002 1.00 68.78  ? 41  ILE A CG1 1 
ATOM   302  C CG2 . ILE A 1 41  ? -16.808 2.925   -10.292 1.00 66.80  ? 41  ILE A CG2 1 
ATOM   303  C CD1 . ILE A 1 41  ? -15.825 5.491   -11.243 1.00 71.81  ? 41  ILE A CD1 1 
ATOM   304  N N   . GLY A 1 42  ? -14.540 1.322   -8.444  1.00 60.65  ? 42  GLY A N   1 
ATOM   305  C CA  . GLY A 1 42  ? -14.508 -0.001  -7.855  1.00 62.04  ? 42  GLY A CA  1 
ATOM   306  C C   . GLY A 1 42  ? -15.344 -0.947  -8.683  1.00 65.59  ? 42  GLY A C   1 
ATOM   307  O O   . GLY A 1 42  ? -16.555 -0.771  -8.788  1.00 69.78  ? 42  GLY A O   1 
ATOM   308  N N   . PRO A 1 43  ? -14.695 -1.935  -9.303  1.00 69.21  ? 43  PRO A N   1 
ATOM   309  C CA  . PRO A 1 43  ? -15.357 -2.869  -10.213 1.00 70.31  ? 43  PRO A CA  1 
ATOM   310  C C   . PRO A 1 43  ? -16.448 -3.658  -9.497  1.00 66.03  ? 43  PRO A C   1 
ATOM   311  O O   . PRO A 1 43  ? -16.394 -3.774  -8.286  1.00 66.96  ? 43  PRO A O   1 
ATOM   312  C CB  . PRO A 1 43  ? -14.216 -3.803  -10.630 1.00 72.02  ? 43  PRO A CB  1 
ATOM   313  C CG  . PRO A 1 43  ? -12.983 -3.028  -10.402 1.00 71.33  ? 43  PRO A CG  1 
ATOM   314  C CD  . PRO A 1 43  ? -13.261 -2.227  -9.169  1.00 69.12  ? 43  PRO A CD  1 
ATOM   315  N N   . ALA A 1 44  ? -17.420 -4.189  -10.235 1.00 75.38  ? 44  ALA A N   1 
ATOM   316  C CA  . ALA A 1 44  ? -18.519 -4.958  -9.633  1.00 75.64  ? 44  ALA A CA  1 
ATOM   317  C C   . ALA A 1 44  ? -18.057 -6.264  -8.984  1.00 69.72  ? 44  ALA A C   1 
ATOM   318  O O   . ALA A 1 44  ? -17.052 -6.837  -9.386  1.00 73.93  ? 44  ALA A O   1 
ATOM   319  C CB  . ALA A 1 44  ? -19.611 -5.236  -10.654 1.00 72.30  ? 44  ALA A CB  1 
ATOM   320  N N   . ASP A 1 45  ? -18.787 -6.698  -7.958  1.00 75.13  ? 45  ASP A N   1 
ATOM   321  C CA  . ASP A 1 45  ? -18.528 -7.963  -7.255  1.00 77.27  ? 45  ASP A CA  1 
ATOM   322  C C   . ASP A 1 45  ? -17.170 -8.039  -6.549  1.00 80.62  ? 45  ASP A C   1 
ATOM   323  O O   . ASP A 1 45  ? -16.631 -9.129  -6.307  1.00 74.72  ? 45  ASP A O   1 
ATOM   324  C CB  . ASP A 1 45  ? -18.701 -9.142  -8.209  1.00 78.60  ? 45  ASP A CB  1 
ATOM   325  C CG  . ASP A 1 45  ? -20.082 -9.181  -8.816  1.00 81.20  ? 45  ASP A CG  1 
ATOM   326  O OD1 . ASP A 1 45  ? -21.076 -9.180  -8.056  1.00 84.12  ? 45  ASP A OD1 1 
ATOM   327  O OD2 . ASP A 1 45  ? -20.171 -9.183  -10.051 1.00 80.91  ? 45  ASP A OD2 1 
ATOM   328  N N   . THR A 1 46  ? -16.619 -6.873  -6.231  1.00 72.45  ? 46  THR A N   1 
ATOM   329  C CA  . THR A 1 46  ? -15.468 -6.795  -5.363  1.00 70.30  ? 46  THR A CA  1 
ATOM   330  C C   . THR A 1 46  ? -15.958 -5.955  -4.210  1.00 68.85  ? 46  THR A C   1 
ATOM   331  O O   . THR A 1 46  ? -16.884 -5.160  -4.386  1.00 71.66  ? 46  THR A O   1 
ATOM   332  C CB  . THR A 1 46  ? -14.289 -6.081  -6.055  1.00 69.93  ? 46  THR A CB  1 
ATOM   333  O OG1 . THR A 1 46  ? -14.657 -4.725  -6.341  1.00 67.46  ? 46  THR A OG1 1 
ATOM   334  C CG2 . THR A 1 46  ? -13.911 -6.785  -7.355  1.00 69.89  ? 46  THR A CG2 1 
ATOM   335  N N   . PRO A 1 47  ? -15.348 -6.112  -3.027  1.00 67.26  ? 47  PRO A N   1 
ATOM   336  C CA  . PRO A 1 47  ? -15.694 -5.235  -1.900  1.00 60.95  ? 47  PRO A CA  1 
ATOM   337  C C   . PRO A 1 47  ? -15.560 -3.741  -2.230  1.00 65.53  ? 47  PRO A C   1 
ATOM   338  O O   . PRO A 1 47  ? -16.166 -2.924  -1.536  1.00 60.30  ? 47  PRO A O   1 
ATOM   339  C CB  . PRO A 1 47  ? -14.687 -5.636  -0.815  1.00 62.97  ? 47  PRO A CB  1 
ATOM   340  C CG  . PRO A 1 47  ? -13.608 -6.398  -1.526  1.00 66.30  ? 47  PRO A CG  1 
ATOM   341  C CD  . PRO A 1 47  ? -14.306 -7.086  -2.664  1.00 68.56  ? 47  PRO A CD  1 
ATOM   342  N N   . TYR A 1 48  ? -14.803 -3.409  -3.281  1.00 60.51  ? 48  TYR A N   1 
ATOM   343  C CA  . TYR A 1 48  ? -14.521 -2.031  -3.659  1.00 62.87  ? 48  TYR A CA  1 
ATOM   344  C C   . TYR A 1 48  ? -15.620 -1.434  -4.542  1.00 69.07  ? 48  TYR A C   1 
ATOM   345  O O   . TYR A 1 48  ? -15.553 -0.253  -4.916  1.00 62.23  ? 48  TYR A O   1 
ATOM   346  C CB  . TYR A 1 48  ? -13.191 -1.968  -4.411  1.00 65.88  ? 48  TYR A CB  1 
ATOM   347  C CG  . TYR A 1 48  ? -12.023 -2.447  -3.588  1.00 65.16  ? 48  TYR A CG  1 
ATOM   348  C CD1 . TYR A 1 48  ? -11.306 -1.565  -2.804  1.00 64.88  ? 48  TYR A CD1 1 
ATOM   349  C CD2 . TYR A 1 48  ? -11.636 -3.784  -3.592  1.00 68.03  ? 48  TYR A CD2 1 
ATOM   350  C CE1 . TYR A 1 48  ? -10.230 -1.998  -2.031  1.00 66.34  ? 48  TYR A CE1 1 
ATOM   351  C CE2 . TYR A 1 48  ? -10.568 -4.226  -2.820  1.00 63.73  ? 48  TYR A CE2 1 
ATOM   352  C CZ  . TYR A 1 48  ? -9.870  -3.320  -2.046  1.00 65.92  ? 48  TYR A CZ  1 
ATOM   353  O OH  . TYR A 1 48  ? -8.805  -3.724  -1.272  1.00 73.20  ? 48  TYR A OH  1 
ATOM   354  N N   . GLU A 1 49  ? -16.620 -2.259  -4.860  1.00 65.08  ? 49  GLU A N   1 
ATOM   355  C CA  . GLU A 1 49  ? -17.686 -1.903  -5.795  1.00 68.48  ? 49  GLU A CA  1 
ATOM   356  C C   . GLU A 1 49  ? -18.228 -0.479  -5.670  1.00 66.66  ? 49  GLU A C   1 
ATOM   357  O O   . GLU A 1 49  ? -18.744 -0.086  -4.628  1.00 67.25  ? 49  GLU A O   1 
ATOM   358  C CB  . GLU A 1 49  ? -18.840 -2.904  -5.675  1.00 68.98  ? 49  GLU A CB  1 
ATOM   359  C CG  . GLU A 1 49  ? -19.773 -2.906  -6.872  1.00 72.21  ? 49  GLU A CG  1 
ATOM   360  C CD  . GLU A 1 49  ? -20.914 -3.919  -6.731  1.00 81.18  ? 49  GLU A CD  1 
ATOM   361  O OE1 . GLU A 1 49  ? -20.715 -4.955  -6.062  1.00 82.03  ? 49  GLU A OE1 1 
ATOM   362  O OE2 . GLU A 1 49  ? -22.015 -3.667  -7.276  1.00 82.66  ? 49  GLU A OE2 1 
ATOM   363  N N   . ASP A 1 50  ? -18.092 0.283   -6.752  1.00 68.33  ? 50  ASP A N   1 
ATOM   364  C CA  . ASP A 1 50  ? -18.680 1.625   -6.878  1.00 68.02  ? 50  ASP A CA  1 
ATOM   365  C C   . ASP A 1 50  ? -17.916 2.715   -6.160  1.00 66.32  ? 50  ASP A C   1 
ATOM   366  O O   . ASP A 1 50  ? -18.353 3.858   -6.156  1.00 64.35  ? 50  ASP A O   1 
ATOM   367  C CB  . ASP A 1 50  ? -20.149 1.678   -6.444  1.00 64.72  ? 50  ASP A CB  1 
ATOM   368  C CG  . ASP A 1 50  ? -21.089 1.230   -7.532  1.00 78.63  ? 50  ASP A CG  1 
ATOM   369  O OD1 . ASP A 1 50  ? -20.617 1.034   -8.676  1.00 84.72  ? 50  ASP A OD1 1 
ATOM   370  O OD2 . ASP A 1 50  ? -22.301 1.091   -7.251  1.00 81.81  ? 50  ASP A OD2 1 
ATOM   371  N N   . GLY A 1 51  ? -16.784 2.383   -5.550  1.00 60.97  ? 51  GLY A N   1 
ATOM   372  C CA  . GLY A 1 51  ? -15.945 3.441   -5.007  1.00 62.29  ? 51  GLY A CA  1 
ATOM   373  C C   . GLY A 1 51  ? -15.414 4.289   -6.142  1.00 62.64  ? 51  GLY A C   1 
ATOM   374  O O   . GLY A 1 51  ? -15.290 3.812   -7.278  1.00 66.59  ? 51  GLY A O   1 
ATOM   375  N N   . THR A 1 52  ? -15.094 5.544   -5.864  1.00 64.77  ? 52  THR A N   1 
ATOM   376  C CA  . THR A 1 52  ? -14.531 6.401   -6.892  1.00 61.40  ? 52  THR A CA  1 
ATOM   377  C C   . THR A 1 52  ? -13.149 6.833   -6.474  1.00 64.81  ? 52  THR A C   1 
ATOM   378  O O   . THR A 1 52  ? -12.957 7.891   -5.870  1.00 67.39  ? 52  THR A O   1 
ATOM   379  C CB  . THR A 1 52  ? -15.386 7.610   -7.081  1.00 69.24  ? 52  THR A CB  1 
ATOM   380  O OG1 . THR A 1 52  ? -15.587 8.213   -5.800  1.00 66.80  ? 52  THR A OG1 1 
ATOM   381  C CG2 . THR A 1 52  ? -16.733 7.187   -7.652  1.00 66.99  ? 52  THR A CG2 1 
ATOM   382  N N   . PHE A 1 53  ? -12.176 6.007   -6.807  1.00 62.49  ? 53  PHE A N   1 
ATOM   383  C CA  . PHE A 1 53  ? -10.836 6.206   -6.302  1.00 61.64  ? 53  PHE A CA  1 
ATOM   384  C C   . PHE A 1 53  ? -9.993  7.068   -7.239  1.00 63.13  ? 53  PHE A C   1 
ATOM   385  O O   . PHE A 1 53  ? -9.710  6.699   -8.384  1.00 64.33  ? 53  PHE A O   1 
ATOM   386  C CB  . PHE A 1 53  ? -10.197 4.850   -6.046  1.00 67.79  ? 53  PHE A CB  1 
ATOM   387  C CG  . PHE A 1 53  ? -11.028 3.962   -5.181  1.00 65.93  ? 53  PHE A CG  1 
ATOM   388  C CD1 . PHE A 1 53  ? -11.158 4.229   -3.833  1.00 61.62  ? 53  PHE A CD1 1 
ATOM   389  C CD2 . PHE A 1 53  ? -11.699 2.872   -5.720  1.00 68.12  ? 53  PHE A CD2 1 
ATOM   390  C CE1 . PHE A 1 53  ? -11.913 3.424   -3.028  1.00 65.97  ? 53  PHE A CE1 1 
ATOM   391  C CE2 . PHE A 1 53  ? -12.463 2.053   -4.918  1.00 64.74  ? 53  PHE A CE2 1 
ATOM   392  C CZ  . PHE A 1 53  ? -12.576 2.329   -3.567  1.00 68.24  ? 53  PHE A CZ  1 
ATOM   393  N N   . ARG A 1 54  ? -9.621  8.235   -6.741  1.00 60.55  ? 54  ARG A N   1 
ATOM   394  C CA  . ARG A 1 54  ? -8.862  9.195   -7.518  1.00 61.49  ? 54  ARG A CA  1 
ATOM   395  C C   . ARG A 1 54  ? -7.380  8.911   -7.372  1.00 62.14  ? 54  ARG A C   1 
ATOM   396  O O   . ARG A 1 54  ? -6.935  8.504   -6.299  1.00 56.27  ? 54  ARG A O   1 
ATOM   397  C CB  . ARG A 1 54  ? -9.181  10.607  -7.030  1.00 63.28  ? 54  ARG A CB  1 
ATOM   398  C CG  . ARG A 1 54  ? -10.448 11.154  -7.647  1.00 73.02  ? 54  ARG A CG  1 
ATOM   399  C CD  . ARG A 1 54  ? -11.376 11.794  -6.649  1.00 80.56  ? 54  ARG A CD  1 
ATOM   400  N NE  . ARG A 1 54  ? -12.768 11.621  -7.066  1.00 89.75  ? 54  ARG A NE  1 
ATOM   401  C CZ  . ARG A 1 54  ? -13.815 12.189  -6.469  1.00 93.19  ? 54  ARG A CZ  1 
ATOM   402  N NH1 . ARG A 1 54  ? -13.641 12.995  -5.426  1.00 95.82  ? 54  ARG A NH1 1 
ATOM   403  N NH2 . ARG A 1 54  ? -15.042 11.957  -6.923  1.00 94.78  ? 54  ARG A NH2 1 
ATOM   404  N N   . LEU A 1 55  ? -6.631  9.125   -8.457  1.00 59.70  ? 55  LEU A N   1 
ATOM   405  C CA  . LEU A 1 55  ? -5.182  8.944   -8.471  1.00 58.93  ? 55  LEU A CA  1 
ATOM   406  C C   . LEU A 1 55  ? -4.479  10.159  -9.049  1.00 58.35  ? 55  LEU A C   1 
ATOM   407  O O   . LEU A 1 55  ? -5.115  11.010  -9.653  1.00 57.85  ? 55  LEU A O   1 
ATOM   408  C CB  . LEU A 1 55  ? -4.807  7.777   -9.357  1.00 54.95  ? 55  LEU A CB  1 
ATOM   409  C CG  . LEU A 1 55  ? -5.390  6.432   -8.988  1.00 61.43  ? 55  LEU A CG  1 
ATOM   410  C CD1 . LEU A 1 55  ? -6.673  6.147   -9.788  1.00 58.03  ? 55  LEU A CD1 1 
ATOM   411  C CD2 . LEU A 1 55  ? -4.318  5.413   -9.245  1.00 54.24  ? 55  LEU A CD2 1 
ATOM   412  N N   . LEU A 1 56  ? -3.159  10.213  -8.894  1.00 55.02  ? 56  LEU A N   1 
ATOM   413  C CA  . LEU A 1 56  ? -2.366  11.241  -9.548  1.00 57.69  ? 56  LEU A CA  1 
ATOM   414  C C   . LEU A 1 56  ? -1.223  10.599  -10.334 1.00 63.39  ? 56  LEU A C   1 
ATOM   415  O O   . LEU A 1 56  ? -0.447  9.824   -9.788  1.00 57.90  ? 56  LEU A O   1 
ATOM   416  C CB  . LEU A 1 56  ? -1.769  12.182  -8.521  1.00 59.45  ? 56  LEU A CB  1 
ATOM   417  C CG  . LEU A 1 56  ? -1.109  13.424  -9.109  1.00 58.44  ? 56  LEU A CG  1 
ATOM   418  C CD1 . LEU A 1 56  ? -2.124  14.469  -9.388  1.00 59.37  ? 56  LEU A CD1 1 
ATOM   419  C CD2 . LEU A 1 56  ? -0.061  13.956  -8.148  1.00 66.10  ? 56  LEU A CD2 1 
ATOM   420  N N   . LEU A 1 57  ? -1.112  10.930  -11.617 1.00 61.58  ? 57  LEU A N   1 
ATOM   421  C CA  . LEU A 1 57  ? -0.009  10.437  -12.435 1.00 61.50  ? 57  LEU A CA  1 
ATOM   422  C C   . LEU A 1 57  ? 0.958   11.589  -12.682 1.00 61.95  ? 57  LEU A C   1 
ATOM   423  O O   . LEU A 1 57  ? 0.546   12.656  -13.133 1.00 59.97  ? 57  LEU A O   1 
ATOM   424  C CB  . LEU A 1 57  ? -0.525  9.932   -13.788 1.00 59.65  ? 57  LEU A CB  1 
ATOM   425  C CG  . LEU A 1 57  ? -1.402  8.679   -13.915 1.00 65.62  ? 57  LEU A CG  1 
ATOM   426  C CD1 . LEU A 1 57  ? -2.652  8.736   -13.058 1.00 57.01  ? 57  LEU A CD1 1 
ATOM   427  C CD2 . LEU A 1 57  ? -1.801  8.510   -15.379 1.00 66.14  ? 57  LEU A CD2 1 
ATOM   428  N N   . GLU A 1 58  ? 2.236   11.376  -12.407 1.00 61.57  ? 58  GLU A N   1 
ATOM   429  C CA  . GLU A 1 58  ? 3.241   12.417  -12.632 1.00 68.70  ? 58  GLU A CA  1 
ATOM   430  C C   . GLU A 1 58  ? 4.327   11.919  -13.586 1.00 64.57  ? 58  GLU A C   1 
ATOM   431  O O   . GLU A 1 58  ? 4.928   10.876  -13.355 1.00 66.23  ? 58  GLU A O   1 
ATOM   432  C CB  . GLU A 1 58  ? 3.889   12.848  -11.303 1.00 69.01  ? 58  GLU A CB  1 
ATOM   433  C CG  . GLU A 1 58  ? 2.934   13.446  -10.261 1.00 69.45  ? 58  GLU A CG  1 
ATOM   434  C CD  . GLU A 1 58  ? 3.613   13.734  -8.901  1.00 80.21  ? 58  GLU A CD  1 
ATOM   435  O OE1 . GLU A 1 58  ? 4.255   14.802  -8.754  1.00 85.85  ? 58  GLU A OE1 1 
ATOM   436  O OE2 . GLU A 1 58  ? 3.498   12.891  -7.980  1.00 76.61  ? 58  GLU A OE2 1 
ATOM   437  N N   . PHE A 1 59  ? 4.577   12.671  -14.649 1.00 67.01  ? 59  PHE A N   1 
ATOM   438  C CA  . PHE A 1 59  ? 5.555   12.268  -15.644 1.00 63.64  ? 59  PHE A CA  1 
ATOM   439  C C   . PHE A 1 59  ? 6.720   13.257  -15.657 1.00 73.62  ? 59  PHE A C   1 
ATOM   440  O O   . PHE A 1 59  ? 6.626   14.357  -15.109 1.00 65.91  ? 59  PHE A O   1 
ATOM   441  C CB  . PHE A 1 59  ? 4.928   12.221  -17.026 1.00 57.28  ? 59  PHE A CB  1 
ATOM   442  C CG  . PHE A 1 59  ? 3.784   11.236  -17.165 1.00 63.32  ? 59  PHE A CG  1 
ATOM   443  C CD1 . PHE A 1 59  ? 2.487   11.600  -16.824 1.00 61.46  ? 59  PHE A CD1 1 
ATOM   444  C CD2 . PHE A 1 59  ? 4.001   9.970   -17.684 1.00 61.39  ? 59  PHE A CD2 1 
ATOM   445  C CE1 . PHE A 1 59  ? 1.430   10.703  -16.969 1.00 65.09  ? 59  PHE A CE1 1 
ATOM   446  C CE2 . PHE A 1 59  ? 2.946   9.068   -17.836 1.00 65.42  ? 59  PHE A CE2 1 
ATOM   447  C CZ  . PHE A 1 59  ? 1.655   9.439   -17.470 1.00 59.31  ? 59  PHE A CZ  1 
ATOM   448  N N   . ASP A 1 60  ? 7.829   12.836  -16.260 1.00 72.07  ? 60  ASP A N   1 
ATOM   449  C CA  . ASP A 1 60  ? 8.923   13.740  -16.591 1.00 77.83  ? 60  ASP A CA  1 
ATOM   450  C C   . ASP A 1 60  ? 9.455   13.328  -17.951 1.00 77.67  ? 60  ASP A C   1 
ATOM   451  O O   . ASP A 1 60  ? 8.944   12.388  -18.559 1.00 76.54  ? 60  ASP A O   1 
ATOM   452  C CB  . ASP A 1 60  ? 10.034  13.709  -15.543 1.00 73.99  ? 60  ASP A CB  1 
ATOM   453  C CG  . ASP A 1 60  ? 10.749  12.371  -15.482 1.00 83.65  ? 60  ASP A CG  1 
ATOM   454  O OD1 . ASP A 1 60  ? 10.316  11.412  -16.167 1.00 80.54  ? 60  ASP A OD1 1 
ATOM   455  O OD2 . ASP A 1 60  ? 11.744  12.275  -14.726 1.00 85.70  ? 60  ASP A OD2 1 
ATOM   456  N N   . GLU A 1 61  ? 10.497  14.004  -18.411 1.00 81.14  ? 61  GLU A N   1 
ATOM   457  C CA  . GLU A 1 61  ? 11.001  13.793  -19.764 1.00 81.28  ? 61  GLU A CA  1 
ATOM   458  C C   . GLU A 1 61  ? 11.565  12.402  -20.070 1.00 78.21  ? 61  GLU A C   1 
ATOM   459  O O   . GLU A 1 61  ? 11.693  12.035  -21.235 1.00 85.59  ? 61  GLU A O   1 
ATOM   460  C CB  . GLU A 1 61  ? 12.009  14.883  -20.106 1.00 82.63  ? 61  GLU A CB  1 
ATOM   461  C CG  . GLU A 1 61  ? 11.373  16.265  -20.091 1.00 84.22  ? 61  GLU A CG  1 
ATOM   462  C CD  . GLU A 1 61  ? 10.304  16.426  -21.173 1.00 91.15  ? 61  GLU A CD  1 
ATOM   463  O OE1 . GLU A 1 61  ? 10.257  15.590  -22.105 1.00 91.70  ? 61  GLU A OE1 1 
ATOM   464  O OE2 . GLU A 1 61  ? 9.506   17.388  -21.094 1.00 92.08  ? 61  GLU A OE2 1 
ATOM   465  N N   . GLU A 1 62  ? 11.886  11.631  -19.035 1.00 77.48  ? 62  GLU A N   1 
ATOM   466  C CA  . GLU A 1 62  ? 12.351  10.250  -19.213 1.00 81.49  ? 62  GLU A CA  1 
ATOM   467  C C   . GLU A 1 62  ? 11.247  9.310   -19.730 1.00 80.54  ? 62  GLU A C   1 
ATOM   468  O O   . GLU A 1 62  ? 11.529  8.189   -20.161 1.00 78.51  ? 62  GLU A O   1 
ATOM   469  C CB  . GLU A 1 62  ? 12.931  9.688   -17.909 1.00 75.68  ? 62  GLU A CB  1 
ATOM   470  C CG  . GLU A 1 62  ? 14.019  10.539  -17.279 1.00 81.92  ? 62  GLU A CG  1 
ATOM   471  C CD  . GLU A 1 62  ? 15.139  10.872  -18.248 1.00 92.05  ? 62  GLU A CD  1 
ATOM   472  O OE1 . GLU A 1 62  ? 15.325  12.076  -18.545 1.00 94.54  ? 62  GLU A OE1 1 
ATOM   473  O OE2 . GLU A 1 62  ? 15.840  9.938   -18.710 1.00 93.25  ? 62  GLU A OE2 1 
ATOM   474  N N   . TYR A 1 63  ? 9.995   9.756   -19.667 1.00 73.72  ? 63  TYR A N   1 
ATOM   475  C CA  . TYR A 1 63  ? 8.887   8.977   -20.210 1.00 72.56  ? 63  TYR A CA  1 
ATOM   476  C C   . TYR A 1 63  ? 9.035   8.890   -21.727 1.00 72.27  ? 63  TYR A C   1 
ATOM   477  O O   . TYR A 1 63  ? 9.333   9.888   -22.375 1.00 77.04  ? 63  TYR A O   1 
ATOM   478  C CB  . TYR A 1 63  ? 7.554   9.648   -19.866 1.00 67.69  ? 63  TYR A CB  1 
ATOM   479  C CG  . TYR A 1 63  ? 6.337   8.844   -20.265 1.00 64.17  ? 63  TYR A CG  1 
ATOM   480  C CD1 . TYR A 1 63  ? 6.070   7.624   -19.667 1.00 66.19  ? 63  TYR A CD1 1 
ATOM   481  C CD2 . TYR A 1 63  ? 5.440   9.316   -21.206 1.00 66.25  ? 63  TYR A CD2 1 
ATOM   482  C CE1 . TYR A 1 63  ? 4.962   6.884   -20.010 1.00 66.98  ? 63  TYR A CE1 1 
ATOM   483  C CE2 . TYR A 1 63  ? 4.312   8.579   -21.555 1.00 68.59  ? 63  TYR A CE2 1 
ATOM   484  C CZ  . TYR A 1 63  ? 4.085   7.362   -20.945 1.00 67.36  ? 63  TYR A CZ  1 
ATOM   485  O OH  . TYR A 1 63  ? 2.984   6.604   -21.267 1.00 69.56  ? 63  TYR A OH  1 
ATOM   486  N N   . PRO A 1 64  ? 8.788   7.713   -22.314 1.00 73.45  ? 64  PRO A N   1 
ATOM   487  C CA  . PRO A 1 64  ? 8.346   6.443   -21.733 1.00 69.92  ? 64  PRO A CA  1 
ATOM   488  C C   . PRO A 1 64  ? 9.444   5.428   -21.437 1.00 73.45  ? 64  PRO A C   1 
ATOM   489  O O   . PRO A 1 64  ? 9.167   4.234   -21.487 1.00 77.09  ? 64  PRO A O   1 
ATOM   490  C CB  . PRO A 1 64  ? 7.433   5.886   -22.827 1.00 73.43  ? 64  PRO A CB  1 
ATOM   491  C CG  . PRO A 1 64  ? 8.080   6.320   -24.077 1.00 69.28  ? 64  PRO A CG  1 
ATOM   492  C CD  . PRO A 1 64  ? 8.630   7.713   -23.782 1.00 76.18  ? 64  PRO A CD  1 
ATOM   493  N N   . ASN A 1 65  ? 10.653  5.879   -21.122 1.00 77.22  ? 65  ASN A N   1 
ATOM   494  C CA  . ASN A 1 65  ? 11.736  4.964   -20.774 1.00 69.61  ? 65  ASN A CA  1 
ATOM   495  C C   . ASN A 1 65  ? 11.739  4.670   -19.282 1.00 75.10  ? 65  ASN A C   1 
ATOM   496  O O   . ASN A 1 65  ? 12.408  3.745   -18.819 1.00 76.57  ? 65  ASN A O   1 
ATOM   497  C CB  . ASN A 1 65  ? 13.090  5.542   -21.199 1.00 70.13  ? 65  ASN A CB  1 
ATOM   498  C CG  . ASN A 1 65  ? 13.202  5.719   -22.710 1.00 78.61  ? 65  ASN A CG  1 
ATOM   499  O OD1 . ASN A 1 65  ? 12.794  4.846   -23.485 1.00 73.31  ? 65  ASN A OD1 1 
ATOM   500  N ND2 . ASN A 1 65  ? 13.749  6.855   -23.133 1.00 72.74  ? 65  ASN A ND2 1 
ATOM   501  N N   . LYS A 1 66  ? 10.998  5.483   -18.536 1.00 73.24  ? 66  LYS A N   1 
ATOM   502  C CA  . LYS A 1 66  ? 10.767  5.260   -17.111 1.00 74.90  ? 66  LYS A CA  1 
ATOM   503  C C   . LYS A 1 66  ? 9.269   5.417   -16.860 1.00 73.99  ? 66  LYS A C   1 
ATOM   504  O O   . LYS A 1 66  ? 8.625   6.263   -17.484 1.00 70.84  ? 66  LYS A O   1 
ATOM   505  C CB  . LYS A 1 66  ? 11.548  6.279   -16.275 1.00 69.86  ? 66  LYS A CB  1 
ATOM   506  N N   . PRO A 1 67  ? 8.698   4.605   -15.958 1.00 70.23  ? 67  PRO A N   1 
ATOM   507  C CA  . PRO A 1 67  ? 7.259   4.714   -15.674 1.00 70.17  ? 67  PRO A CA  1 
ATOM   508  C C   . PRO A 1 67  ? 6.937   6.078   -15.072 1.00 66.97  ? 67  PRO A C   1 
ATOM   509  O O   . PRO A 1 67  ? 7.850   6.773   -14.647 1.00 64.53  ? 67  PRO A O   1 
ATOM   510  C CB  . PRO A 1 67  ? 7.025   3.622   -14.623 1.00 69.33  ? 67  PRO A CB  1 
ATOM   511  C CG  . PRO A 1 67  ? 8.335   3.441   -13.968 1.00 69.15  ? 67  PRO A CG  1 
ATOM   512  C CD  . PRO A 1 67  ? 9.356   3.635   -15.074 1.00 71.88  ? 67  PRO A CD  1 
ATOM   513  N N   . PRO A 1 68  ? 5.655   6.472   -15.050 1.00 63.62  ? 68  PRO A N   1 
ATOM   514  C CA  . PRO A 1 68  ? 5.377   7.686   -14.294 1.00 63.36  ? 68  PRO A CA  1 
ATOM   515  C C   . PRO A 1 68  ? 5.301   7.314   -12.815 1.00 65.62  ? 68  PRO A C   1 
ATOM   516  O O   . PRO A 1 68  ? 5.253   6.130   -12.458 1.00 58.00  ? 68  PRO A O   1 
ATOM   517  C CB  . PRO A 1 68  ? 3.980   8.073   -14.781 1.00 61.56  ? 68  PRO A CB  1 
ATOM   518  C CG  . PRO A 1 68  ? 3.330   6.780   -15.048 1.00 65.73  ? 68  PRO A CG  1 
ATOM   519  C CD  . PRO A 1 68  ? 4.418   5.854   -15.558 1.00 67.12  ? 68  PRO A CD  1 
ATOM   520  N N   . HIS A 1 69  ? 5.271   8.325   -11.967 1.00 66.40  ? 69  HIS A N   1 
ATOM   521  C CA  . HIS A 1 69  ? 5.016   8.109   -10.560 1.00 65.60  ? 69  HIS A CA  1 
ATOM   522  C C   . HIS A 1 69  ? 3.508   8.209   -10.383 1.00 67.94  ? 69  HIS A C   1 
ATOM   523  O O   . HIS A 1 69  ? 2.871   9.142   -10.885 1.00 64.55  ? 69  HIS A O   1 
ATOM   524  C CB  . HIS A 1 69  ? 5.710   9.182   -9.741  1.00 62.49  ? 69  HIS A CB  1 
ATOM   525  C CG  . HIS A 1 69  ? 5.931   8.795   -8.318  1.00 79.07  ? 69  HIS A CG  1 
ATOM   526  N ND1 . HIS A 1 69  ? 6.981   7.993   -7.923  1.00 77.42  ? 69  HIS A ND1 1 
ATOM   527  C CD2 . HIS A 1 69  ? 5.234   9.091   -7.194  1.00 77.08  ? 69  HIS A CD2 1 
ATOM   528  C CE1 . HIS A 1 69  ? 6.921   7.814   -6.615  1.00 82.17  ? 69  HIS A CE1 1 
ATOM   529  N NE2 . HIS A 1 69  ? 5.873   8.473   -6.148  1.00 80.73  ? 69  HIS A NE2 1 
ATOM   530  N N   . VAL A 1 70  ? 2.919   7.234   -9.709  1.00 63.29  ? 70  VAL A N   1 
ATOM   531  C CA  . VAL A 1 70  ? 1.491   7.284   -9.515  1.00 59.55  ? 70  VAL A CA  1 
ATOM   532  C C   . VAL A 1 70  ? 1.115   6.927   -8.079  1.00 64.69  ? 70  VAL A C   1 
ATOM   533  O O   . VAL A 1 70  ? 1.748   6.093   -7.443  1.00 62.60  ? 70  VAL A O   1 
ATOM   534  C CB  . VAL A 1 70  ? 0.713   6.427   -10.563 1.00 66.73  ? 70  VAL A CB  1 
ATOM   535  C CG1 . VAL A 1 70  ? 1.623   5.875   -11.683 1.00 58.65  ? 70  VAL A CG1 1 
ATOM   536  C CG2 . VAL A 1 70  ? -0.030  5.324   -9.903  1.00 62.23  ? 70  VAL A CG2 1 
ATOM   537  N N   . LYS A 1 71  ? 0.099   7.595   -7.557  1.00 58.40  ? 71  LYS A N   1 
ATOM   538  C CA  . LYS A 1 71  ? -0.382  7.284   -6.232  1.00 61.67  ? 71  LYS A CA  1 
ATOM   539  C C   . LYS A 1 71  ? -1.851  7.642   -6.164  1.00 58.46  ? 71  LYS A C   1 
ATOM   540  O O   . LYS A 1 71  ? -2.313  8.526   -6.892  1.00 59.71  ? 71  LYS A O   1 
ATOM   541  C CB  . LYS A 1 71  ? 0.402   8.060   -5.172  1.00 65.66  ? 71  LYS A CB  1 
ATOM   542  C CG  . LYS A 1 71  ? 0.337   9.581   -5.333  1.00 63.53  ? 71  LYS A CG  1 
ATOM   543  C CD  . LYS A 1 71  ? 1.497   10.265  -4.613  1.00 68.75  ? 71  LYS A CD  1 
ATOM   544  C CE  . LYS A 1 71  ? 1.627   11.734  -5.032  1.00 75.48  ? 71  LYS A CE  1 
ATOM   545  N NZ  . LYS A 1 71  ? 2.939   12.359  -4.599  1.00 81.12  ? 71  LYS A NZ  1 
ATOM   546  N N   . PHE A 1 72  ? -2.580  6.926   -5.314  1.00 55.52  ? 72  PHE A N   1 
ATOM   547  C CA  . PHE A 1 72  ? -3.963  7.262   -5.010  1.00 61.32  ? 72  PHE A CA  1 
ATOM   548  C C   . PHE A 1 72  ? -3.989  8.523   -4.163  1.00 61.27  ? 72  PHE A C   1 
ATOM   549  O O   . PHE A 1 72  ? -3.124  8.711   -3.327  1.00 57.26  ? 72  PHE A O   1 
ATOM   550  C CB  . PHE A 1 72  ? -4.644  6.121   -4.247  1.00 56.41  ? 72  PHE A CB  1 
ATOM   551  C CG  . PHE A 1 72  ? -4.991  4.920   -5.115  1.00 60.74  ? 72  PHE A CG  1 
ATOM   552  C CD1 . PHE A 1 72  ? -4.110  3.845   -5.232  1.00 59.09  ? 72  PHE A CD1 1 
ATOM   553  C CD2 . PHE A 1 72  ? -6.201  4.864   -5.802  1.00 53.83  ? 72  PHE A CD2 1 
ATOM   554  C CE1 . PHE A 1 72  ? -4.432  2.720   -6.030  1.00 58.16  ? 72  PHE A CE1 1 
ATOM   555  C CE2 . PHE A 1 72  ? -6.541  3.750   -6.606  1.00 62.56  ? 72  PHE A CE2 1 
ATOM   556  C CZ  . PHE A 1 72  ? -5.659  2.673   -6.722  1.00 56.89  ? 72  PHE A CZ  1 
ATOM   557  N N   . LEU A 1 73  ? -4.979  9.377   -4.418  1.00 65.18  ? 73  LEU A N   1 
ATOM   558  C CA  . LEU A 1 73  ? -5.271  10.565  -3.630  1.00 59.60  ? 73  LEU A CA  1 
ATOM   559  C C   . LEU A 1 73  ? -6.428  10.233  -2.709  1.00 65.16  ? 73  LEU A C   1 
ATOM   560  O O   . LEU A 1 73  ? -6.659  10.912  -1.717  1.00 68.03  ? 73  LEU A O   1 
ATOM   561  C CB  . LEU A 1 73  ? -5.695  11.718  -4.540  1.00 59.48  ? 73  LEU A CB  1 
ATOM   562  C CG  . LEU A 1 73  ? -4.658  12.133  -5.600  1.00 64.57  ? 73  LEU A CG  1 
ATOM   563  C CD1 . LEU A 1 73  ? -5.211  13.047  -6.657  1.00 57.30  ? 73  LEU A CD1 1 
ATOM   564  C CD2 . LEU A 1 73  ? -3.485  12.796  -4.930  1.00 66.33  ? 73  LEU A CD2 1 
ATOM   565  N N   . SER A 1 74  ? -7.176  9.196   -3.053  1.00 64.46  ? 74  SER A N   1 
ATOM   566  C CA  . SER A 1 74  ? -8.210  8.697   -2.165  1.00 59.27  ? 74  SER A CA  1 
ATOM   567  C C   . SER A 1 74  ? -7.602  7.778   -1.118  1.00 65.17  ? 74  SER A C   1 
ATOM   568  O O   . SER A 1 74  ? -6.657  7.039   -1.407  1.00 65.50  ? 74  SER A O   1 
ATOM   569  C CB  . SER A 1 74  ? -9.259  7.911   -2.939  1.00 59.38  ? 74  SER A CB  1 
ATOM   570  O OG  . SER A 1 74  ? -10.079 8.762   -3.706  1.00 67.90  ? 74  SER A OG  1 
ATOM   571  N N   . GLU A 1 75  ? -8.156  7.843   0.091   1.00 59.91  ? 75  GLU A N   1 
ATOM   572  C CA  . GLU A 1 75  ? -7.882  6.905   1.166   1.00 60.82  ? 75  GLU A CA  1 
ATOM   573  C C   . GLU A 1 75  ? -8.109  5.489   0.675   1.00 63.18  ? 75  GLU A C   1 
ATOM   574  O O   . GLU A 1 75  ? -9.185  5.181   0.163   1.00 64.89  ? 75  GLU A O   1 
ATOM   575  C CB  . GLU A 1 75  ? -8.855  7.168   2.313   1.00 53.69  ? 75  GLU A CB  1 
ATOM   576  N N   . MET A 1 76  ? -7.109  4.628   0.830   1.00 57.66  ? 76  MET A N   1 
ATOM   577  C CA  . MET A 1 76  ? -7.209  3.259   0.349   1.00 59.89  ? 76  MET A CA  1 
ATOM   578  C C   . MET A 1 76  ? -6.938  2.250   1.448   1.00 65.31  ? 76  MET A C   1 
ATOM   579  O O   . MET A 1 76  ? -6.280  2.560   2.436   1.00 70.79  ? 76  MET A O   1 
ATOM   580  C CB  . MET A 1 76  ? -6.215  3.017   -0.780  1.00 64.41  ? 76  MET A CB  1 
ATOM   581  C CG  . MET A 1 76  ? -6.507  3.816   -2.045  1.00 63.68  ? 76  MET A CG  1 
ATOM   582  S SD  . MET A 1 76  ? -8.045  3.325   -2.852  1.00 72.39  ? 76  MET A SD  1 
ATOM   583  C CE  . MET A 1 76  ? -7.773  1.586   -3.216  1.00 64.28  ? 76  MET A CE  1 
ATOM   584  N N   . PHE A 1 77  ? -7.476  1.048   1.271   1.00 65.05  ? 77  PHE A N   1 
ATOM   585  C CA  . PHE A 1 77  ? -7.210  -0.069  2.150   1.00 63.86  ? 77  PHE A CA  1 
ATOM   586  C C   . PHE A 1 77  ? -7.169  -1.265  1.251   1.00 63.28  ? 77  PHE A C   1 
ATOM   587  O O   . PHE A 1 77  ? -8.203  -1.814  0.887   1.00 61.51  ? 77  PHE A O   1 
ATOM   588  C CB  . PHE A 1 77  ? -8.295  -0.249  3.218   1.00 65.12  ? 77  PHE A CB  1 
ATOM   589  C CG  . PHE A 1 77  ? -7.966  -1.310  4.232   1.00 68.64  ? 77  PHE A CG  1 
ATOM   590  C CD1 . PHE A 1 77  ? -7.186  -1.008  5.345   1.00 69.24  ? 77  PHE A CD1 1 
ATOM   591  C CD2 . PHE A 1 77  ? -8.407  -2.616  4.061   1.00 69.30  ? 77  PHE A CD2 1 
ATOM   592  C CE1 . PHE A 1 77  ? -6.865  -1.973  6.273   1.00 68.56  ? 77  PHE A CE1 1 
ATOM   593  C CE2 . PHE A 1 77  ? -8.090  -3.593  4.986   1.00 65.77  ? 77  PHE A CE2 1 
ATOM   594  C CZ  . PHE A 1 77  ? -7.314  -3.274  6.095   1.00 70.94  ? 77  PHE A CZ  1 
ATOM   595  N N   . HIS A 1 78  ? -5.954  -1.652  0.881   1.00 63.57  ? 78  HIS A N   1 
ATOM   596  C CA  . HIS A 1 78  ? -5.733  -2.656  -0.140  1.00 62.90  ? 78  HIS A CA  1 
ATOM   597  C C   . HIS A 1 78  ? -4.335  -3.191  0.065   1.00 62.07  ? 78  HIS A C   1 
ATOM   598  O O   . HIS A 1 78  ? -3.405  -2.429  0.343   1.00 59.56  ? 78  HIS A O   1 
ATOM   599  C CB  . HIS A 1 78  ? -5.884  -2.065  -1.544  1.00 54.17  ? 78  HIS A CB  1 
ATOM   600  C CG  . HIS A 1 78  ? -5.741  -3.075  -2.643  1.00 63.05  ? 78  HIS A CG  1 
ATOM   601  N ND1 . HIS A 1 78  ? -4.547  -3.715  -2.926  1.00 62.50  ? 78  HIS A ND1 1 
ATOM   602  C CD2 . HIS A 1 78  ? -6.644  -3.568  -3.525  1.00 61.37  ? 78  HIS A CD2 1 
ATOM   603  C CE1 . HIS A 1 78  ? -4.720  -4.549  -3.936  1.00 61.39  ? 78  HIS A CE1 1 
ATOM   604  N NE2 . HIS A 1 78  ? -5.984  -4.476  -4.322  1.00 64.40  ? 78  HIS A NE2 1 
ATOM   605  N N   . PRO A 1 79  ? -4.188  -4.506  -0.046  1.00 60.05  ? 79  PRO A N   1 
ATOM   606  C CA  . PRO A 1 79  ? -2.916  -5.095  0.380   1.00 65.83  ? 79  PRO A CA  1 
ATOM   607  C C   . PRO A 1 79  ? -1.735  -4.609  -0.449  1.00 65.39  ? 79  PRO A C   1 
ATOM   608  O O   . PRO A 1 79  ? -0.604  -4.641  0.059   1.00 63.91  ? 79  PRO A O   1 
ATOM   609  C CB  . PRO A 1 79  ? -3.132  -6.613  0.212   1.00 61.88  ? 79  PRO A CB  1 
ATOM   610  C CG  . PRO A 1 79  ? -4.522  -6.796  -0.343  1.00 63.75  ? 79  PRO A CG  1 
ATOM   611  C CD  . PRO A 1 79  ? -5.263  -5.503  -0.211  1.00 65.31  ? 79  PRO A CD  1 
ATOM   612  N N   . ASN A 1 80  ? -1.991  -4.162  -1.680  1.00 54.58  ? 80  ASN A N   1 
ATOM   613  C CA  . ASN A 1 80  ? -0.930  -3.706  -2.572  1.00 60.78  ? 80  ASN A CA  1 
ATOM   614  C C   . ASN A 1 80  ? -0.794  -2.173  -2.711  1.00 56.83  ? 80  ASN A C   1 
ATOM   615  O O   . ASN A 1 80  ? -0.141  -1.702  -3.631  1.00 57.22  ? 80  ASN A O   1 
ATOM   616  C CB  . ASN A 1 80  ? -1.087  -4.335  -3.967  1.00 58.25  ? 80  ASN A CB  1 
ATOM   617  C CG  . ASN A 1 80  ? -1.318  -5.854  -3.915  1.00 70.91  ? 80  ASN A CG  1 
ATOM   618  O OD1 . ASN A 1 80  ? -2.331  -6.363  -4.411  1.00 66.70  ? 80  ASN A OD1 1 
ATOM   619  N ND2 . ASN A 1 80  ? -0.370  -6.578  -3.328  1.00 74.10  ? 80  ASN A ND2 1 
ATOM   620  N N   . VAL A 1 81  ? -1.429  -1.402  -1.835  1.00 55.28  ? 81  VAL A N   1 
ATOM   621  C CA  . VAL A 1 81  ? -1.245  0.058   -1.813  1.00 58.37  ? 81  VAL A CA  1 
ATOM   622  C C   . VAL A 1 81  ? -0.621  0.485   -0.503  1.00 61.50  ? 81  VAL A C   1 
ATOM   623  O O   . VAL A 1 81  ? -1.135  0.138   0.565   1.00 61.27  ? 81  VAL A O   1 
ATOM   624  C CB  . VAL A 1 81  ? -2.579  0.818   -1.912  1.00 61.01  ? 81  VAL A CB  1 
ATOM   625  C CG1 . VAL A 1 81  ? -2.346  2.319   -1.849  1.00 56.94  ? 81  VAL A CG1 1 
ATOM   626  C CG2 . VAL A 1 81  ? -3.328  0.455   -3.198  1.00 61.70  ? 81  VAL A CG2 1 
ATOM   627  N N   . TYR A 1 82  ? 0.473   1.247   -0.567  1.00 63.63  ? 82  TYR A N   1 
ATOM   628  C CA  . TYR A 1 82  ? 1.117   1.724   0.663   1.00 59.91  ? 82  TYR A CA  1 
ATOM   629  C C   . TYR A 1 82  ? 0.252   2.742   1.362   1.00 60.07  ? 82  TYR A C   1 
ATOM   630  O O   . TYR A 1 82  ? -0.746  3.229   0.816   1.00 62.00  ? 82  TYR A O   1 
ATOM   631  C CB  . TYR A 1 82  ? 2.463   2.379   0.392   1.00 60.86  ? 82  TYR A CB  1 
ATOM   632  C CG  . TYR A 1 82  ? 3.457   1.464   -0.249  1.00 63.27  ? 82  TYR A CG  1 
ATOM   633  C CD1 . TYR A 1 82  ? 3.548   1.385   -1.620  1.00 60.14  ? 82  TYR A CD1 1 
ATOM   634  C CD2 . TYR A 1 82  ? 4.301   0.668   0.515   1.00 65.68  ? 82  TYR A CD2 1 
ATOM   635  C CE1 . TYR A 1 82  ? 4.441   0.537   -2.222  1.00 67.44  ? 82  TYR A CE1 1 
ATOM   636  C CE2 . TYR A 1 82  ? 5.230   -0.172  -0.093  1.00 59.28  ? 82  TYR A CE2 1 
ATOM   637  C CZ  . TYR A 1 82  ? 5.275   -0.233  -1.449  1.00 59.03  ? 82  TYR A CZ  1 
ATOM   638  O OH  . TYR A 1 82  ? 6.163   -1.055  -2.076  1.00 73.09  ? 82  TYR A OH  1 
ATOM   639  N N   . ALA A 1 83  ? 0.677   3.097   2.559   1.00 56.37  ? 83  ALA A N   1 
ATOM   640  C CA  . ALA A 1 83  ? -0.053  4.060   3.369   1.00 62.78  ? 83  ALA A CA  1 
ATOM   641  C C   . ALA A 1 83  ? -0.045  5.413   2.692   1.00 67.33  ? 83  ALA A C   1 
ATOM   642  O O   . ALA A 1 83  ? -0.998  6.186   2.838   1.00 68.37  ? 83  ALA A O   1 
ATOM   643  C CB  . ALA A 1 83  ? 0.572   4.159   4.746   1.00 61.70  ? 83  ALA A CB  1 
ATOM   644  N N   . ASN A 1 84  ? 1.026   5.698   1.947   1.00 63.14  ? 84  ASN A N   1 
ATOM   645  C CA  . ASN A 1 84  ? 1.161   7.001   1.292   1.00 63.29  ? 84  ASN A CA  1 
ATOM   646  C C   . ASN A 1 84  ? 0.492   7.052   -0.074  1.00 64.35  ? 84  ASN A C   1 
ATOM   647  O O   . ASN A 1 84  ? 0.629   8.028   -0.803  1.00 62.43  ? 84  ASN A O   1 
ATOM   648  C CB  . ASN A 1 84  ? 2.625   7.450   1.203   1.00 62.61  ? 84  ASN A CB  1 
ATOM   649  C CG  . ASN A 1 84  ? 3.411   6.703   0.155   1.00 63.43  ? 84  ASN A CG  1 
ATOM   650  O OD1 . ASN A 1 84  ? 2.972   5.686   -0.379  1.00 66.48  ? 84  ASN A OD1 1 
ATOM   651  N ND2 . ASN A 1 84  ? 4.605   7.197   -0.129  1.00 66.16  ? 84  ASN A ND2 1 
ATOM   652  N N   . GLY A 1 85  ? -0.240  5.997   -0.411  1.00 64.67  ? 85  GLY A N   1 
ATOM   653  C CA  . GLY A 1 85  ? -1.063  6.020   -1.601  1.00 61.35  ? 85  GLY A CA  1 
ATOM   654  C C   . GLY A 1 85  ? -0.398  5.398   -2.801  1.00 60.77  ? 85  GLY A C   1 
ATOM   655  O O   . GLY A 1 85  ? -1.064  5.101   -3.793  1.00 62.98  ? 85  GLY A O   1 
ATOM   656  N N   . GLU A 1 86  ? 0.917   5.219   -2.721  1.00 61.63  ? 86  GLU A N   1 
ATOM   657  C CA  . GLU A 1 86  ? 1.681   4.623   -3.819  1.00 58.54  ? 86  GLU A CA  1 
ATOM   658  C C   . GLU A 1 86  ? 1.308   3.165   -3.967  1.00 62.48  ? 86  GLU A C   1 
ATOM   659  O O   . GLU A 1 86  ? 0.753   2.559   -3.042  1.00 59.43  ? 86  GLU A O   1 
ATOM   660  C CB  . GLU A 1 86  ? 3.185   4.692   -3.546  1.00 64.63  ? 86  GLU A CB  1 
ATOM   661  C CG  . GLU A 1 86  ? 3.820   6.071   -3.700  1.00 70.53  ? 86  GLU A CG  1 
ATOM   662  C CD  . GLU A 1 86  ? 5.343   5.994   -3.670  1.00 75.78  ? 86  GLU A CD  1 
ATOM   663  O OE1 . GLU A 1 86  ? 5.972   6.703   -2.862  1.00 81.27  ? 86  GLU A OE1 1 
ATOM   664  O OE2 . GLU A 1 86  ? 5.915   5.205   -4.445  1.00 81.11  ? 86  GLU A OE2 1 
ATOM   665  N N   . ILE A 1 87  ? 1.646   2.598   -5.118  1.00 60.64  ? 87  ILE A N   1 
ATOM   666  C CA  . ILE A 1 87  ? 1.147   1.290   -5.494  1.00 60.98  ? 87  ILE A CA  1 
ATOM   667  C C   . ILE A 1 87  ? 2.232   0.266   -5.795  1.00 65.35  ? 87  ILE A C   1 
ATOM   668  O O   . ILE A 1 87  ? 3.096   0.479   -6.640  1.00 65.94  ? 87  ILE A O   1 
ATOM   669  C CB  . ILE A 1 87  ? 0.257   1.404   -6.728  1.00 64.80  ? 87  ILE A CB  1 
ATOM   670  C CG1 . ILE A 1 87  ? -0.739  2.553   -6.561  1.00 56.79  ? 87  ILE A CG1 1 
ATOM   671  C CG2 . ILE A 1 87  ? -0.446  0.076   -6.997  1.00 62.66  ? 87  ILE A CG2 1 
ATOM   672  C CD1 . ILE A 1 87  ? -1.436  2.893   -7.843  1.00 62.44  ? 87  ILE A CD1 1 
ATOM   673  N N   . LYS A 1 88  ? 2.174   -0.867  -5.110  1.00 67.68  ? 88  LYS A N   1 
ATOM   674  C CA  . LYS A 1 88  ? 3.162   -1.908  -5.333  1.00 69.89  ? 88  LYS A CA  1 
ATOM   675  C C   . LYS A 1 88  ? 2.743   -2.813  -6.476  1.00 68.49  ? 88  LYS A C   1 
ATOM   676  O O   . LYS A 1 88  ? 2.157   -3.867  -6.261  1.00 69.27  ? 88  LYS A O   1 
ATOM   677  C CB  . LYS A 1 88  ? 3.373   -2.731  -4.074  1.00 66.28  ? 88  LYS A CB  1 
ATOM   678  C CG  . LYS A 1 88  ? 4.530   -3.687  -4.166  1.00 73.70  ? 88  LYS A CG  1 
ATOM   679  C CD  . LYS A 1 88  ? 4.867   -4.226  -2.785  1.00 78.63  ? 88  LYS A CD  1 
ATOM   680  C CE  . LYS A 1 88  ? 6.219   -4.937  -2.751  1.00 81.55  ? 88  LYS A CE  1 
ATOM   681  N NZ  . LYS A 1 88  ? 6.641   -5.191  -1.336  1.00 85.20  ? 88  LYS A NZ  1 
ATOM   682  N N   . LEU A 1 89  ? 3.075   -2.381  -7.684  1.00 71.87  ? 89  LEU A N   1 
ATOM   683  C CA  . LEU A 1 89  ? 2.755   -3.074  -8.918  1.00 72.35  ? 89  LEU A CA  1 
ATOM   684  C C   . LEU A 1 89  ? 4.032   -3.116  -9.748  1.00 71.84  ? 89  LEU A C   1 
ATOM   685  O O   . LEU A 1 89  ? 4.623   -2.075  -10.026 1.00 68.77  ? 89  LEU A O   1 
ATOM   686  C CB  . LEU A 1 89  ? 1.675   -2.290  -9.662  1.00 70.91  ? 89  LEU A CB  1 
ATOM   687  C CG  . LEU A 1 89  ? 1.118   -2.828  -10.979 1.00 70.25  ? 89  LEU A CG  1 
ATOM   688  C CD1 . LEU A 1 89  ? 0.552   -4.227  -10.799 1.00 72.66  ? 89  LEU A CD1 1 
ATOM   689  C CD2 . LEU A 1 89  ? 0.048   -1.881  -11.474 1.00 70.43  ? 89  LEU A CD2 1 
ATOM   690  N N   . ASP A 1 90  ? 4.461   -4.316  -10.131 1.00 74.10  ? 90  ASP A N   1 
ATOM   691  C CA  . ASP A 1 90  ? 5.798   -4.506  -10.709 1.00 73.38  ? 90  ASP A CA  1 
ATOM   692  C C   . ASP A 1 90  ? 6.067   -3.704  -11.984 1.00 74.18  ? 90  ASP A C   1 
ATOM   693  O O   . ASP A 1 90  ? 7.205   -3.302  -12.224 1.00 75.31  ? 90  ASP A O   1 
ATOM   694  C CB  . ASP A 1 90  ? 6.097   -5.985  -10.944 1.00 73.09  ? 90  ASP A CB  1 
ATOM   695  C CG  . ASP A 1 90  ? 5.040   -6.667  -11.795 1.00 83.70  ? 90  ASP A CG  1 
ATOM   696  O OD1 . ASP A 1 90  ? 4.326   -5.972  -12.559 1.00 82.51  ? 90  ASP A OD1 1 
ATOM   697  O OD2 . ASP A 1 90  ? 4.916   -7.908  -11.695 1.00 89.63  ? 90  ASP A OD2 1 
ATOM   698  N N   . ILE A 1 91  ? 5.036   -3.443  -12.783 1.00 68.57  ? 91  ILE A N   1 
ATOM   699  C CA  . ILE A 1 91  ? 5.242   -2.651  -13.992 1.00 71.95  ? 91  ILE A CA  1 
ATOM   700  C C   . ILE A 1 91  ? 5.463   -1.173  -13.699 1.00 72.74  ? 91  ILE A C   1 
ATOM   701  O O   . ILE A 1 91  ? 5.772   -0.407  -14.610 1.00 73.58  ? 91  ILE A O   1 
ATOM   702  C CB  . ILE A 1 91  ? 4.088   -2.775  -14.990 1.00 72.90  ? 91  ILE A CB  1 
ATOM   703  C CG1 . ILE A 1 91  ? 2.888   -1.949  -14.525 1.00 73.86  ? 91  ILE A CG1 1 
ATOM   704  C CG2 . ILE A 1 91  ? 3.718   -4.234  -15.193 1.00 78.37  ? 91  ILE A CG2 1 
ATOM   705  C CD1 . ILE A 1 91  ? 1.700   -2.050  -15.448 1.00 75.58  ? 91  ILE A CD1 1 
ATOM   706  N N   . LEU A 1 92  ? 5.286   -0.761  -12.449 1.00 68.29  ? 92  LEU A N   1 
ATOM   707  C CA  . LEU A 1 92  ? 5.607   0.607   -12.081 1.00 71.32  ? 92  LEU A CA  1 
ATOM   708  C C   . LEU A 1 92  ? 6.944   0.660   -11.380 1.00 70.75  ? 92  LEU A C   1 
ATOM   709  O O   . LEU A 1 92  ? 7.435   1.734   -11.046 1.00 75.16  ? 92  LEU A O   1 
ATOM   710  C CB  . LEU A 1 92  ? 4.542   1.208   -11.175 1.00 70.45  ? 92  LEU A CB  1 
ATOM   711  C CG  . LEU A 1 92  ? 3.209   1.571   -11.814 1.00 72.85  ? 92  LEU A CG  1 
ATOM   712  C CD1 . LEU A 1 92  ? 2.273   2.101   -10.745 1.00 70.88  ? 92  LEU A CD1 1 
ATOM   713  C CD2 . LEU A 1 92  ? 3.404   2.594   -12.941 1.00 69.47  ? 92  LEU A CD2 1 
ATOM   714  N N   . GLN A 1 93  ? 7.533   -0.500  -11.136 1.00 72.90  ? 93  GLN A N   1 
ATOM   715  C CA  . GLN A 1 93  ? 8.807   -0.541  -10.442 1.00 77.60  ? 93  GLN A CA  1 
ATOM   716  C C   . GLN A 1 93  ? 9.815   -1.352  -11.245 1.00 79.30  ? 93  GLN A C   1 
ATOM   717  O O   . GLN A 1 93  ? 10.300  -0.884  -12.272 1.00 81.97  ? 93  GLN A O   1 
ATOM   718  C CB  . GLN A 1 93  ? 8.632   -1.082  -9.021  1.00 80.51  ? 93  GLN A CB  1 
ATOM   719  C CG  . GLN A 1 93  ? 7.659   -0.255  -8.177  1.00 77.65  ? 93  GLN A CG  1 
ATOM   720  C CD  . GLN A 1 93  ? 7.197   -0.989  -6.929  1.00 81.10  ? 93  GLN A CD  1 
ATOM   721  O OE1 . GLN A 1 93  ? 7.346   -2.204  -6.823  1.00 81.79  ? 93  GLN A OE1 1 
ATOM   722  N NE2 . GLN A 1 93  ? 6.642   -0.247  -5.972  1.00 82.23  ? 93  GLN A NE2 1 
ATOM   723  N N   . ASN A 1 94  ? 10.099  -2.574  -10.811 1.00 83.51  ? 94  ASN A N   1 
ATOM   724  C CA  . ASN A 1 94  ? 11.151  -3.378  -11.442 1.00 86.31  ? 94  ASN A CA  1 
ATOM   725  C C   . ASN A 1 94  ? 10.890  -3.830  -12.888 1.00 82.61  ? 94  ASN A C   1 
ATOM   726  O O   . ASN A 1 94  ? 11.826  -4.177  -13.601 1.00 84.76  ? 94  ASN A O   1 
ATOM   727  C CB  . ASN A 1 94  ? 11.507  -4.589  -10.563 1.00 79.79  ? 94  ASN A CB  1 
ATOM   728  N N   . ARG A 1 95  ? 9.635   -3.820  -13.327 1.00 80.36  ? 95  ARG A N   1 
ATOM   729  C CA  . ARG A 1 95  ? 9.280   -4.491  -14.574 1.00 69.00  ? 95  ARG A CA  1 
ATOM   730  C C   . ARG A 1 95  ? 8.589   -3.588  -15.584 1.00 75.88  ? 95  ARG A C   1 
ATOM   731  O O   . ARG A 1 95  ? 7.719   -4.035  -16.324 1.00 76.43  ? 95  ARG A O   1 
ATOM   732  C CB  . ARG A 1 95  ? 8.409   -5.709  -14.290 1.00 67.09  ? 95  ARG A CB  1 
ATOM   733  N N   . TRP A 1 96  ? 8.980   -2.318  -15.624 1.00 73.73  ? 96  TRP A N   1 
ATOM   734  C CA  . TRP A 1 96  ? 8.407   -1.381  -16.580 1.00 66.39  ? 96  TRP A CA  1 
ATOM   735  C C   . TRP A 1 96  ? 8.963   -1.603  -17.984 1.00 74.61  ? 96  TRP A C   1 
ATOM   736  O O   . TRP A 1 96  ? 10.164  -1.831  -18.140 1.00 75.00  ? 96  TRP A O   1 
ATOM   737  C CB  . TRP A 1 96  ? 8.743   0.047   -16.167 1.00 66.54  ? 96  TRP A CB  1 
ATOM   738  C CG  . TRP A 1 96  ? 8.435   1.054   -17.255 1.00 70.05  ? 96  TRP A CG  1 
ATOM   739  C CD1 . TRP A 1 96  ? 9.322   1.642   -18.107 1.00 65.87  ? 96  TRP A CD1 1 
ATOM   740  C CD2 . TRP A 1 96  ? 7.139   1.574   -17.603 1.00 71.58  ? 96  TRP A CD2 1 
ATOM   741  N NE1 . TRP A 1 96  ? 8.661   2.499   -18.960 1.00 69.54  ? 96  TRP A NE1 1 
ATOM   742  C CE2 . TRP A 1 96  ? 7.322   2.472   -18.673 1.00 67.61  ? 96  TRP A CE2 1 
ATOM   743  C CE3 . TRP A 1 96  ? 5.846   1.367   -17.110 1.00 68.59  ? 96  TRP A CE3 1 
ATOM   744  C CZ2 . TRP A 1 96  ? 6.262   3.162   -19.258 1.00 63.84  ? 96  TRP A CZ2 1 
ATOM   745  C CZ3 . TRP A 1 96  ? 4.797   2.057   -17.691 1.00 72.11  ? 96  TRP A CZ3 1 
ATOM   746  C CH2 . TRP A 1 96  ? 5.013   2.940   -18.757 1.00 67.17  ? 96  TRP A CH2 1 
ATOM   747  N N   . THR A 1 97  ? 8.118   -1.507  -19.010 1.00 71.02  ? 97  THR A N   1 
ATOM   748  C CA  . THR A 1 97  ? 8.637   -1.419  -20.380 1.00 75.34  ? 97  THR A CA  1 
ATOM   749  C C   . THR A 1 97  ? 7.917   -0.333  -21.167 1.00 76.19  ? 97  THR A C   1 
ATOM   750  O O   . THR A 1 97  ? 6.737   -0.075  -20.925 1.00 76.07  ? 97  THR A O   1 
ATOM   751  C CB  . THR A 1 97  ? 8.524   -2.751  -21.147 1.00 76.41  ? 97  THR A CB  1 
ATOM   752  O OG1 . THR A 1 97  ? 7.152   -3.045  -21.394 1.00 76.50  ? 97  THR A OG1 1 
ATOM   753  C CG2 . THR A 1 97  ? 9.169   -3.898  -20.359 1.00 75.76  ? 97  THR A CG2 1 
ATOM   754  N N   . PRO A 1 98  ? 8.618   0.306   -22.127 1.00 79.04  ? 98  PRO A N   1 
ATOM   755  C CA  . PRO A 1 98  ? 8.007   1.413   -22.887 1.00 75.04  ? 98  PRO A CA  1 
ATOM   756  C C   . PRO A 1 98  ? 6.713   1.092   -23.654 1.00 76.01  ? 98  PRO A C   1 
ATOM   757  O O   . PRO A 1 98  ? 6.152   2.011   -24.235 1.00 73.32  ? 98  PRO A O   1 
ATOM   758  C CB  . PRO A 1 98  ? 9.115   1.821   -23.860 1.00 73.52  ? 98  PRO A CB  1 
ATOM   759  C CG  . PRO A 1 98  ? 10.400  1.432   -23.148 1.00 69.59  ? 98  PRO A CG  1 
ATOM   760  C CD  . PRO A 1 98  ? 10.058  0.159   -22.429 1.00 71.40  ? 98  PRO A CD  1 
ATOM   761  N N   . THR A 1 99  ? 6.225   -0.147  -23.645 1.00 76.20  ? 99  THR A N   1 
ATOM   762  C CA  . THR A 1 99  ? 4.988   -0.441  -24.370 1.00 76.19  ? 99  THR A CA  1 
ATOM   763  C C   . THR A 1 99  ? 3.705   -0.102  -23.618 1.00 81.56  ? 99  THR A C   1 
ATOM   764  O O   . THR A 1 99  ? 2.615   -0.110  -24.207 1.00 81.67  ? 99  THR A O   1 
ATOM   765  C CB  . THR A 1 99  ? 4.857   -1.900  -24.717 1.00 80.78  ? 99  THR A CB  1 
ATOM   766  O OG1 . THR A 1 99  ? 3.503   -2.127  -25.117 1.00 87.93  ? 99  THR A OG1 1 
ATOM   767  C CG2 . THR A 1 99  ? 5.127   -2.745  -23.499 1.00 79.19  ? 99  THR A CG2 1 
ATOM   768  N N   . TYR A 1 100 ? 3.826   0.146   -22.317 1.00 78.26  ? 100 TYR A N   1 
ATOM   769  C CA  . TYR A 1 100 ? 2.685   0.524   -21.504 1.00 73.89  ? 100 TYR A CA  1 
ATOM   770  C C   . TYR A 1 100 ? 2.351   1.989   -21.721 1.00 74.08  ? 100 TYR A C   1 
ATOM   771  O O   . TYR A 1 100 ? 3.240   2.808   -21.946 1.00 78.01  ? 100 TYR A O   1 
ATOM   772  C CB  . TYR A 1 100 ? 2.992   0.285   -20.035 1.00 72.37  ? 100 TYR A CB  1 
ATOM   773  C CG  . TYR A 1 100 ? 3.104   -1.163  -19.664 1.00 73.75  ? 100 TYR A CG  1 
ATOM   774  C CD1 . TYR A 1 100 ? 2.023   -2.021  -19.812 1.00 77.48  ? 100 TYR A CD1 1 
ATOM   775  C CD2 . TYR A 1 100 ? 4.276   -1.673  -19.134 1.00 77.28  ? 100 TYR A CD2 1 
ATOM   776  C CE1 . TYR A 1 100 ? 2.113   -3.351  -19.456 1.00 74.41  ? 100 TYR A CE1 1 
ATOM   777  C CE2 . TYR A 1 100 ? 4.376   -3.008  -18.775 1.00 77.96  ? 100 TYR A CE2 1 
ATOM   778  C CZ  . TYR A 1 100 ? 3.290   -3.838  -18.939 1.00 75.96  ? 100 TYR A CZ  1 
ATOM   779  O OH  . TYR A 1 100 ? 3.386   -5.165  -18.580 1.00 84.26  ? 100 TYR A OH  1 
ATOM   780  N N   . ASP A 1 101 ? 1.068   2.316   -21.674 1.00 69.91  ? 101 ASP A N   1 
ATOM   781  C CA  . ASP A 1 101 ? 0.638   3.705   -21.698 1.00 72.22  ? 101 ASP A CA  1 
ATOM   782  C C   . ASP A 1 101 ? -0.285  3.968   -20.492 1.00 72.20  ? 101 ASP A C   1 
ATOM   783  O O   . ASP A 1 101 ? -0.407  3.113   -19.616 1.00 67.63  ? 101 ASP A O   1 
ATOM   784  C CB  . ASP A 1 101 ? -0.034  4.042   -23.037 1.00 74.12  ? 101 ASP A CB  1 
ATOM   785  C CG  . ASP A 1 101 ? -1.265  3.169   -23.331 1.00 77.08  ? 101 ASP A CG  1 
ATOM   786  O OD1 . ASP A 1 101 ? -1.384  2.058   -22.763 1.00 75.88  ? 101 ASP A OD1 1 
ATOM   787  O OD2 . ASP A 1 101 ? -2.121  3.599   -24.139 1.00 81.19  ? 101 ASP A OD2 1 
ATOM   788  N N   . VAL A 1 102 ? -0.910  5.145   -20.447 1.00 72.65  ? 102 VAL A N   1 
ATOM   789  C CA  . VAL A 1 102 ? -1.836  5.501   -19.370 1.00 71.43  ? 102 VAL A CA  1 
ATOM   790  C C   . VAL A 1 102 ? -2.995  4.506   -19.269 1.00 68.15  ? 102 VAL A C   1 
ATOM   791  O O   . VAL A 1 102 ? -3.290  3.981   -18.200 1.00 64.54  ? 102 VAL A O   1 
ATOM   792  C CB  . VAL A 1 102 ? -2.410  6.921   -19.567 1.00 71.43  ? 102 VAL A CB  1 
ATOM   793  C CG1 . VAL A 1 102 ? -3.428  7.231   -18.492 1.00 72.71  ? 102 VAL A CG1 1 
ATOM   794  C CG2 . VAL A 1 102 ? -1.298  7.944   -19.554 1.00 65.75  ? 102 VAL A CG2 1 
ATOM   795  N N   . ALA A 1 103 ? -3.647  4.250   -20.394 1.00 71.08  ? 103 ALA A N   1 
ATOM   796  C CA  . ALA A 1 103 ? -4.716  3.261   -20.454 1.00 69.40  ? 103 ALA A CA  1 
ATOM   797  C C   . ALA A 1 103 ? -4.339  1.952   -19.777 1.00 70.33  ? 103 ALA A C   1 
ATOM   798  O O   . ALA A 1 103 ? -5.071  1.466   -18.915 1.00 70.36  ? 103 ALA A O   1 
ATOM   799  C CB  . ALA A 1 103 ? -5.101  3.001   -21.892 1.00 71.36  ? 103 ALA A CB  1 
ATOM   800  N N   . SER A 1 104 ? -3.185  1.394   -20.144 1.00 69.54  ? 104 SER A N   1 
ATOM   801  C CA  . SER A 1 104 ? -2.811  0.061   -19.675 1.00 66.56  ? 104 SER A CA  1 
ATOM   802  C C   . SER A 1 104 ? -2.325  0.041   -18.230 1.00 66.33  ? 104 SER A C   1 
ATOM   803  O O   . SER A 1 104 ? -2.482  -0.959  -17.528 1.00 65.77  ? 104 SER A O   1 
ATOM   804  C CB  . SER A 1 104 ? -1.777  -0.583  -20.606 1.00 72.30  ? 104 SER A CB  1 
ATOM   805  O OG  . SER A 1 104 ? -0.633  0.233   -20.743 1.00 76.64  ? 104 SER A OG  1 
ATOM   806  N N   . ILE A 1 105 ? -1.734  1.141   -17.781 1.00 64.67  ? 105 ILE A N   1 
ATOM   807  C CA  . ILE A 1 105 ? -1.407  1.271   -16.365 1.00 66.82  ? 105 ILE A CA  1 
ATOM   808  C C   . ILE A 1 105 ? -2.674  1.207   -15.497 1.00 63.44  ? 105 ILE A C   1 
ATOM   809  O O   . ILE A 1 105 ? -2.727  0.484   -14.508 1.00 64.34  ? 105 ILE A O   1 
ATOM   810  C CB  . ILE A 1 105 ? -0.603  2.567   -16.067 1.00 65.84  ? 105 ILE A CB  1 
ATOM   811  C CG1 . ILE A 1 105 ? 0.875   2.365   -16.417 1.00 65.51  ? 105 ILE A CG1 1 
ATOM   812  C CG2 . ILE A 1 105 ? -0.666  2.894   -14.596 1.00 63.36  ? 105 ILE A CG2 1 
ATOM   813  C CD1 . ILE A 1 105 ? 1.511   3.552   -17.055 1.00 61.48  ? 105 ILE A CD1 1 
ATOM   814  N N   . LEU A 1 106 ? -3.691  1.955   -15.891 1.00 61.73  ? 106 LEU A N   1 
ATOM   815  C CA  . LEU A 1 106 ? -4.895  2.076   -15.098 1.00 62.17  ? 106 LEU A CA  1 
ATOM   816  C C   . LEU A 1 106 ? -5.645  0.760   -15.059 1.00 63.53  ? 106 LEU A C   1 
ATOM   817  O O   . LEU A 1 106 ? -6.143  0.344   -14.014 1.00 64.88  ? 106 LEU A O   1 
ATOM   818  C CB  . LEU A 1 106 ? -5.753  3.226   -15.636 1.00 61.51  ? 106 LEU A CB  1 
ATOM   819  C CG  . LEU A 1 106 ? -5.020  4.546   -15.350 1.00 63.06  ? 106 LEU A CG  1 
ATOM   820  C CD1 . LEU A 1 106 ? -5.672  5.720   -16.019 1.00 63.46  ? 106 LEU A CD1 1 
ATOM   821  C CD2 . LEU A 1 106 ? -4.926  4.780   -13.841 1.00 58.59  ? 106 LEU A CD2 1 
ATOM   822  N N   . THR A 1 107 ? -5.685  0.067   -16.190 1.00 68.32  ? 107 THR A N   1 
ATOM   823  C CA  . THR A 1 107 ? -6.341  -1.236  -16.228 1.00 63.92  ? 107 THR A CA  1 
ATOM   824  C C   . THR A 1 107 ? -5.547  -2.294  -15.458 1.00 64.04  ? 107 THR A C   1 
ATOM   825  O O   . THR A 1 107 ? -6.124  -3.223  -14.925 1.00 67.74  ? 107 THR A O   1 
ATOM   826  C CB  . THR A 1 107 ? -6.606  -1.687  -17.671 1.00 68.58  ? 107 THR A CB  1 
ATOM   827  O OG1 . THR A 1 107 ? -5.367  -1.772  -18.376 1.00 73.44  ? 107 THR A OG1 1 
ATOM   828  C CG2 . THR A 1 107 ? -7.482  -0.686  -18.370 1.00 66.82  ? 107 THR A CG2 1 
ATOM   829  N N   . SER A 1 108 ? -4.229  -2.145  -15.360 1.00 64.21  ? 108 SER A N   1 
ATOM   830  C CA  . SER A 1 108 ? -3.458  -3.068  -14.532 1.00 59.96  ? 108 SER A CA  1 
ATOM   831  C C   . SER A 1 108 ? -3.752  -2.798  -13.065 1.00 66.19  ? 108 SER A C   1 
ATOM   832  O O   . SER A 1 108 ? -3.886  -3.719  -12.268 1.00 66.84  ? 108 SER A O   1 
ATOM   833  C CB  . SER A 1 108 ? -1.960  -2.908  -14.770 1.00 65.12  ? 108 SER A CB  1 
ATOM   834  O OG  . SER A 1 108 ? -1.648  -2.954  -16.154 1.00 74.90  ? 108 SER A OG  1 
ATOM   835  N N   . ILE A 1 109 ? -3.841  -1.524  -12.708 1.00 62.61  ? 109 ILE A N   1 
ATOM   836  C CA  . ILE A 1 109 ? -4.172  -1.155  -11.332 1.00 64.79  ? 109 ILE A CA  1 
ATOM   837  C C   . ILE A 1 109 ? -5.568  -1.636  -10.947 1.00 61.61  ? 109 ILE A C   1 
ATOM   838  O O   . ILE A 1 109 ? -5.744  -2.263  -9.910  1.00 57.99  ? 109 ILE A O   1 
ATOM   839  C CB  . ILE A 1 109 ? -4.096  0.361   -11.119 1.00 61.72  ? 109 ILE A CB  1 
ATOM   840  C CG1 . ILE A 1 109 ? -2.647  0.837   -11.293 1.00 61.64  ? 109 ILE A CG1 1 
ATOM   841  C CG2 . ILE A 1 109 ? -4.664  0.724   -9.739  1.00 59.68  ? 109 ILE A CG2 1 
ATOM   842  C CD1 . ILE A 1 109 ? -2.496  2.346   -11.422 1.00 61.68  ? 109 ILE A CD1 1 
ATOM   843  N N   . GLN A 1 110 ? -6.546  -1.325  -11.796 1.00 61.54  ? 110 GLN A N   1 
ATOM   844  C CA  . GLN A 1 110 ? -7.943  -1.694  -11.586 1.00 63.08  ? 110 GLN A CA  1 
ATOM   845  C C   . GLN A 1 110 ? -8.084  -3.194  -11.365 1.00 67.47  ? 110 GLN A C   1 
ATOM   846  O O   . GLN A 1 110 ? -8.846  -3.644  -10.514 1.00 67.61  ? 110 GLN A O   1 
ATOM   847  C CB  . GLN A 1 110 ? -8.770  -1.263  -12.804 1.00 68.41  ? 110 GLN A CB  1 
ATOM   848  C CG  . GLN A 1 110 ? -10.268 -1.580  -12.727 1.00 68.40  ? 110 GLN A CG  1 
ATOM   849  C CD  . GLN A 1 110 ? -11.020 -1.080  -13.943 1.00 72.69  ? 110 GLN A CD  1 
ATOM   850  O OE1 . GLN A 1 110 ? -10.608 -1.317  -15.076 1.00 70.87  ? 110 GLN A OE1 1 
ATOM   851  N NE2 . GLN A 1 110 ? -12.118 -0.373  -13.716 1.00 76.91  ? 110 GLN A NE2 1 
ATOM   852  N N   . SER A 1 111 ? -7.297  -3.975  -12.092 1.00 65.74  ? 111 SER A N   1 
ATOM   853  C CA  . SER A 1 111 ? -7.368  -5.421  -11.942 1.00 68.31  ? 111 SER A CA  1 
ATOM   854  C C   . SER A 1 111 ? -6.908  -5.895  -10.558 1.00 72.41  ? 111 SER A C   1 
ATOM   855  O O   . SER A 1 111 ? -7.105  -7.064  -10.191 1.00 70.86  ? 111 SER A O   1 
ATOM   856  C CB  . SER A 1 111 ? -6.550  -6.100  -13.034 1.00 68.98  ? 111 SER A CB  1 
ATOM   857  O OG  . SER A 1 111 ? -5.217  -6.301  -12.612 1.00 72.00  ? 111 SER A OG  1 
ATOM   858  N N   . LEU A 1 112 ? -6.296  -5.004  -9.782  1.00 65.73  ? 112 LEU A N   1 
ATOM   859  C CA  . LEU A 1 112 ? -5.867  -5.403  -8.445  1.00 68.94  ? 112 LEU A CA  1 
ATOM   860  C C   . LEU A 1 112 ? -7.063  -5.422  -7.528  1.00 68.49  ? 112 LEU A C   1 
ATOM   861  O O   . LEU A 1 112 ? -7.055  -6.096  -6.507  1.00 71.15  ? 112 LEU A O   1 
ATOM   862  C CB  . LEU A 1 112 ? -4.814  -4.459  -7.889  1.00 67.04  ? 112 LEU A CB  1 
ATOM   863  C CG  . LEU A 1 112 ? -3.526  -4.488  -8.701  1.00 71.18  ? 112 LEU A CG  1 
ATOM   864  C CD1 . LEU A 1 112 ? -2.569  -3.446  -8.161  1.00 65.43  ? 112 LEU A CD1 1 
ATOM   865  C CD2 . LEU A 1 112 ? -2.930  -5.881  -8.652  1.00 67.72  ? 112 LEU A CD2 1 
ATOM   866  N N   . PHE A 1 113 ? -8.082  -4.657  -7.889  1.00 65.96  ? 113 PHE A N   1 
ATOM   867  C CA  . PHE A 1 113 ? -9.320  -4.647  -7.142  1.00 70.07  ? 113 PHE A CA  1 
ATOM   868  C C   . PHE A 1 113 ? -9.967  -6.033  -7.204  1.00 75.20  ? 113 PHE A C   1 
ATOM   869  O O   . PHE A 1 113 ? -10.537 -6.503  -6.213  1.00 75.69  ? 113 PHE A O   1 
ATOM   870  C CB  . PHE A 1 113 ? -10.260 -3.581  -7.705  1.00 68.36  ? 113 PHE A CB  1 
ATOM   871  C CG  . PHE A 1 113 ? -9.875  -2.183  -7.326  1.00 70.07  ? 113 PHE A CG  1 
ATOM   872  C CD1 . PHE A 1 113 ? -9.516  -1.883  -6.023  1.00 71.24  ? 113 PHE A CD1 1 
ATOM   873  C CD2 . PHE A 1 113 ? -9.861  -1.173  -8.264  1.00 72.57  ? 113 PHE A CD2 1 
ATOM   874  C CE1 . PHE A 1 113 ? -9.163  -0.591  -5.662  1.00 69.54  ? 113 PHE A CE1 1 
ATOM   875  C CE2 . PHE A 1 113 ? -9.500  0.126   -7.912  1.00 70.26  ? 113 PHE A CE2 1 
ATOM   876  C CZ  . PHE A 1 113 ? -9.157  0.416   -6.610  1.00 63.78  ? 113 PHE A CZ  1 
ATOM   877  N N   . ASN A 1 114 ? -9.866  -6.691  -8.363  1.00 76.61  ? 114 ASN A N   1 
ATOM   878  C CA  . ASN A 1 114 ? -10.399 -8.052  -8.521  1.00 79.89  ? 114 ASN A CA  1 
ATOM   879  C C   . ASN A 1 114 ? -9.536  -9.095  -7.813  1.00 78.76  ? 114 ASN A C   1 
ATOM   880  O O   . ASN A 1 114 ? -10.007 -9.804  -6.927  1.00 82.28  ? 114 ASN A O   1 
ATOM   881  C CB  . ASN A 1 114 ? -10.534 -8.426  -10.005 1.00 79.50  ? 114 ASN A CB  1 
ATOM   882  C CG  . ASN A 1 114 ? -11.473 -7.496  -10.769 1.00 82.27  ? 114 ASN A CG  1 
ATOM   883  O OD1 . ASN A 1 114 ? -11.041 -6.487  -11.339 1.00 85.60  ? 114 ASN A OD1 1 
ATOM   884  N ND2 . ASN A 1 114 ? -12.760 -7.843  -10.801 1.00 77.05  ? 114 ASN A ND2 1 
ATOM   885  N N   . ASP A 1 115 ? -8.268  -9.179  -8.213  1.00 75.14  ? 115 ASP A N   1 
ATOM   886  C CA  . ASP A 1 115 ? -7.343  -10.156 -7.660  1.00 71.32  ? 115 ASP A CA  1 
ATOM   887  C C   . ASP A 1 115 ? -6.150  -9.464  -7.012  1.00 76.91  ? 115 ASP A C   1 
ATOM   888  O O   . ASP A 1 115 ? -5.103  -9.251  -7.644  1.00 78.08  ? 115 ASP A O   1 
ATOM   889  C CB  . ASP A 1 115 ? -6.860  -11.126 -8.746  1.00 72.44  ? 115 ASP A CB  1 
ATOM   890  N N   . PRO A 1 116 ? -6.304  -9.106  -5.737  1.00 77.50  ? 116 PRO A N   1 
ATOM   891  C CA  . PRO A 1 116 ? -5.195  -8.540  -4.976  1.00 77.05  ? 116 PRO A CA  1 
ATOM   892  C C   . PRO A 1 116 ? -4.074  -9.546  -4.912  1.00 82.87  ? 116 PRO A C   1 
ATOM   893  O O   . PRO A 1 116 ? -4.283  -10.723 -5.202  1.00 84.74  ? 116 PRO A O   1 
ATOM   894  C CB  . PRO A 1 116 ? -5.791  -8.364  -3.580  1.00 73.97  ? 116 PRO A CB  1 
ATOM   895  C CG  . PRO A 1 116 ? -7.251  -8.212  -3.810  1.00 74.43  ? 116 PRO A CG  1 
ATOM   896  C CD  . PRO A 1 116 ? -7.561  -9.111  -4.971  1.00 74.94  ? 116 PRO A CD  1 
ATOM   897  N N   . ASN A 1 117 ? -2.890  -9.093  -4.536  1.00 80.41  ? 117 ASN A N   1 
ATOM   898  C CA  . ASN A 1 117 ? -1.787  -10.014 -4.364  1.00 84.18  ? 117 ASN A CA  1 
ATOM   899  C C   . ASN A 1 117 ? -1.290  -9.945  -2.939  1.00 82.53  ? 117 ASN A C   1 
ATOM   900  O O   . ASN A 1 117 ? -0.400  -9.167  -2.636  1.00 84.24  ? 117 ASN A O   1 
ATOM   901  C CB  . ASN A 1 117 ? -0.654  -9.689  -5.334  1.00 87.97  ? 117 ASN A CB  1 
ATOM   902  C CG  . ASN A 1 117 ? 0.309   -10.847 -5.508  1.00 93.12  ? 117 ASN A CG  1 
ATOM   903  O OD1 . ASN A 1 117 ? 0.355   -11.762 -4.678  1.00 95.26  ? 117 ASN A OD1 1 
ATOM   904  N ND2 . ASN A 1 117 ? 1.081   -10.817 -6.587  1.00 90.71  ? 117 ASN A ND2 1 
ATOM   905  N N   . PRO A 1 118 ? -1.871  -10.765 -2.049  1.00 89.93  ? 118 PRO A N   1 
ATOM   906  C CA  . PRO A 1 118 ? -1.494  -10.749 -0.631  1.00 86.96  ? 118 PRO A CA  1 
ATOM   907  C C   . PRO A 1 118 ? -0.080  -11.285 -0.427  1.00 87.14  ? 118 PRO A C   1 
ATOM   908  O O   . PRO A 1 118 ? 0.450   -11.230 0.682   1.00 86.37  ? 118 PRO A O   1 
ATOM   909  C CB  . PRO A 1 118 ? -2.517  -11.687 0.009   1.00 84.72  ? 118 PRO A CB  1 
ATOM   910  C CG  . PRO A 1 118 ? -2.924  -12.608 -1.100  1.00 86.95  ? 118 PRO A CG  1 
ATOM   911  C CD  . PRO A 1 118 ? -2.909  -11.770 -2.339  1.00 87.58  ? 118 PRO A CD  1 
ATOM   912  N N   . ALA A 1 119 ? 0.516   -11.798 -1.497  1.00 89.54  ? 119 ALA A N   1 
ATOM   913  C CA  . ALA A 1 119 ? 1.881   -12.299 -1.445  1.00 90.38  ? 119 ALA A CA  1 
ATOM   914  C C   . ALA A 1 119 ? 2.895   -11.159 -1.395  1.00 96.61  ? 119 ALA A C   1 
ATOM   915  O O   . ALA A 1 119 ? 3.941   -11.281 -0.749  1.00 101.77 ? 119 ALA A O   1 
ATOM   916  C CB  . ALA A 1 119 ? 2.155   -13.200 -2.629  1.00 96.07  ? 119 ALA A CB  1 
ATOM   917  N N   . SER A 1 120 ? 2.591   -10.054 -2.077  1.00 93.52  ? 120 SER A N   1 
ATOM   918  C CA  . SER A 1 120 ? 3.454   -8.872  -2.040  1.00 91.69  ? 120 SER A CA  1 
ATOM   919  C C   . SER A 1 120 ? 2.770   -7.692  -1.332  1.00 86.42  ? 120 SER A C   1 
ATOM   920  O O   . SER A 1 120 ? 2.220   -6.804  -1.981  1.00 84.00  ? 120 SER A O   1 
ATOM   921  C CB  . SER A 1 120 ? 3.888   -8.478  -3.457  1.00 91.48  ? 120 SER A CB  1 
ATOM   922  O OG  . SER A 1 120 ? 3.028   -7.501  -4.021  1.00 89.21  ? 120 SER A OG  1 
ATOM   923  N N   . PRO A 1 121 ? 2.806   -7.684  0.005   1.00 80.52  ? 121 PRO A N   1 
ATOM   924  C CA  . PRO A 1 121 ? 2.033   -6.710  0.772   1.00 78.55  ? 121 PRO A CA  1 
ATOM   925  C C   . PRO A 1 121 ? 2.730   -5.352  0.940   1.00 78.39  ? 121 PRO A C   1 
ATOM   926  O O   . PRO A 1 121 ? 3.850   -5.284  1.454   1.00 82.79  ? 121 PRO A O   1 
ATOM   927  C CB  . PRO A 1 121 ? 1.886   -7.395  2.133   1.00 71.98  ? 121 PRO A CB  1 
ATOM   928  C CG  . PRO A 1 121 ? 3.140   -8.183  2.271   1.00 78.60  ? 121 PRO A CG  1 
ATOM   929  C CD  . PRO A 1 121 ? 3.536   -8.619  0.880   1.00 85.82  ? 121 PRO A CD  1 
ATOM   930  N N   . ALA A 1 122 ? 2.048   -4.286  0.520   1.00 72.96  ? 122 ALA A N   1 
ATOM   931  C CA  . ALA A 1 122 ? 2.489   -2.906  0.744   1.00 70.12  ? 122 ALA A CA  1 
ATOM   932  C C   . ALA A 1 122 ? 1.785   -2.425  1.998   1.00 72.62  ? 122 ALA A C   1 
ATOM   933  O O   . ALA A 1 122 ? 2.316   -1.622  2.772   1.00 63.77  ? 122 ALA A O   1 
ATOM   934  C CB  . ALA A 1 122 ? 2.105   -2.012  -0.453  1.00 66.53  ? 122 ALA A CB  1 
ATOM   935  N N   . ASN A 1 123 ? 0.556   -2.902  2.166   1.00 71.32  ? 123 ASN A N   1 
ATOM   936  C CA  . ASN A 1 123 ? -0.189  -2.672  3.381   1.00 67.31  ? 123 ASN A CA  1 
ATOM   937  C C   . ASN A 1 123 ? -0.311  -3.997  4.119   1.00 70.41  ? 123 ASN A C   1 
ATOM   938  O O   . ASN A 1 123 ? -1.109  -4.857  3.753   1.00 67.53  ? 123 ASN A O   1 
ATOM   939  C CB  . ASN A 1 123 ? -1.561  -2.065  3.086   1.00 65.68  ? 123 ASN A CB  1 
ATOM   940  C CG  . ASN A 1 123 ? -2.311  -1.678  4.359   1.00 67.88  ? 123 ASN A CG  1 
ATOM   941  O OD1 . ASN A 1 123 ? -2.090  -2.253  5.424   1.00 67.80  ? 123 ASN A OD1 1 
ATOM   942  N ND2 . ASN A 1 123 ? -3.200  -0.699  4.249   1.00 61.60  ? 123 ASN A ND2 1 
ATOM   943  N N   . VAL A 1 124 ? 0.493   -4.141  5.164   1.00 69.97  ? 124 VAL A N   1 
ATOM   944  C CA  . VAL A 1 124 ? 0.559   -5.363  5.950   1.00 73.38  ? 124 VAL A CA  1 
ATOM   945  C C   . VAL A 1 124 ? -0.713  -5.643  6.765   1.00 69.82  ? 124 VAL A C   1 
ATOM   946  O O   . VAL A 1 124 ? -1.195  -6.773  6.795   1.00 70.85  ? 124 VAL A O   1 
ATOM   947  C CB  . VAL A 1 124 ? 1.785   -5.323  6.863   1.00 76.93  ? 124 VAL A CB  1 
ATOM   948  C CG1 . VAL A 1 124 ? 1.692   -6.397  7.951   1.00 79.02  ? 124 VAL A CG1 1 
ATOM   949  C CG2 . VAL A 1 124 ? 3.043   -5.472  6.013   1.00 76.87  ? 124 VAL A CG2 1 
ATOM   950  N N   . GLU A 1 125 ? -1.236  -4.617  7.424   1.00 66.71  ? 125 GLU A N   1 
ATOM   951  C CA  . GLU A 1 125 ? -2.543  -4.694  8.057   1.00 70.90  ? 125 GLU A CA  1 
ATOM   952  C C   . GLU A 1 125 ? -3.559  -5.268  7.075   1.00 71.90  ? 125 GLU A C   1 
ATOM   953  O O   . GLU A 1 125 ? -4.284  -6.205  7.396   1.00 72.04  ? 125 GLU A O   1 
ATOM   954  C CB  . GLU A 1 125 ? -2.991  -3.310  8.526   1.00 71.13  ? 125 GLU A CB  1 
ATOM   955  C CG  . GLU A 1 125 ? -4.197  -3.335  9.456   1.00 81.54  ? 125 GLU A CG  1 
ATOM   956  C CD  . GLU A 1 125 ? -4.607  -1.946  9.942   1.00 85.77  ? 125 GLU A CD  1 
ATOM   957  O OE1 . GLU A 1 125 ? -3.862  -0.975  9.687   1.00 88.05  ? 125 GLU A OE1 1 
ATOM   958  O OE2 . GLU A 1 125 ? -5.679  -1.826  10.582  1.00 86.94  ? 125 GLU A OE2 1 
ATOM   959  N N   . ALA A 1 126 ? -3.572  -4.738  5.856   1.00 71.24  ? 126 ALA A N   1 
ATOM   960  C CA  . ALA A 1 126 ? -4.544  -5.167  4.852   1.00 67.91  ? 126 ALA A CA  1 
ATOM   961  C C   . ALA A 1 126 ? -4.306  -6.577  4.306   1.00 70.17  ? 126 ALA A C   1 
ATOM   962  O O   . ALA A 1 126 ? -5.258  -7.306  4.008   1.00 67.70  ? 126 ALA A O   1 
ATOM   963  C CB  . ALA A 1 126 ? -4.588  -4.165  3.699   1.00 71.46  ? 126 ALA A CB  1 
ATOM   964  N N   . ALA A 1 127 ? -3.042  -6.953  4.139   1.00 70.45  ? 127 ALA A N   1 
ATOM   965  C CA  . ALA A 1 127 ? -2.731  -8.276  3.616   1.00 71.03  ? 127 ALA A CA  1 
ATOM   966  C C   . ALA A 1 127 ? -3.173  -9.284  4.645   1.00 69.19  ? 127 ALA A C   1 
ATOM   967  O O   . ALA A 1 127 ? -3.734  -10.324 4.318   1.00 73.76  ? 127 ALA A O   1 
ATOM   968  C CB  . ALA A 1 127 ? -1.248  -8.418  3.353   1.00 70.68  ? 127 ALA A CB  1 
ATOM   969  N N   . THR A 1 128 ? -2.930  -8.947  5.902   1.00 73.06  ? 128 THR A N   1 
ATOM   970  C CA  . THR A 1 128 ? -3.237  -9.836  7.009   1.00 74.63  ? 128 THR A CA  1 
ATOM   971  C C   . THR A 1 128 ? -4.736  -10.091 7.140   1.00 73.40  ? 128 THR A C   1 
ATOM   972  O O   . THR A 1 128 ? -5.168  -11.240 7.203   1.00 73.85  ? 128 THR A O   1 
ATOM   973  C CB  . THR A 1 128 ? -2.654  -9.293  8.311   1.00 71.27  ? 128 THR A CB  1 
ATOM   974  O OG1 . THR A 1 128 ? -1.224  -9.419  8.260   1.00 73.54  ? 128 THR A OG1 1 
ATOM   975  C CG2 . THR A 1 128 ? -3.190  -10.083 9.500   1.00 71.50  ? 128 THR A CG2 1 
ATOM   976  N N   . LEU A 1 129 ? -5.524  -9.019  7.147   1.00 69.83  ? 129 LEU A N   1 
ATOM   977  C CA  . LEU A 1 129 ? -6.975  -9.139  7.189   1.00 73.33  ? 129 LEU A CA  1 
ATOM   978  C C   . LEU A 1 129 ? -7.475  -9.959  6.004   1.00 76.69  ? 129 LEU A C   1 
ATOM   979  O O   . LEU A 1 129 ? -8.379  -10.792 6.147   1.00 74.12  ? 129 LEU A O   1 
ATOM   980  C CB  . LEU A 1 129 ? -7.629  -7.759  7.179   1.00 68.42  ? 129 LEU A CB  1 
ATOM   981  C CG  . LEU A 1 129 ? -8.129  -7.219  8.514   1.00 71.06  ? 129 LEU A CG  1 
ATOM   982  C CD1 . LEU A 1 129 ? -7.119  -7.426  9.611   1.00 67.42  ? 129 LEU A CD1 1 
ATOM   983  C CD2 . LEU A 1 129 ? -8.469  -5.756  8.378   1.00 69.94  ? 129 LEU A CD2 1 
ATOM   984  N N   . PHE A 1 130 ? -6.867  -9.730  4.842   1.00 69.58  ? 130 PHE A N   1 
ATOM   985  C CA  . PHE A 1 130 ? -7.279  -10.412 3.631   1.00 71.30  ? 130 PHE A CA  1 
ATOM   986  C C   . PHE A 1 130 ? -7.171  -11.933 3.714   1.00 74.83  ? 130 PHE A C   1 
ATOM   987  O O   . PHE A 1 130 ? -7.951  -12.647 3.095   1.00 75.26  ? 130 PHE A O   1 
ATOM   988  C CB  . PHE A 1 130 ? -6.486  -9.918  2.426   1.00 70.50  ? 130 PHE A CB  1 
ATOM   989  C CG  . PHE A 1 130 ? -6.879  -10.589 1.157   1.00 72.70  ? 130 PHE A CG  1 
ATOM   990  C CD1 . PHE A 1 130 ? -8.100  -10.320 0.576   1.00 75.33  ? 130 PHE A CD1 1 
ATOM   991  C CD2 . PHE A 1 130 ? -6.050  -11.513 0.564   1.00 77.21  ? 130 PHE A CD2 1 
ATOM   992  C CE1 . PHE A 1 130 ? -8.478  -10.948 -0.585  1.00 80.15  ? 130 PHE A CE1 1 
ATOM   993  C CE2 . PHE A 1 130 ? -6.422  -12.141 -0.598  1.00 79.93  ? 130 PHE A CE2 1 
ATOM   994  C CZ  . PHE A 1 130 ? -7.636  -11.856 -1.178  1.00 76.19  ? 130 PHE A CZ  1 
ATOM   995  N N   . LYS A 1 131 ? -6.195  -12.426 4.465   1.00 77.68  ? 131 LYS A N   1 
ATOM   996  C CA  . LYS A 1 131 ? -5.998  -13.865 4.585   1.00 77.63  ? 131 LYS A CA  1 
ATOM   997  C C   . LYS A 1 131 ? -6.717  -14.432 5.811   1.00 80.27  ? 131 LYS A C   1 
ATOM   998  O O   . LYS A 1 131 ? -7.319  -15.506 5.744   1.00 80.87  ? 131 LYS A O   1 
ATOM   999  C CB  . LYS A 1 131 ? -4.505  -14.204 4.638   1.00 76.71  ? 131 LYS A CB  1 
ATOM   1000 N N   . ASP A 1 132 ? -6.677  -13.691 6.916   1.00 76.93  ? 132 ASP A N   1 
ATOM   1001 C CA  . ASP A 1 132 ? -7.105  -14.218 8.214   1.00 78.05  ? 132 ASP A CA  1 
ATOM   1002 C C   . ASP A 1 132 ? -8.472  -13.721 8.711   1.00 81.34  ? 132 ASP A C   1 
ATOM   1003 O O   . ASP A 1 132 ? -9.099  -14.371 9.546   1.00 82.87  ? 132 ASP A O   1 
ATOM   1004 C CB  . ASP A 1 132 ? -6.035  -13.931 9.279   1.00 76.58  ? 132 ASP A CB  1 
ATOM   1005 C CG  . ASP A 1 132 ? -4.717  -14.651 8.998   1.00 85.48  ? 132 ASP A CG  1 
ATOM   1006 O OD1 . ASP A 1 132 ? -4.690  -15.518 8.098   1.00 86.65  ? 132 ASP A OD1 1 
ATOM   1007 O OD2 . ASP A 1 132 ? -3.707  -14.366 9.684   1.00 90.24  ? 132 ASP A OD2 1 
ATOM   1008 N N   . HIS A 1 133 ? -8.927  -12.570 8.229   1.00 80.28  ? 133 HIS A N   1 
ATOM   1009 C CA  . HIS A 1 133 ? -10.198 -12.020 8.700   1.00 76.26  ? 133 HIS A CA  1 
ATOM   1010 C C   . HIS A 1 133 ? -10.981 -11.386 7.588   1.00 72.84  ? 133 HIS A C   1 
ATOM   1011 O O   . HIS A 1 133 ? -11.187 -10.174 7.586   1.00 75.72  ? 133 HIS A O   1 
ATOM   1012 C CB  . HIS A 1 133 ? -9.954  -10.993 9.786   1.00 75.05  ? 133 HIS A CB  1 
ATOM   1013 C CG  . HIS A 1 133 ? -9.214  -11.544 10.959  1.00 81.63  ? 133 HIS A CG  1 
ATOM   1014 N ND1 . HIS A 1 133 ? -7.843  -11.691 10.969  1.00 85.02  ? 133 HIS A ND1 1 
ATOM   1015 C CD2 . HIS A 1 133 ? -9.653  -12.016 12.149  1.00 83.28  ? 133 HIS A CD2 1 
ATOM   1016 C CE1 . HIS A 1 133 ? -7.466  -12.208 12.125  1.00 84.07  ? 133 HIS A CE1 1 
ATOM   1017 N NE2 . HIS A 1 133 ? -8.545  -12.415 12.858  1.00 88.48  ? 133 HIS A NE2 1 
ATOM   1018 N N   . LYS A 1 134 ? -11.408 -12.214 6.644   1.00 70.61  ? 134 LYS A N   1 
ATOM   1019 C CA  . LYS A 1 134 ? -12.115 -11.756 5.461   1.00 71.18  ? 134 LYS A CA  1 
ATOM   1020 C C   . LYS A 1 134 ? -13.245 -10.773 5.773   1.00 71.82  ? 134 LYS A C   1 
ATOM   1021 O O   . LYS A 1 134 ? -13.381 -9.735  5.110   1.00 73.59  ? 134 LYS A O   1 
ATOM   1022 C CB  . LYS A 1 134 ? -12.647 -12.950 4.666   1.00 72.78  ? 134 LYS A CB  1 
ATOM   1023 C CG  . LYS A 1 134 ? -11.763 -13.377 3.485   1.00 76.85  ? 134 LYS A CG  1 
ATOM   1024 C CD  . LYS A 1 134 ? -10.711 -14.415 3.875   1.00 84.48  ? 134 LYS A CD  1 
ATOM   1025 C CE  . LYS A 1 134 ? -10.097 -15.077 2.633   1.00 80.52  ? 134 LYS A CE  1 
ATOM   1026 N NZ  . LYS A 1 134 ? -9.599  -14.061 1.643   1.00 81.98  ? 134 LYS A NZ  1 
ATOM   1027 N N   . SER A 1 135 ? -14.037 -11.075 6.793   1.00 64.15  ? 135 SER A N   1 
ATOM   1028 C CA  . SER A 1 135 ? -15.151 -10.196 7.147   1.00 70.19  ? 135 SER A CA  1 
ATOM   1029 C C   . SER A 1 135 ? -14.652 -8.838  7.591   1.00 69.34  ? 135 SER A C   1 
ATOM   1030 O O   . SER A 1 135 ? -15.239 -7.810  7.266   1.00 71.70  ? 135 SER A O   1 
ATOM   1031 C CB  . SER A 1 135 ? -16.009 -10.801 8.262   1.00 70.72  ? 135 SER A CB  1 
ATOM   1032 O OG  . SER A 1 135 ? -15.505 -10.446 9.545   1.00 76.13  ? 135 SER A OG  1 
ATOM   1033 N N   . GLN A 1 136 ? -13.568 -8.828  8.354   1.00 70.90  ? 136 GLN A N   1 
ATOM   1034 C CA  . GLN A 1 136 ? -13.042 -7.569  8.860   1.00 73.39  ? 136 GLN A CA  1 
ATOM   1035 C C   . GLN A 1 136 ? -12.476 -6.757  7.688   1.00 66.67  ? 136 GLN A C   1 
ATOM   1036 O O   . GLN A 1 136 ? -12.597 -5.540  7.638   1.00 73.48  ? 136 GLN A O   1 
ATOM   1037 C CB  . GLN A 1 136 ? -11.971 -7.843  9.918   1.00 76.14  ? 136 GLN A CB  1 
ATOM   1038 C CG  . GLN A 1 136 ? -11.779 -6.740  10.954  1.00 80.83  ? 136 GLN A CG  1 
ATOM   1039 C CD  . GLN A 1 136 ? -11.008 -7.238  12.180  1.00 90.27  ? 136 GLN A CD  1 
ATOM   1040 O OE1 . GLN A 1 136 ? -10.884 -8.446  12.393  1.00 92.57  ? 136 GLN A OE1 1 
ATOM   1041 N NE2 . GLN A 1 136 ? -10.479 -6.311  12.980  1.00 94.43  ? 136 GLN A NE2 1 
ATOM   1042 N N   . TYR A 1 137 ? -11.880 -7.462  6.741   1.00 69.27  ? 137 TYR A N   1 
ATOM   1043 C CA  . TYR A 1 137 ? -11.277 -6.854  5.567   1.00 69.94  ? 137 TYR A CA  1 
ATOM   1044 C C   . TYR A 1 137 ? -12.339 -6.129  4.757   1.00 71.23  ? 137 TYR A C   1 
ATOM   1045 O O   . TYR A 1 137 ? -12.182 -4.956  4.410   1.00 69.57  ? 137 TYR A O   1 
ATOM   1046 C CB  . TYR A 1 137 ? -10.596 -7.929  4.728   1.00 64.28  ? 137 TYR A CB  1 
ATOM   1047 C CG  . TYR A 1 137 ? -10.179 -7.483  3.341   1.00 75.29  ? 137 TYR A CG  1 
ATOM   1048 C CD1 . TYR A 1 137 ? -8.983  -6.798  3.142   1.00 73.76  ? 137 TYR A CD1 1 
ATOM   1049 C CD2 . TYR A 1 137 ? -10.963 -7.776  2.218   1.00 72.33  ? 137 TYR A CD2 1 
ATOM   1050 C CE1 . TYR A 1 137 ? -8.588  -6.397  1.879   1.00 66.73  ? 137 TYR A CE1 1 
ATOM   1051 C CE2 . TYR A 1 137 ? -10.570 -7.380  0.943   1.00 68.91  ? 137 TYR A CE2 1 
ATOM   1052 C CZ  . TYR A 1 137 ? -9.383  -6.691  0.788   1.00 71.77  ? 137 TYR A CZ  1 
ATOM   1053 O OH  . TYR A 1 137 ? -8.974  -6.286  -0.458  1.00 74.48  ? 137 TYR A OH  1 
ATOM   1054 N N   . VAL A 1 138 ? -13.434 -6.822  4.475   1.00 68.82  ? 138 VAL A N   1 
ATOM   1055 C CA  . VAL A 1 138 ? -14.493 -6.212  3.701   1.00 64.51  ? 138 VAL A CA  1 
ATOM   1056 C C   . VAL A 1 138 ? -15.021 -4.943  4.372   1.00 65.67  ? 138 VAL A C   1 
ATOM   1057 O O   . VAL A 1 138 ? -15.248 -3.942  3.699   1.00 62.09  ? 138 VAL A O   1 
ATOM   1058 C CB  . VAL A 1 138 ? -15.632 -7.202  3.429   1.00 66.70  ? 138 VAL A CB  1 
ATOM   1059 C CG1 . VAL A 1 138 ? -16.839 -6.472  2.873   1.00 59.31  ? 138 VAL A CG1 1 
ATOM   1060 C CG2 . VAL A 1 138 ? -15.152 -8.309  2.459   1.00 57.32  ? 138 VAL A CG2 1 
ATOM   1061 N N   . LYS A 1 139 ? -15.186 -4.964  5.693   1.00 65.07  ? 139 LYS A N   1 
ATOM   1062 C CA  . LYS A 1 139 ? -15.715 -3.787  6.391   1.00 64.59  ? 139 LYS A CA  1 
ATOM   1063 C C   . LYS A 1 139 ? -14.772 -2.598  6.254   1.00 64.68  ? 139 LYS A C   1 
ATOM   1064 O O   . LYS A 1 139 ? -15.199 -1.447  6.161   1.00 64.96  ? 139 LYS A O   1 
ATOM   1065 C CB  . LYS A 1 139 ? -15.971 -4.080  7.882   1.00 67.35  ? 139 LYS A CB  1 
ATOM   1066 N N   . ARG A 1 140 ? -13.480 -2.871  6.245   1.00 65.05  ? 140 ARG A N   1 
ATOM   1067 C CA  . ARG A 1 140 ? -12.523 -1.794  6.096   1.00 64.19  ? 140 ARG A CA  1 
ATOM   1068 C C   . ARG A 1 140 ? -12.599 -1.245  4.671   1.00 66.71  ? 140 ARG A C   1 
ATOM   1069 O O   . ARG A 1 140 ? -12.586 -0.032  4.463   1.00 67.16  ? 140 ARG A O   1 
ATOM   1070 C CB  . ARG A 1 140 ? -11.113 -2.285  6.428   1.00 69.20  ? 140 ARG A CB  1 
ATOM   1071 C CG  . ARG A 1 140 ? -10.957 -2.736  7.874   1.00 71.59  ? 140 ARG A CG  1 
ATOM   1072 C CD  . ARG A 1 140 ? -11.011 -1.564  8.832   1.00 74.06  ? 140 ARG A CD  1 
ATOM   1073 N NE  . ARG A 1 140 ? -9.866  -0.673  8.621   1.00 77.70  ? 140 ARG A NE  1 
ATOM   1074 C CZ  . ARG A 1 140 ? -8.654  -0.890  9.126   1.00 78.18  ? 140 ARG A CZ  1 
ATOM   1075 N NH1 . ARG A 1 140 ? -8.425  -1.961  9.878   1.00 77.71  ? 140 ARG A NH1 1 
ATOM   1076 N NH2 . ARG A 1 140 ? -7.670  -0.033  8.884   1.00 84.91  ? 140 ARG A NH2 1 
ATOM   1077 N N   . VAL A 1 141 ? -12.723 -2.136  3.695   1.00 63.03  ? 141 VAL A N   1 
ATOM   1078 C CA  . VAL A 1 141 ? -12.847 -1.712  2.303   1.00 64.55  ? 141 VAL A CA  1 
ATOM   1079 C C   . VAL A 1 141 ? -14.068 -0.837  2.119   1.00 64.85  ? 141 VAL A C   1 
ATOM   1080 O O   . VAL A 1 141 ? -14.015 0.196   1.446   1.00 65.77  ? 141 VAL A O   1 
ATOM   1081 C CB  . VAL A 1 141 ? -12.960 -2.904  1.352   1.00 59.47  ? 141 VAL A CB  1 
ATOM   1082 C CG1 . VAL A 1 141 ? -13.197 -2.420  -0.068  1.00 62.49  ? 141 VAL A CG1 1 
ATOM   1083 C CG2 . VAL A 1 141 ? -11.719 -3.724  1.416   1.00 63.26  ? 141 VAL A CG2 1 
ATOM   1084 N N   . LYS A 1 142 ? -15.169 -1.238  2.741   1.00 63.40  ? 142 LYS A N   1 
ATOM   1085 C CA  . LYS A 1 142 ? -16.427 -0.529  2.538   1.00 65.66  ? 142 LYS A CA  1 
ATOM   1086 C C   . LYS A 1 142 ? -16.363 0.882   3.110   1.00 63.31  ? 142 LYS A C   1 
ATOM   1087 O O   . LYS A 1 142 ? -16.885 1.829   2.507   1.00 63.32  ? 142 LYS A O   1 
ATOM   1088 C CB  . LYS A 1 142 ? -17.604 -1.319  3.120   1.00 63.27  ? 142 LYS A CB  1 
ATOM   1089 C CG  . LYS A 1 142 ? -17.942 -2.626  2.346   1.00 64.22  ? 142 LYS A CG  1 
ATOM   1090 C CD  . LYS A 1 142 ? -18.355 -2.376  0.860   1.00 61.11  ? 142 LYS A CD  1 
ATOM   1091 C CE  . LYS A 1 142 ? -18.799 -3.692  0.185   1.00 69.26  ? 142 LYS A CE  1 
ATOM   1092 N NZ  . LYS A 1 142 ? -19.219 -3.578  -1.258  1.00 72.42  ? 142 LYS A NZ  1 
ATOM   1093 N N   . GLU A 1 143 ? -15.709 1.018   4.259   1.00 57.75  ? 143 GLU A N   1 
ATOM   1094 C CA  . GLU A 1 143 ? -15.419 2.339   4.829   1.00 60.83  ? 143 GLU A CA  1 
ATOM   1095 C C   . GLU A 1 143 ? -14.716 3.247   3.804   1.00 64.85  ? 143 GLU A C   1 
ATOM   1096 O O   . GLU A 1 143 ? -15.076 4.402   3.618   1.00 69.22  ? 143 GLU A O   1 
ATOM   1097 C CB  . GLU A 1 143 ? -14.543 2.172   6.070   1.00 64.68  ? 143 GLU A CB  1 
ATOM   1098 N N   . THR A 1 144 ? -13.704 2.684   3.148   1.00 65.50  ? 144 THR A N   1 
ATOM   1099 C CA  . THR A 1 144 ? -12.978 3.292   2.039   1.00 63.64  ? 144 THR A CA  1 
ATOM   1100 C C   . THR A 1 144 ? -13.898 3.656   0.876   1.00 61.90  ? 144 THR A C   1 
ATOM   1101 O O   . THR A 1 144 ? -13.746 4.701   0.252   1.00 62.72  ? 144 THR A O   1 
ATOM   1102 C CB  . THR A 1 144 ? -11.871 2.287   1.578   1.00 62.46  ? 144 THR A CB  1 
ATOM   1103 O OG1 . THR A 1 144 ? -10.622 2.609   2.207   1.00 73.82  ? 144 THR A OG1 1 
ATOM   1104 C CG2 . THR A 1 144 ? -11.706 2.228   0.107   1.00 60.75  ? 144 THR A CG2 1 
ATOM   1105 N N   . VAL A 1 145 ? -14.855 2.787   0.574   1.00 65.84  ? 145 VAL A N   1 
ATOM   1106 C CA  . VAL A 1 145 ? -15.806 3.083   -0.499  1.00 69.40  ? 145 VAL A CA  1 
ATOM   1107 C C   . VAL A 1 145 ? -16.596 4.345   -0.172  1.00 63.15  ? 145 VAL A C   1 
ATOM   1108 O O   . VAL A 1 145 ? -16.650 5.280   -0.971  1.00 66.55  ? 145 VAL A O   1 
ATOM   1109 C CB  . VAL A 1 145 ? -16.755 1.894   -0.782  1.00 64.41  ? 145 VAL A CB  1 
ATOM   1110 C CG1 . VAL A 1 145 ? -17.830 2.287   -1.783  1.00 63.03  ? 145 VAL A CG1 1 
ATOM   1111 C CG2 . VAL A 1 145 ? -15.945 0.705   -1.279  1.00 61.82  ? 145 VAL A CG2 1 
ATOM   1112 N N   . GLU A 1 146 ? -17.157 4.388   1.028   1.00 66.21  ? 146 GLU A N   1 
ATOM   1113 C CA  . GLU A 1 146 ? -17.974 5.534   1.443   1.00 70.73  ? 146 GLU A CA  1 
ATOM   1114 C C   . GLU A 1 146 ? -17.155 6.832   1.453   1.00 72.74  ? 146 GLU A C   1 
ATOM   1115 O O   . GLU A 1 146 ? -17.603 7.867   0.952   1.00 73.87  ? 146 GLU A O   1 
ATOM   1116 C CB  . GLU A 1 146 ? -18.623 5.268   2.805   1.00 69.65  ? 146 GLU A CB  1 
ATOM   1117 C CG  . GLU A 1 146 ? -19.483 6.407   3.318   1.00 81.68  ? 146 GLU A CG  1 
ATOM   1118 C CD  . GLU A 1 146 ? -20.057 6.156   4.713   1.00 87.77  ? 146 GLU A CD  1 
ATOM   1119 O OE1 . GLU A 1 146 ? -20.410 7.152   5.390   1.00 90.62  ? 146 GLU A OE1 1 
ATOM   1120 O OE2 . GLU A 1 146 ? -20.163 4.975   5.127   1.00 87.18  ? 146 GLU A OE2 1 
ATOM   1121 N N   . LYS A 1 147 ? -15.941 6.772   1.988   1.00 69.35  ? 147 LYS A N   1 
ATOM   1122 C CA  . LYS A 1 147 ? -15.102 7.965   2.004   1.00 71.41  ? 147 LYS A CA  1 
ATOM   1123 C C   . LYS A 1 147 ? -14.779 8.475   0.597   1.00 72.15  ? 147 LYS A C   1 
ATOM   1124 O O   . LYS A 1 147 ? -14.603 9.685   0.406   1.00 76.63  ? 147 LYS A O   1 
ATOM   1125 C CB  . LYS A 1 147 ? -13.816 7.733   2.810   1.00 67.16  ? 147 LYS A CB  1 
ATOM   1126 N N   . SER A 1 148 ? -14.714 7.573   -0.385  1.00 63.72  ? 148 SER A N   1 
ATOM   1127 C CA  . SER A 1 148 ? -14.295 7.962   -1.735  1.00 62.46  ? 148 SER A CA  1 
ATOM   1128 C C   . SER A 1 148 ? -15.331 8.855   -2.399  1.00 71.43  ? 148 SER A C   1 
ATOM   1129 O O   . SER A 1 148 ? -15.008 9.682   -3.253  1.00 73.20  ? 148 SER A O   1 
ATOM   1130 C CB  . SER A 1 148 ? -14.041 6.735   -2.615  1.00 62.94  ? 148 SER A CB  1 
ATOM   1131 O OG  . SER A 1 148 ? -15.260 6.137   -3.031  1.00 67.05  ? 148 SER A OG  1 
ATOM   1132 N N   . TRP A 1 149 ? -16.585 8.667   -2.015  1.00 69.86  ? 149 TRP A N   1 
ATOM   1133 C CA  . TRP A 1 149 ? -17.656 9.532   -2.483  1.00 77.96  ? 149 TRP A CA  1 
ATOM   1134 C C   . TRP A 1 149 ? -17.463 10.933  -1.908  1.00 87.63  ? 149 TRP A C   1 
ATOM   1135 O O   . TRP A 1 149 ? -17.352 11.928  -2.642  1.00 88.75  ? 149 TRP A O   1 
ATOM   1136 C CB  . TRP A 1 149 ? -18.992 8.958   -2.027  1.00 76.23  ? 149 TRP A CB  1 
ATOM   1137 C CG  . TRP A 1 149 ? -19.229 7.597   -2.593  1.00 71.81  ? 149 TRP A CG  1 
ATOM   1138 C CD1 . TRP A 1 149 ? -18.674 7.082   -3.729  1.00 67.72  ? 149 TRP A CD1 1 
ATOM   1139 C CD2 . TRP A 1 149 ? -20.055 6.565   -2.046  1.00 70.70  ? 149 TRP A CD2 1 
ATOM   1140 N NE1 . TRP A 1 149 ? -19.115 5.799   -3.930  1.00 73.77  ? 149 TRP A NE1 1 
ATOM   1141 C CE2 . TRP A 1 149 ? -19.970 5.458   -2.913  1.00 75.50  ? 149 TRP A CE2 1 
ATOM   1142 C CE3 . TRP A 1 149 ? -20.867 6.469   -0.912  1.00 73.47  ? 149 TRP A CE3 1 
ATOM   1143 C CZ2 . TRP A 1 149 ? -20.665 4.268   -2.682  1.00 71.30  ? 149 TRP A CZ2 1 
ATOM   1144 C CZ3 . TRP A 1 149 ? -21.551 5.279   -0.682  1.00 67.90  ? 149 TRP A CZ3 1 
ATOM   1145 C CH2 . TRP A 1 149 ? -21.451 4.202   -1.564  1.00 63.58  ? 149 TRP A CH2 1 
ATOM   1146 N N   . GLU A 1 150 ? -17.390 10.972  -0.579  1.00 89.48  ? 150 GLU A N   1 
ATOM   1147 C CA  . GLU A 1 150 ? -17.320 12.198  0.216   1.00 90.54  ? 150 GLU A CA  1 
ATOM   1148 C C   . GLU A 1 150 ? -15.958 12.892  0.089   1.00 87.27  ? 150 GLU A C   1 
ATOM   1149 O O   . GLU A 1 150 ? -15.439 13.078  -1.014  1.00 84.29  ? 150 GLU A O   1 
ATOM   1150 C CB  . GLU A 1 150 ? -17.636 11.860  1.690   1.00 86.88  ? 150 GLU A CB  1 
ATOM   1151 C CG  . GLU A 1 150 ? -18.915 10.984  1.870   1.00 88.05  ? 150 GLU A CG  1 
ATOM   1152 C CD  . GLU A 1 150 ? -19.272 10.657  3.338   1.00 97.26  ? 150 GLU A CD  1 
ATOM   1153 O OE1 . GLU A 1 150 ? -18.483 9.956   4.020   1.00 96.16  ? 150 GLU A OE1 1 
ATOM   1154 O OE2 . GLU A 1 150 ? -20.357 11.089  3.809   1.00 94.57  ? 150 GLU A OE2 1 
ATOM   1155 N N   . ILE B 2 1   ? 9.465   6.156   33.474  1.00 96.48  ? -1  ILE B N   1 
ATOM   1156 C CA  . ILE B 2 1   ? 8.576   4.995   33.523  1.00 103.34 ? -1  ILE B CA  1 
ATOM   1157 C C   . ILE B 2 1   ? 8.965   3.973   32.445  1.00 105.29 ? -1  ILE B C   1 
ATOM   1158 O O   . ILE B 2 1   ? 8.462   4.032   31.319  1.00 104.87 ? -1  ILE B O   1 
ATOM   1159 C CB  . ILE B 2 1   ? 7.084   5.407   33.331  1.00 104.22 ? -1  ILE B CB  1 
ATOM   1160 C CG1 . ILE B 2 1   ? 6.721   6.598   34.226  1.00 102.35 ? -1  ILE B CG1 1 
ATOM   1161 C CG2 . ILE B 2 1   ? 6.152   4.226   33.592  1.00 101.39 ? -1  ILE B CG2 1 
ATOM   1162 C CD1 . ILE B 2 1   ? 5.241   6.908   34.255  1.00 97.48  ? -1  ILE B CD1 1 
ATOM   1163 N N   . GLN B 2 2   ? 9.856   3.039   32.775  1.00 97.69  ? 0   GLN B N   1 
ATOM   1164 C CA  . GLN B 2 2   ? 10.378  2.131   31.753  1.00 93.85  ? 0   GLN B CA  1 
ATOM   1165 C C   . GLN B 2 2   ? 10.503  0.668   32.184  1.00 93.22  ? 0   GLN B C   1 
ATOM   1166 O O   . GLN B 2 2   ? 10.676  0.355   33.364  1.00 89.60  ? 0   GLN B O   1 
ATOM   1167 C CB  . GLN B 2 2   ? 11.718  2.638   31.206  1.00 96.50  ? 0   GLN B CB  1 
ATOM   1168 C CG  . GLN B 2 2   ? 12.903  2.392   32.117  1.00 95.71  ? 0   GLN B CG  1 
ATOM   1169 C CD  . GLN B 2 2   ? 14.189  2.946   31.541  1.00 99.63  ? 0   GLN B CD  1 
ATOM   1170 O OE1 . GLN B 2 2   ? 14.177  3.610   30.503  1.00 98.36  ? 0   GLN B OE1 1 
ATOM   1171 N NE2 . GLN B 2 2   ? 15.307  2.680   32.212  1.00 101.96 ? 0   GLN B NE2 1 
ATOM   1172 N N   . MET B 2 3   ? 10.434  -0.223  31.199  1.00 90.41  ? 1   MET B N   1 
ATOM   1173 C CA  . MET B 2 3   ? 10.369  -1.654  31.455  1.00 81.84  ? 1   MET B CA  1 
ATOM   1174 C C   . MET B 2 3   ? 11.181  -2.455  30.436  1.00 84.91  ? 1   MET B C   1 
ATOM   1175 O O   . MET B 2 3   ? 11.420  -2.003  29.319  1.00 80.61  ? 1   MET B O   1 
ATOM   1176 C CB  . MET B 2 3   ? 8.909   -2.110  31.444  1.00 79.15  ? 1   MET B CB  1 
ATOM   1177 C CG  . MET B 2 3   ? 8.108   -1.574  30.280  1.00 78.55  ? 1   MET B CG  1 
ATOM   1178 S SD  . MET B 2 3   ? 6.384   -2.069  30.404  1.00 91.53  ? 1   MET B SD  1 
ATOM   1179 C CE  . MET B 2 3   ? 5.716   -1.402  28.887  1.00 81.21  ? 1   MET B CE  1 
ATOM   1180 N N   . GLN B 2 4   ? 11.614  -3.646  30.834  1.00 82.20  ? 2   GLN B N   1 
ATOM   1181 C CA  . GLN B 2 4   ? 12.292  -4.547  29.920  1.00 77.78  ? 2   GLN B CA  1 
ATOM   1182 C C   . GLN B 2 4   ? 11.240  -5.431  29.272  1.00 75.41  ? 2   GLN B C   1 
ATOM   1183 O O   . GLN B 2 4   ? 10.371  -5.962  29.967  1.00 79.55  ? 2   GLN B O   1 
ATOM   1184 C CB  . GLN B 2 4   ? 13.309  -5.408  30.686  1.00 76.94  ? 2   GLN B CB  1 
ATOM   1185 C CG  . GLN B 2 4   ? 13.886  -6.571  29.876  1.00 73.68  ? 2   GLN B CG  1 
ATOM   1186 C CD  . GLN B 2 4   ? 14.887  -7.419  30.659  1.00 73.06  ? 2   GLN B CD  1 
ATOM   1187 O OE1 . GLN B 2 4   ? 14.627  -7.822  31.793  1.00 73.08  ? 2   GLN B OE1 1 
ATOM   1188 N NE2 . GLN B 2 4   ? 16.035  -7.699  30.048  1.00 73.20  ? 2   GLN B NE2 1 
ATOM   1189 N N   . ILE B 2 5   ? 11.294  -5.579  27.950  1.00 72.41  ? 3   ILE B N   1 
ATOM   1190 C CA  . ILE B 2 5   ? 10.462  -6.574  27.275  1.00 69.21  ? 3   ILE B CA  1 
ATOM   1191 C C   . ILE B 2 5   ? 11.317  -7.472  26.411  1.00 68.42  ? 3   ILE B C   1 
ATOM   1192 O O   . ILE B 2 5   ? 12.455  -7.134  26.107  1.00 68.68  ? 3   ILE B O   1 
ATOM   1193 C CB  . ILE B 2 5   ? 9.340   -5.966  26.382  1.00 67.36  ? 3   ILE B CB  1 
ATOM   1194 C CG1 . ILE B 2 5   ? 9.921   -5.190  25.200  1.00 64.09  ? 3   ILE B CG1 1 
ATOM   1195 C CG2 . ILE B 2 5   ? 8.350   -5.154  27.222  1.00 71.05  ? 3   ILE B CG2 1 
ATOM   1196 C CD1 . ILE B 2 5   ? 8.843   -4.648  24.240  1.00 67.27  ? 3   ILE B CD1 1 
ATOM   1197 N N   . PHE B 2 6   ? 10.757  -8.610  26.013  1.00 65.93  ? 4   PHE B N   1 
ATOM   1198 C CA  . PHE B 2 6   ? 11.445  -9.525  25.131  1.00 61.94  ? 4   PHE B CA  1 
ATOM   1199 C C   . PHE B 2 6   ? 10.702  -9.673  23.825  1.00 64.60  ? 4   PHE B C   1 
ATOM   1200 O O   . PHE B 2 6   ? 9.486   -9.539  23.771  1.00 63.30  ? 4   PHE B O   1 
ATOM   1201 C CB  . PHE B 2 6   ? 11.581  -10.892 25.787  1.00 64.13  ? 4   PHE B CB  1 
ATOM   1202 C CG  . PHE B 2 6   ? 12.320  -10.861 27.074  1.00 66.15  ? 4   PHE B CG  1 
ATOM   1203 C CD1 . PHE B 2 6   ? 13.708  -10.836 27.089  1.00 66.07  ? 4   PHE B CD1 1 
ATOM   1204 C CD2 . PHE B 2 6   ? 11.631  -10.837 28.279  1.00 67.61  ? 4   PHE B CD2 1 
ATOM   1205 C CE1 . PHE B 2 6   ? 14.398  -10.799 28.290  1.00 63.30  ? 4   PHE B CE1 1 
ATOM   1206 C CE2 . PHE B 2 6   ? 12.314  -10.799 29.484  1.00 69.23  ? 4   PHE B CE2 1 
ATOM   1207 C CZ  . PHE B 2 6   ? 13.705  -10.778 29.483  1.00 67.00  ? 4   PHE B CZ  1 
ATOM   1208 N N   . VAL B 2 7   ? 11.453  -9.952  22.770  1.00 61.59  ? 5   VAL B N   1 
ATOM   1209 C CA  . VAL B 2 7   ? 10.889  -10.199 21.452  1.00 66.90  ? 5   VAL B CA  1 
ATOM   1210 C C   . VAL B 2 7   ? 11.538  -11.436 20.880  1.00 62.46  ? 5   VAL B C   1 
ATOM   1211 O O   . VAL B 2 7   ? 12.749  -11.485 20.714  1.00 63.26  ? 5   VAL B O   1 
ATOM   1212 C CB  . VAL B 2 7   ? 11.172  -9.054  20.476  1.00 65.61  ? 5   VAL B CB  1 
ATOM   1213 C CG1 . VAL B 2 7   ? 10.746  -9.462  19.057  1.00 62.49  ? 5   VAL B CG1 1 
ATOM   1214 C CG2 . VAL B 2 7   ? 10.465  -7.779  20.924  1.00 63.06  ? 5   VAL B CG2 1 
ATOM   1215 N N   . LYS B 2 8   ? 10.720  -12.423 20.561  1.00 64.80  ? 6   LYS B N   1 
ATOM   1216 C CA  . LYS B 2 8   ? 11.197  -13.748 20.218  1.00 65.21  ? 6   LYS B CA  1 
ATOM   1217 C C   . LYS B 2 8   ? 10.652  -14.160 18.868  1.00 62.76  ? 6   LYS B C   1 
ATOM   1218 O O   . LYS B 2 8   ? 9.456   -13.980 18.613  1.00 64.82  ? 6   LYS B O   1 
ATOM   1219 C CB  . LYS B 2 8   ? 10.678  -14.706 21.282  1.00 63.23  ? 6   LYS B CB  1 
ATOM   1220 C CG  . LYS B 2 8   ? 11.040  -16.150 21.062  1.00 67.08  ? 6   LYS B CG  1 
ATOM   1221 C CD  . LYS B 2 8   ? 10.519  -16.954 22.247  1.00 67.80  ? 6   LYS B CD  1 
ATOM   1222 C CE  . LYS B 2 8   ? 11.200  -18.289 22.368  1.00 74.00  ? 6   LYS B CE  1 
ATOM   1223 N NZ  . LYS B 2 8   ? 10.791  -18.923 23.657  1.00 81.10  ? 6   LYS B NZ  1 
ATOM   1224 N N   . THR B 2 9   ? 11.502  -14.708 17.999  1.00 65.67  ? 7   THR B N   1 
ATOM   1225 C CA  . THR B 2 9   ? 11.039  -15.213 16.694  1.00 63.31  ? 7   THR B CA  1 
ATOM   1226 C C   . THR B 2 9   ? 10.658  -16.698 16.764  1.00 68.43  ? 7   THR B C   1 
ATOM   1227 O O   . THR B 2 9   ? 10.835  -17.331 17.805  1.00 62.66  ? 7   THR B O   1 
ATOM   1228 C CB  . THR B 2 9   ? 12.069  -14.997 15.546  1.00 68.30  ? 7   THR B CB  1 
ATOM   1229 O OG1 . THR B 2 9   ? 13.166  -15.914 15.678  1.00 67.32  ? 7   THR B OG1 1 
ATOM   1230 C CG2 . THR B 2 9   ? 12.574  -13.552 15.492  1.00 63.13  ? 7   THR B CG2 1 
ATOM   1231 N N   . LEU B 2 10  ? 10.137  -17.248 15.660  1.00 66.86  ? 8   LEU B N   1 
ATOM   1232 C CA  . LEU B 2 10  ? 9.694   -18.650 15.618  1.00 63.07  ? 8   LEU B CA  1 
ATOM   1233 C C   . LEU B 2 10  ? 10.860  -19.622 15.630  1.00 67.34  ? 8   LEU B C   1 
ATOM   1234 O O   . LEU B 2 10  ? 10.679  -20.831 15.751  1.00 69.92  ? 8   LEU B O   1 
ATOM   1235 C CB  . LEU B 2 10  ? 8.837   -18.920 14.374  1.00 67.03  ? 8   LEU B CB  1 
ATOM   1236 C CG  . LEU B 2 10  ? 7.305   -18.775 14.464  1.00 65.75  ? 8   LEU B CG  1 
ATOM   1237 C CD1 . LEU B 2 10  ? 6.789   -19.336 15.774  1.00 63.72  ? 8   LEU B CD1 1 
ATOM   1238 C CD2 . LEU B 2 10  ? 6.838   -17.345 14.278  1.00 72.54  ? 8   LEU B CD2 1 
ATOM   1239 N N   . THR B 2 11  ? 12.058  -19.080 15.469  1.00 64.73  ? 9   THR B N   1 
ATOM   1240 C CA  . THR B 2 11  ? 13.284  -19.859 15.498  1.00 63.71  ? 9   THR B CA  1 
ATOM   1241 C C   . THR B 2 11  ? 13.804  -20.031 16.932  1.00 68.89  ? 9   THR B C   1 
ATOM   1242 O O   . THR B 2 11  ? 14.586  -20.932 17.213  1.00 72.63  ? 9   THR B O   1 
ATOM   1243 C CB  . THR B 2 11  ? 14.343  -19.168 14.602  1.00 66.01  ? 9   THR B CB  1 
ATOM   1244 O OG1 . THR B 2 11  ? 15.062  -20.143 13.850  1.00 79.85  ? 9   THR B OG1 1 
ATOM   1245 C CG2 . THR B 2 11  ? 15.294  -18.328 15.402  1.00 62.68  ? 9   THR B CG2 1 
ATOM   1246 N N   . GLY B 2 12  ? 13.333  -19.184 17.845  1.00 66.16  ? 10  GLY B N   1 
ATOM   1247 C CA  . GLY B 2 12  ? 13.822  -19.178 19.212  1.00 65.13  ? 10  GLY B CA  1 
ATOM   1248 C C   . GLY B 2 12  ? 14.670  -17.944 19.504  1.00 70.67  ? 10  GLY B C   1 
ATOM   1249 O O   . GLY B 2 12  ? 14.822  -17.574 20.659  1.00 66.07  ? 10  GLY B O   1 
ATOM   1250 N N   . LYS B 2 13  ? 15.228  -17.317 18.460  1.00 73.20  ? 11  LYS B N   1 
ATOM   1251 C CA  . LYS B 2 13  ? 16.090  -16.135 18.623  1.00 68.98  ? 11  LYS B CA  1 
ATOM   1252 C C   . LYS B 2 13  ? 15.356  -14.993 19.312  1.00 68.07  ? 11  LYS B C   1 
ATOM   1253 O O   . LYS B 2 13  ? 14.274  -14.574 18.888  1.00 73.38  ? 11  LYS B O   1 
ATOM   1254 C CB  . LYS B 2 13  ? 16.672  -15.655 17.282  1.00 68.77  ? 11  LYS B CB  1 
ATOM   1255 C CG  . LYS B 2 13  ? 17.731  -14.550 17.412  1.00 66.46  ? 11  LYS B CG  1 
ATOM   1256 C CD  . LYS B 2 13  ? 18.070  -13.931 16.042  1.00 74.58  ? 11  LYS B CD  1 
ATOM   1257 C CE  . LYS B 2 13  ? 19.335  -13.073 16.077  1.00 78.07  ? 11  LYS B CE  1 
ATOM   1258 N NZ  . LYS B 2 13  ? 19.362  -12.115 17.226  1.00 85.63  ? 11  LYS B NZ  1 
ATOM   1259 N N   . THR B 2 14  ? 15.981  -14.484 20.362  1.00 59.54  ? 12  THR B N   1 
ATOM   1260 C CA  . THR B 2 14  ? 15.376  -13.570 21.301  1.00 64.53  ? 12  THR B CA  1 
ATOM   1261 C C   . THR B 2 14  ? 16.261  -12.336 21.501  1.00 65.34  ? 12  THR B C   1 
ATOM   1262 O O   . THR B 2 14  ? 17.480  -12.453 21.649  1.00 68.02  ? 12  THR B O   1 
ATOM   1263 C CB  . THR B 2 14  ? 15.206  -14.290 22.670  1.00 68.40  ? 12  THR B CB  1 
ATOM   1264 O OG1 . THR B 2 14  ? 14.510  -15.529 22.473  1.00 71.66  ? 12  THR B OG1 1 
ATOM   1265 C CG2 . THR B 2 14  ? 14.423  -13.443 23.654  1.00 62.48  ? 12  THR B CG2 1 
ATOM   1266 N N   . ILE B 2 15  ? 15.660  -11.149 21.497  1.00 65.66  ? 13  ILE B N   1 
ATOM   1267 C CA  . ILE B 2 15  ? 16.378  -9.961  21.932  1.00 60.33  ? 13  ILE B CA  1 
ATOM   1268 C C   . ILE B 2 15  ? 15.639  -9.336  23.109  1.00 68.81  ? 13  ILE B C   1 
ATOM   1269 O O   . ILE B 2 15  ? 14.458  -9.643  23.359  1.00 64.42  ? 13  ILE B O   1 
ATOM   1270 C CB  . ILE B 2 15  ? 16.542  -8.924  20.822  1.00 63.98  ? 13  ILE B CB  1 
ATOM   1271 C CG1 . ILE B 2 15  ? 15.171  -8.383  20.398  1.00 71.41  ? 13  ILE B CG1 1 
ATOM   1272 C CG2 . ILE B 2 15  ? 17.338  -9.505  19.637  1.00 65.17  ? 13  ILE B CG2 1 
ATOM   1273 C CD1 . ILE B 2 15  ? 15.238  -7.307  19.312  1.00 69.32  ? 13  ILE B CD1 1 
ATOM   1274 N N   . THR B 2 16  ? 16.352  -8.485  23.845  1.00 67.43  ? 14  THR B N   1 
ATOM   1275 C CA  . THR B 2 16  ? 15.770  -7.721  24.940  1.00 67.98  ? 14  THR B CA  1 
ATOM   1276 C C   . THR B 2 16  ? 15.760  -6.239  24.565  1.00 70.88  ? 14  THR B C   1 
ATOM   1277 O O   . THR B 2 16  ? 16.711  -5.731  23.969  1.00 72.94  ? 14  THR B O   1 
ATOM   1278 C CB  . THR B 2 16  ? 16.546  -7.932  26.279  1.00 67.94  ? 14  THR B CB  1 
ATOM   1279 O OG1 . THR B 2 16  ? 15.905  -7.189  27.318  1.00 73.81  ? 14  THR B OG1 1 
ATOM   1280 C CG2 . THR B 2 16  ? 18.003  -7.457  26.188  1.00 64.87  ? 14  THR B CG2 1 
ATOM   1281 N N   . LEU B 2 17  ? 14.679  -5.548  24.901  1.00 73.32  ? 15  LEU B N   1 
ATOM   1282 C CA  . LEU B 2 17  ? 14.572  -4.121  24.631  1.00 69.86  ? 15  LEU B CA  1 
ATOM   1283 C C   . LEU B 2 17  ? 14.129  -3.386  25.881  1.00 71.50  ? 15  LEU B C   1 
ATOM   1284 O O   . LEU B 2 17  ? 13.335  -3.905  26.652  1.00 77.17  ? 15  LEU B O   1 
ATOM   1285 C CB  . LEU B 2 17  ? 13.512  -3.852  23.570  1.00 73.27  ? 15  LEU B CB  1 
ATOM   1286 C CG  . LEU B 2 17  ? 13.589  -4.472  22.189  1.00 71.42  ? 15  LEU B CG  1 
ATOM   1287 C CD1 . LEU B 2 17  ? 12.356  -4.048  21.416  1.00 70.45  ? 15  LEU B CD1 1 
ATOM   1288 C CD2 . LEU B 2 17  ? 14.852  -4.022  21.490  1.00 76.88  ? 15  LEU B CD2 1 
ATOM   1289 N N   . GLU B 2 18  ? 14.630  -2.171  26.072  1.00 74.59  ? 16  GLU B N   1 
ATOM   1290 C CA  . GLU B 2 18  ? 14.042  -1.266  27.050  1.00 80.02  ? 16  GLU B CA  1 
ATOM   1291 C C   . GLU B 2 18  ? 13.084  -0.335  26.300  1.00 83.46  ? 16  GLU B C   1 
ATOM   1292 O O   . GLU B 2 18  ? 13.435  0.235   25.261  1.00 84.21  ? 16  GLU B O   1 
ATOM   1293 C CB  . GLU B 2 18  ? 15.121  -0.472  27.794  1.00 80.51  ? 16  GLU B CB  1 
ATOM   1294 N N   . VAL B 2 19  ? 11.866  -0.210  26.811  1.00 75.38  ? 17  VAL B N   1 
ATOM   1295 C CA  . VAL B 2 19  ? 10.833  0.568   26.152  1.00 83.43  ? 17  VAL B CA  1 
ATOM   1296 C C   . VAL B 2 19  ? 10.088  1.361   27.212  1.00 86.03  ? 17  VAL B C   1 
ATOM   1297 O O   . VAL B 2 19  ? 10.428  1.294   28.392  1.00 86.48  ? 17  VAL B O   1 
ATOM   1298 C CB  . VAL B 2 19  ? 9.815   -0.353  25.438  1.00 80.32  ? 17  VAL B CB  1 
ATOM   1299 C CG1 . VAL B 2 19  ? 10.471  -1.117  24.302  1.00 75.70  ? 17  VAL B CG1 1 
ATOM   1300 C CG2 . VAL B 2 19  ? 9.200   -1.321  26.430  1.00 79.82  ? 17  VAL B CG2 1 
ATOM   1301 N N   . GLU B 2 20  ? 9.072   2.110   26.801  1.00 79.19  ? 18  GLU B N   1 
ATOM   1302 C CA  . GLU B 2 20  ? 8.147   2.700   27.763  1.00 84.36  ? 18  GLU B CA  1 
ATOM   1303 C C   . GLU B 2 20  ? 6.709   2.322   27.376  1.00 83.69  ? 18  GLU B C   1 
ATOM   1304 O O   . GLU B 2 20  ? 6.443   2.024   26.216  1.00 87.95  ? 18  GLU B O   1 
ATOM   1305 C CB  . GLU B 2 20  ? 8.345   4.219   27.863  1.00 81.90  ? 18  GLU B CB  1 
ATOM   1306 N N   . PRO B 2 21  ? 5.780   2.302   28.346  1.00 84.61  ? 19  PRO B N   1 
ATOM   1307 C CA  . PRO B 2 21  ? 4.395   1.912   28.043  1.00 85.51  ? 19  PRO B CA  1 
ATOM   1308 C C   . PRO B 2 21  ? 3.732   2.757   26.949  1.00 88.81  ? 19  PRO B C   1 
ATOM   1309 O O   . PRO B 2 21  ? 2.755   2.324   26.325  1.00 87.97  ? 19  PRO B O   1 
ATOM   1310 C CB  . PRO B 2 21  ? 3.681   2.129   29.380  1.00 86.89  ? 19  PRO B CB  1 
ATOM   1311 C CG  . PRO B 2 21  ? 4.750   1.941   30.399  1.00 89.15  ? 19  PRO B CG  1 
ATOM   1312 C CD  . PRO B 2 21  ? 5.979   2.539   29.788  1.00 84.90  ? 19  PRO B CD  1 
ATOM   1313 N N   . SER B 2 22  ? 4.265   3.949   26.712  1.00 89.25  ? 20  SER B N   1 
ATOM   1314 C CA  . SER B 2 22  ? 3.686   4.851   25.728  1.00 86.67  ? 20  SER B CA  1 
ATOM   1315 C C   . SER B 2 22  ? 4.411   4.870   24.377  1.00 84.83  ? 20  SER B C   1 
ATOM   1316 O O   . SER B 2 22  ? 4.004   5.602   23.482  1.00 90.59  ? 20  SER B O   1 
ATOM   1317 C CB  . SER B 2 22  ? 3.555   6.264   26.308  1.00 88.35  ? 20  SER B CB  1 
ATOM   1318 O OG  . SER B 2 22  ? 4.689   6.603   27.090  1.00 91.34  ? 20  SER B OG  1 
ATOM   1319 N N   . ASP B 2 23  ? 5.467   4.071   24.218  1.00 85.89  ? 21  ASP B N   1 
ATOM   1320 C CA  . ASP B 2 23  ? 6.095   3.879   22.901  1.00 84.16  ? 21  ASP B CA  1 
ATOM   1321 C C   . ASP B 2 23  ? 5.086   3.263   21.940  1.00 83.64  ? 21  ASP B C   1 
ATOM   1322 O O   . ASP B 2 23  ? 4.224   2.489   22.348  1.00 84.53  ? 21  ASP B O   1 
ATOM   1323 C CB  . ASP B 2 23  ? 7.307   2.930   22.972  1.00 90.28  ? 21  ASP B CB  1 
ATOM   1324 C CG  . ASP B 2 23  ? 8.405   3.419   23.910  1.00 91.71  ? 21  ASP B CG  1 
ATOM   1325 O OD1 . ASP B 2 23  ? 8.125   4.278   24.771  1.00 90.77  ? 21  ASP B OD1 1 
ATOM   1326 O OD2 . ASP B 2 23  ? 9.552   2.927   23.790  1.00 89.98  ? 21  ASP B OD2 1 
ATOM   1327 N N   . THR B 2 24  ? 5.204   3.577   20.659  1.00 84.62  ? 22  THR B N   1 
ATOM   1328 C CA  . THR B 2 24  ? 4.299   3.013   19.675  1.00 81.61  ? 22  THR B CA  1 
ATOM   1329 C C   . THR B 2 24  ? 4.845   1.715   19.118  1.00 84.68  ? 22  THR B C   1 
ATOM   1330 O O   . THR B 2 24  ? 6.046   1.450   19.190  1.00 84.37  ? 22  THR B O   1 
ATOM   1331 C CB  . THR B 2 24  ? 4.146   3.940   18.486  1.00 84.41  ? 22  THR B CB  1 
ATOM   1332 O OG1 . THR B 2 24  ? 5.455   4.316   18.033  1.00 80.66  ? 22  THR B OG1 1 
ATOM   1333 C CG2 . THR B 2 24  ? 3.355   5.170   18.878  1.00 89.39  ? 22  THR B CG2 1 
ATOM   1334 N N   . ILE B 2 25  ? 3.952   0.937   18.516  1.00 82.73  ? 23  ILE B N   1 
ATOM   1335 C CA  . ILE B 2 25  ? 4.311   -0.299  17.850  1.00 81.59  ? 23  ILE B CA  1 
ATOM   1336 C C   . ILE B 2 25  ? 5.304   0.004   16.740  1.00 83.61  ? 23  ILE B C   1 
ATOM   1337 O O   . ILE B 2 25  ? 6.213   -0.789  16.453  1.00 79.53  ? 23  ILE B O   1 
ATOM   1338 C CB  . ILE B 2 25  ? 3.063   -0.958  17.265  1.00 81.28  ? 23  ILE B CB  1 
ATOM   1339 C CG1 . ILE B 2 25  ? 2.049   -1.213  18.382  1.00 84.33  ? 23  ILE B CG1 1 
ATOM   1340 C CG2 . ILE B 2 25  ? 3.426   -2.231  16.507  1.00 84.14  ? 23  ILE B CG2 1 
ATOM   1341 C CD1 . ILE B 2 25  ? 2.676   -1.704  19.709  1.00 81.58  ? 23  ILE B CD1 1 
ATOM   1342 N N   . GLU B 2 26  ? 5.124   1.164   16.118  1.00 84.59  ? 24  GLU B N   1 
ATOM   1343 C CA  . GLU B 2 26  ? 6.065   1.634   15.116  1.00 81.79  ? 24  GLU B CA  1 
ATOM   1344 C C   . GLU B 2 26  ? 7.448   1.893   15.754  1.00 74.95  ? 24  GLU B C   1 
ATOM   1345 O O   . GLU B 2 26  ? 8.453   1.422   15.245  1.00 75.34  ? 24  GLU B O   1 
ATOM   1346 C CB  . GLU B 2 26  ? 5.516   2.875   14.396  1.00 81.73  ? 24  GLU B CB  1 
ATOM   1347 N N   . ASN B 2 27  ? 7.495   2.619   16.867  1.00 76.21  ? 25  ASN B N   1 
ATOM   1348 C CA  . ASN B 2 27  ? 8.759   2.848   17.565  1.00 77.98  ? 25  ASN B CA  1 
ATOM   1349 C C   . ASN B 2 27  ? 9.460   1.526   17.904  1.00 79.41  ? 25  ASN B C   1 
ATOM   1350 O O   . ASN B 2 27  ? 10.665  1.365   17.672  1.00 76.52  ? 25  ASN B O   1 
ATOM   1351 C CB  . ASN B 2 27  ? 8.535   3.672   18.832  1.00 76.48  ? 25  ASN B CB  1 
ATOM   1352 N N   . VAL B 2 28  ? 8.686   0.572   18.416  1.00 78.99  ? 26  VAL B N   1 
ATOM   1353 C CA  . VAL B 2 28  ? 9.195   -0.756  18.762  1.00 74.95  ? 26  VAL B CA  1 
ATOM   1354 C C   . VAL B 2 28  ? 9.733   -1.514  17.555  1.00 70.48  ? 26  VAL B C   1 
ATOM   1355 O O   . VAL B 2 28  ? 10.755  -2.190  17.655  1.00 69.19  ? 26  VAL B O   1 
ATOM   1356 C CB  . VAL B 2 28  ? 8.110   -1.613  19.451  1.00 76.11  ? 26  VAL B CB  1 
ATOM   1357 C CG1 . VAL B 2 28  ? 8.592   -3.044  19.641  1.00 64.62  ? 26  VAL B CG1 1 
ATOM   1358 C CG2 . VAL B 2 28  ? 7.719   -0.991  20.778  1.00 75.06  ? 26  VAL B CG2 1 
ATOM   1359 N N   . LYS B 2 29  ? 9.059   -1.404  16.411  1.00 74.51  ? 27  LYS B N   1 
ATOM   1360 C CA  . LYS B 2 29  ? 9.534   -2.093  15.203  1.00 71.36  ? 27  LYS B CA  1 
ATOM   1361 C C   . LYS B 2 29  ? 10.856  -1.508  14.702  1.00 73.40  ? 27  LYS B C   1 
ATOM   1362 O O   . LYS B 2 29  ? 11.670  -2.217  14.093  1.00 68.27  ? 27  LYS B O   1 
ATOM   1363 C CB  . LYS B 2 29  ? 8.492   -2.053  14.090  1.00 69.44  ? 27  LYS B CB  1 
ATOM   1364 C CG  . LYS B 2 29  ? 7.357   -3.032  14.252  1.00 73.55  ? 27  LYS B CG  1 
ATOM   1365 C CD  . LYS B 2 29  ? 6.289   -2.824  13.190  1.00 78.09  ? 27  LYS B CD  1 
ATOM   1366 C CE  . LYS B 2 29  ? 5.141   -3.818  13.352  1.00 82.71  ? 27  LYS B CE  1 
ATOM   1367 N NZ  . LYS B 2 29  ? 4.096   -3.685  12.275  1.00 88.45  ? 27  LYS B NZ  1 
ATOM   1368 N N   . ALA B 2 30  ? 11.066  -0.216  14.961  1.00 72.43  ? 28  ALA B N   1 
ATOM   1369 C CA  . ALA B 2 30  ? 12.297  0.453   14.539  1.00 72.86  ? 28  ALA B CA  1 
ATOM   1370 C C   . ALA B 2 30  ? 13.470  -0.034  15.379  1.00 70.30  ? 28  ALA B C   1 
ATOM   1371 O O   . ALA B 2 30  ? 14.544  -0.352  14.852  1.00 70.47  ? 28  ALA B O   1 
ATOM   1372 C CB  . ALA B 2 30  ? 12.148  1.981   14.638  1.00 72.22  ? 28  ALA B CB  1 
ATOM   1373 N N   . LYS B 2 31  ? 13.251  -0.101  16.692  1.00 70.88  ? 29  LYS B N   1 
ATOM   1374 C CA  . LYS B 2 31  ? 14.249  -0.644  17.613  1.00 71.11  ? 29  LYS B CA  1 
ATOM   1375 C C   . LYS B 2 31  ? 14.665  -2.054  17.180  1.00 75.58  ? 29  LYS B C   1 
ATOM   1376 O O   . LYS B 2 31  ? 15.857  -2.393  17.186  1.00 77.09  ? 29  LYS B O   1 
ATOM   1377 C CB  . LYS B 2 31  ? 13.721  -0.653  19.050  1.00 74.57  ? 29  LYS B CB  1 
ATOM   1378 N N   . ILE B 2 32  ? 13.687  -2.857  16.768  1.00 73.44  ? 30  ILE B N   1 
ATOM   1379 C CA  . ILE B 2 32  ? 13.965  -4.211  16.293  1.00 73.47  ? 30  ILE B CA  1 
ATOM   1380 C C   . ILE B 2 32  ? 14.786  -4.176  15.018  1.00 73.97  ? 30  ILE B C   1 
ATOM   1381 O O   . ILE B 2 32  ? 15.731  -4.959  14.869  1.00 73.23  ? 30  ILE B O   1 
ATOM   1382 C CB  . ILE B 2 32  ? 12.675  -5.007  16.017  1.00 69.81  ? 30  ILE B CB  1 
ATOM   1383 C CG1 . ILE B 2 32  ? 11.877  -5.187  17.310  1.00 70.46  ? 30  ILE B CG1 1 
ATOM   1384 C CG2 . ILE B 2 32  ? 13.007  -6.340  15.400  1.00 65.79  ? 30  ILE B CG2 1 
ATOM   1385 C CD1 . ILE B 2 32  ? 10.427  -5.588  17.075  1.00 69.23  ? 30  ILE B CD1 1 
ATOM   1386 N N   . GLN B 2 33  ? 14.428  -3.274  14.103  1.00 66.45  ? 31  GLN B N   1 
ATOM   1387 C CA  . GLN B 2 33  ? 15.193  -3.123  12.875  1.00 70.39  ? 31  GLN B CA  1 
ATOM   1388 C C   . GLN B 2 33  ? 16.643  -2.805  13.193  1.00 72.17  ? 31  GLN B C   1 
ATOM   1389 O O   . GLN B 2 33  ? 17.554  -3.422  12.662  1.00 76.70  ? 31  GLN B O   1 
ATOM   1390 C CB  . GLN B 2 33  ? 14.632  -2.012  11.977  1.00 75.02  ? 31  GLN B CB  1 
ATOM   1391 C CG  . GLN B 2 33  ? 15.388  -1.929  10.649  1.00 74.73  ? 31  GLN B CG  1 
ATOM   1392 C CD  . GLN B 2 33  ? 15.063  -0.702  9.819   1.00 76.62  ? 31  GLN B CD  1 
ATOM   1393 O OE1 . GLN B 2 33  ? 14.450  0.255   10.295  1.00 74.71  ? 31  GLN B OE1 1 
ATOM   1394 N NE2 . GLN B 2 33  ? 15.487  -0.728  8.563   1.00 72.60  ? 31  GLN B NE2 1 
ATOM   1395 N N   . ASP B 2 34  ? 16.852  -1.827  14.059  1.00 74.17  ? 32  ASP B N   1 
ATOM   1396 C CA  . ASP B 2 34  ? 18.202  -1.486  14.490  1.00 77.02  ? 32  ASP B CA  1 
ATOM   1397 C C   . ASP B 2 34  ? 18.926  -2.684  15.125  1.00 79.20  ? 32  ASP B C   1 
ATOM   1398 O O   . ASP B 2 34  ? 20.123  -2.895  14.902  1.00 80.56  ? 32  ASP B O   1 
ATOM   1399 C CB  . ASP B 2 34  ? 18.165  -0.296  15.463  1.00 73.28  ? 32  ASP B CB  1 
ATOM   1400 C CG  . ASP B 2 34  ? 17.580  0.971   14.830  1.00 81.81  ? 32  ASP B CG  1 
ATOM   1401 O OD1 . ASP B 2 34  ? 17.552  1.066   13.579  1.00 84.34  ? 32  ASP B OD1 1 
ATOM   1402 O OD2 . ASP B 2 34  ? 17.157  1.881   15.578  1.00 80.92  ? 32  ASP B OD2 1 
ATOM   1403 N N   . LYS B 2 35  ? 18.197  -3.472  15.909  1.00 77.10  ? 33  LYS B N   1 
ATOM   1404 C CA  . LYS B 2 35  ? 18.831  -4.522  16.706  1.00 81.78  ? 33  LYS B CA  1 
ATOM   1405 C C   . LYS B 2 35  ? 18.955  -5.864  15.968  1.00 79.70  ? 33  LYS B C   1 
ATOM   1406 O O   . LYS B 2 35  ? 19.794  -6.689  16.327  1.00 86.41  ? 33  LYS B O   1 
ATOM   1407 C CB  . LYS B 2 35  ? 18.140  -4.676  18.078  1.00 73.69  ? 33  LYS B CB  1 
ATOM   1408 C CG  . LYS B 2 35  ? 18.813  -5.662  19.033  1.00 80.13  ? 33  LYS B CG  1 
ATOM   1409 C CD  . LYS B 2 35  ? 18.445  -5.394  20.515  1.00 79.86  ? 33  LYS B CD  1 
ATOM   1410 C CE  . LYS B 2 35  ? 19.631  -4.815  21.314  1.00 74.98  ? 33  LYS B CE  1 
ATOM   1411 N NZ  . LYS B 2 35  ? 19.231  -4.358  22.691  1.00 81.54  ? 33  LYS B NZ  1 
ATOM   1412 N N   . GLU B 2 36  ? 18.147  -6.077  14.934  1.00 79.35  ? 34  GLU B N   1 
ATOM   1413 C CA  . GLU B 2 36  ? 18.213  -7.340  14.185  1.00 77.92  ? 34  GLU B CA  1 
ATOM   1414 C C   . GLU B 2 36  ? 18.272  -7.160  12.675  1.00 78.76  ? 34  GLU B C   1 
ATOM   1415 O O   . GLU B 2 36  ? 18.340  -8.140  11.936  1.00 83.67  ? 34  GLU B O   1 
ATOM   1416 C CB  . GLU B 2 36  ? 17.067  -8.287  14.561  1.00 74.86  ? 34  GLU B CB  1 
ATOM   1417 N N   . GLY B 2 37  ? 18.242  -5.915  12.210  1.00 79.96  ? 35  GLY B N   1 
ATOM   1418 C CA  . GLY B 2 37  ? 18.434  -5.637  10.795  1.00 77.49  ? 35  GLY B CA  1 
ATOM   1419 C C   . GLY B 2 37  ? 17.251  -5.943  9.896   1.00 78.82  ? 35  GLY B C   1 
ATOM   1420 O O   . GLY B 2 37  ? 17.413  -6.102  8.683   1.00 82.14  ? 35  GLY B O   1 
ATOM   1421 N N   . ILE B 2 38  ? 16.058  -5.998  10.480  1.00 77.21  ? 36  ILE B N   1 
ATOM   1422 C CA  . ILE B 2 38  ? 14.846  -6.334  9.723   1.00 78.53  ? 36  ILE B CA  1 
ATOM   1423 C C   . ILE B 2 38  ? 13.902  -5.157  9.499   1.00 73.96  ? 36  ILE B C   1 
ATOM   1424 O O   . ILE B 2 38  ? 13.381  -4.583  10.461  1.00 70.91  ? 36  ILE B O   1 
ATOM   1425 C CB  . ILE B 2 38  ? 14.024  -7.391  10.446  1.00 79.85  ? 36  ILE B CB  1 
ATOM   1426 C CG1 . ILE B 2 38  ? 14.932  -8.498  10.984  1.00 83.14  ? 36  ILE B CG1 1 
ATOM   1427 C CG2 . ILE B 2 38  ? 12.954  -7.924  9.520   1.00 75.87  ? 36  ILE B CG2 1 
ATOM   1428 C CD1 . ILE B 2 38  ? 14.340  -9.232  12.173  1.00 81.50  ? 36  ILE B CD1 1 
ATOM   1429 N N   . PRO B 2 39  ? 13.650  -4.819  8.224   1.00 75.62  ? 37  PRO B N   1 
ATOM   1430 C CA  . PRO B 2 39  ? 12.789  -3.677  7.902   1.00 76.04  ? 37  PRO B CA  1 
ATOM   1431 C C   . PRO B 2 39  ? 11.418  -3.900  8.482   1.00 71.09  ? 37  PRO B C   1 
ATOM   1432 O O   . PRO B 2 39  ? 10.916  -5.016  8.403   1.00 76.86  ? 37  PRO B O   1 
ATOM   1433 C CB  . PRO B 2 39  ? 12.741  -3.700  6.371   1.00 76.70  ? 37  PRO B CB  1 
ATOM   1434 C CG  . PRO B 2 39  ? 14.030  -4.353  5.978   1.00 78.97  ? 37  PRO B CG  1 
ATOM   1435 C CD  . PRO B 2 39  ? 14.245  -5.416  7.017   1.00 75.54  ? 37  PRO B CD  1 
ATOM   1436 N N   . PRO B 2 40  ? 10.845  -2.866  9.105   1.00 69.44  ? 38  PRO B N   1 
ATOM   1437 C CA  . PRO B 2 40  ? 9.554   -2.891  9.795   1.00 74.05  ? 38  PRO B CA  1 
ATOM   1438 C C   . PRO B 2 40  ? 8.412   -3.441  8.964   1.00 78.42  ? 38  PRO B C   1 
ATOM   1439 O O   . PRO B 2 40  ? 7.406   -3.862  9.545   1.00 77.47  ? 38  PRO B O   1 
ATOM   1440 C CB  . PRO B 2 40  ? 9.308   -1.420  10.102  1.00 73.35  ? 38  PRO B CB  1 
ATOM   1441 C CG  . PRO B 2 40  ? 10.679  -0.894  10.347  1.00 72.76  ? 38  PRO B CG  1 
ATOM   1442 C CD  . PRO B 2 40  ? 11.574  -1.616  9.376   1.00 73.84  ? 38  PRO B CD  1 
ATOM   1443 N N   . ASP B 2 41  ? 8.554   -3.441  7.638   1.00 77.80  ? 39  ASP B N   1 
ATOM   1444 C CA  . ASP B 2 41  ? 7.470   -3.898  6.771   1.00 79.39  ? 39  ASP B CA  1 
ATOM   1445 C C   . ASP B 2 41  ? 7.456   -5.419  6.708   1.00 77.16  ? 39  ASP B C   1 
ATOM   1446 O O   . ASP B 2 41  ? 6.447   -6.025  6.354   1.00 84.86  ? 39  ASP B O   1 
ATOM   1447 C CB  . ASP B 2 41  ? 7.580   -3.283  5.366   1.00 77.59  ? 39  ASP B CB  1 
ATOM   1448 N N   . GLN B 2 42  ? 8.578   -6.032  7.064   1.00 75.33  ? 40  GLN B N   1 
ATOM   1449 C CA  . GLN B 2 42  ? 8.667   -7.485  7.123   1.00 78.84  ? 40  GLN B CA  1 
ATOM   1450 C C   . GLN B 2 42  ? 8.432   -8.071  8.528   1.00 77.99  ? 40  GLN B C   1 
ATOM   1451 O O   . GLN B 2 42  ? 8.611   -9.270  8.735   1.00 81.42  ? 40  GLN B O   1 
ATOM   1452 C CB  . GLN B 2 42  ? 10.015  -7.944  6.592   1.00 77.12  ? 40  GLN B CB  1 
ATOM   1453 C CG  . GLN B 2 42  ? 10.319  -7.430  5.202   1.00 85.81  ? 40  GLN B CG  1 
ATOM   1454 C CD  . GLN B 2 42  ? 11.457  -8.180  4.546   1.00 92.60  ? 40  GLN B CD  1 
ATOM   1455 O OE1 . GLN B 2 42  ? 12.398  -7.575  4.030   1.00 94.88  ? 40  GLN B OE1 1 
ATOM   1456 N NE2 . GLN B 2 42  ? 11.376  -9.508  4.557   1.00 94.64  ? 40  GLN B NE2 1 
ATOM   1457 N N   . GLN B 2 43  ? 8.041   -7.230  9.481   1.00 72.37  ? 41  GLN B N   1 
ATOM   1458 C CA  . GLN B 2 43  ? 7.787   -7.677  10.853  1.00 76.32  ? 41  GLN B CA  1 
ATOM   1459 C C   . GLN B 2 43  ? 6.287   -7.811  11.112  1.00 77.96  ? 41  GLN B C   1 
ATOM   1460 O O   . GLN B 2 43  ? 5.516   -6.923  10.772  1.00 77.92  ? 41  GLN B O   1 
ATOM   1461 C CB  . GLN B 2 43  ? 8.372   -6.691  11.884  1.00 74.37  ? 41  GLN B CB  1 
ATOM   1462 C CG  . GLN B 2 43  ? 9.894   -6.550  11.889  1.00 72.91  ? 41  GLN B CG  1 
ATOM   1463 C CD  . GLN B 2 43  ? 10.364  -5.477  12.851  1.00 72.11  ? 41  GLN B CD  1 
ATOM   1464 O OE1 . GLN B 2 43  ? 9.695   -5.171  13.828  1.00 74.79  ? 41  GLN B OE1 1 
ATOM   1465 N NE2 . GLN B 2 43  ? 11.510  -4.888  12.568  1.00 78.91  ? 41  GLN B NE2 1 
ATOM   1466 N N   . ARG B 2 44  ? 5.885   -8.927  11.715  1.00 77.88  ? 42  ARG B N   1 
ATOM   1467 C CA  . ARG B 2 44  ? 4.546   -9.091  12.255  1.00 70.22  ? 42  ARG B CA  1 
ATOM   1468 C C   . ARG B 2 44  ? 4.730   -9.364  13.733  1.00 70.79  ? 42  ARG B C   1 
ATOM   1469 O O   . ARG B 2 44  ? 5.352   -10.363 14.093  1.00 66.43  ? 42  ARG B O   1 
ATOM   1470 C CB  . ARG B 2 44  ? 3.873   -10.300 11.622  1.00 71.76  ? 42  ARG B CB  1 
ATOM   1471 C CG  . ARG B 2 44  ? 4.022   -10.377 10.133  1.00 74.44  ? 42  ARG B CG  1 
ATOM   1472 C CD  . ARG B 2 44  ? 3.321   -9.211  9.450   1.00 79.08  ? 42  ARG B CD  1 
ATOM   1473 N NE  . ARG B 2 44  ? 3.223   -9.422  8.003   1.00 86.86  ? 42  ARG B NE  1 
ATOM   1474 C CZ  . ARG B 2 44  ? 3.970   -8.802  7.088   1.00 84.86  ? 42  ARG B CZ  1 
ATOM   1475 N NH1 . ARG B 2 44  ? 4.876   -7.901  7.458   1.00 81.59  ? 42  ARG B NH1 1 
ATOM   1476 N NH2 . ARG B 2 44  ? 3.802   -9.076  5.796   1.00 82.35  ? 42  ARG B NH2 1 
ATOM   1477 N N   . LEU B 2 45  ? 4.199   -8.493  14.588  1.00 63.09  ? 43  LEU B N   1 
ATOM   1478 C CA  . LEU B 2 45  ? 4.303   -8.681  16.031  1.00 65.69  ? 43  LEU B CA  1 
ATOM   1479 C C   . LEU B 2 45  ? 3.000   -9.171  16.641  1.00 72.74  ? 43  LEU B C   1 
ATOM   1480 O O   . LEU B 2 45  ? 1.946   -8.568  16.447  1.00 73.87  ? 43  LEU B O   1 
ATOM   1481 C CB  . LEU B 2 45  ? 4.742   -7.393  16.730  1.00 64.92  ? 43  LEU B CB  1 
ATOM   1482 C CG  . LEU B 2 45  ? 6.137   -6.859  16.404  1.00 70.40  ? 43  LEU B CG  1 
ATOM   1483 C CD1 . LEU B 2 45  ? 6.316   -5.459  16.987  1.00 71.72  ? 43  LEU B CD1 1 
ATOM   1484 C CD2 . LEU B 2 45  ? 7.204   -7.794  16.942  1.00 69.41  ? 43  LEU B CD2 1 
ATOM   1485 N N   . ILE B 2 46  ? 3.084   -10.260 17.396  1.00 70.10  ? 44  ILE B N   1 
ATOM   1486 C CA  . ILE B 2 46  ? 1.921   -10.821 18.065  1.00 66.57  ? 44  ILE B CA  1 
ATOM   1487 C C   . ILE B 2 46  ? 2.097   -10.843 19.585  1.00 71.66  ? 44  ILE B C   1 
ATOM   1488 O O   . ILE B 2 46  ? 3.177   -11.123 20.096  1.00 67.37  ? 44  ILE B O   1 
ATOM   1489 C CB  . ILE B 2 46  ? 1.625   -12.240 17.554  1.00 67.89  ? 44  ILE B CB  1 
ATOM   1490 C CG1 . ILE B 2 46  ? 1.645   -12.253 16.031  1.00 64.37  ? 44  ILE B CG1 1 
ATOM   1491 C CG2 . ILE B 2 46  ? 0.289   -12.745 18.094  1.00 76.51  ? 44  ILE B CG2 1 
ATOM   1492 C CD1 . ILE B 2 46  ? 1.601   -13.612 15.451  1.00 78.20  ? 44  ILE B CD1 1 
ATOM   1493 N N   . PHE B 2 47  ? 1.021   -10.529 20.293  1.00 70.47  ? 45  PHE B N   1 
ATOM   1494 C CA  . PHE B 2 47  ? 0.982   -10.578 21.737  1.00 72.72  ? 45  PHE B CA  1 
ATOM   1495 C C   . PHE B 2 47  ? -0.454  -10.876 22.148  1.00 75.24  ? 45  PHE B C   1 
ATOM   1496 O O   . PHE B 2 47  ? -1.386  -10.203 21.691  1.00 73.30  ? 45  PHE B O   1 
ATOM   1497 C CB  . PHE B 2 47  ? 1.416   -9.236  22.303  1.00 73.40  ? 45  PHE B CB  1 
ATOM   1498 C CG  . PHE B 2 47  ? 1.383   -9.168  23.800  1.00 77.25  ? 45  PHE B CG  1 
ATOM   1499 C CD1 . PHE B 2 47  ? 2.418   -9.696  24.552  1.00 76.33  ? 45  PHE B CD1 1 
ATOM   1500 C CD2 . PHE B 2 47  ? 0.329   -8.561  24.453  1.00 78.45  ? 45  PHE B CD2 1 
ATOM   1501 C CE1 . PHE B 2 47  ? 2.394   -9.619  25.924  1.00 72.98  ? 45  PHE B CE1 1 
ATOM   1502 C CE2 . PHE B 2 47  ? 0.295   -8.484  25.821  1.00 74.84  ? 45  PHE B CE2 1 
ATOM   1503 C CZ  . PHE B 2 47  ? 1.331   -9.008  26.560  1.00 83.23  ? 45  PHE B CZ  1 
ATOM   1504 N N   . ALA B 2 48  ? -0.630  -11.884 22.998  1.00 77.91  ? 46  ALA B N   1 
ATOM   1505 C CA  . ALA B 2 48  ? -1.963  -12.373 23.386  1.00 79.87  ? 46  ALA B CA  1 
ATOM   1506 C C   . ALA B 2 48  ? -2.925  -12.528 22.208  1.00 81.52  ? 46  ALA B C   1 
ATOM   1507 O O   . ALA B 2 48  ? -4.083  -12.115 22.293  1.00 82.39  ? 46  ALA B O   1 
ATOM   1508 C CB  . ALA B 2 48  ? -2.582  -11.472 24.443  1.00 81.99  ? 46  ALA B CB  1 
ATOM   1509 N N   . GLY B 2 49  ? -2.431  -13.090 21.106  1.00 80.90  ? 47  GLY B N   1 
ATOM   1510 C CA  . GLY B 2 49  ? -3.267  -13.399 19.960  1.00 80.45  ? 47  GLY B CA  1 
ATOM   1511 C C   . GLY B 2 49  ? -3.513  -12.249 19.003  1.00 83.35  ? 47  GLY B C   1 
ATOM   1512 O O   . GLY B 2 49  ? -3.771  -12.457 17.814  1.00 86.12  ? 47  GLY B O   1 
ATOM   1513 N N   . LYS B 2 50  ? -3.437  -11.029 19.518  1.00 82.93  ? 48  LYS B N   1 
ATOM   1514 C CA  . LYS B 2 50  ? -3.659  -9.848  18.701  1.00 77.52  ? 48  LYS B CA  1 
ATOM   1515 C C   . LYS B 2 50  ? -2.379  -9.507  17.933  1.00 76.28  ? 48  LYS B C   1 
ATOM   1516 O O   . LYS B 2 50  ? -1.290  -9.559  18.499  1.00 75.23  ? 48  LYS B O   1 
ATOM   1517 C CB  . LYS B 2 50  ? -4.086  -8.683  19.597  1.00 77.64  ? 48  LYS B CB  1 
ATOM   1518 N N   . GLN B 2 51  ? -2.497  -9.188  16.645  1.00 78.36  ? 49  GLN B N   1 
ATOM   1519 C CA  . GLN B 2 51  ? -1.357  -8.638  15.902  1.00 79.99  ? 49  GLN B CA  1 
ATOM   1520 C C   . GLN B 2 51  ? -1.265  -7.143  16.178  1.00 82.17  ? 49  GLN B C   1 
ATOM   1521 O O   . GLN B 2 51  ? -2.283  -6.460  16.218  1.00 87.09  ? 49  GLN B O   1 
ATOM   1522 C CB  . GLN B 2 51  ? -1.466  -8.886  14.392  1.00 80.20  ? 49  GLN B CB  1 
ATOM   1523 C CG  . GLN B 2 51  ? -0.503  -8.012  13.572  1.00 80.01  ? 49  GLN B CG  1 
ATOM   1524 C CD  . GLN B 2 51  ? -0.296  -8.497  12.150  1.00 86.64  ? 49  GLN B CD  1 
ATOM   1525 O OE1 . GLN B 2 51  ? -0.211  -9.697  11.897  1.00 89.92  ? 49  GLN B OE1 1 
ATOM   1526 N NE2 . GLN B 2 51  ? -0.205  -7.557  11.212  1.00 86.33  ? 49  GLN B NE2 1 
ATOM   1527 N N   . LEU B 2 52  ? -0.055  -6.629  16.366  1.00 81.67  ? 50  LEU B N   1 
ATOM   1528 C CA  . LEU B 2 52  ? 0.117   -5.225  16.742  1.00 83.37  ? 50  LEU B CA  1 
ATOM   1529 C C   . LEU B 2 52  ? 0.223   -4.291  15.532  1.00 83.96  ? 50  LEU B C   1 
ATOM   1530 O O   . LEU B 2 52  ? 1.047   -4.497  14.643  1.00 88.16  ? 50  LEU B O   1 
ATOM   1531 C CB  . LEU B 2 52  ? 1.318   -5.050  17.676  1.00 80.66  ? 50  LEU B CB  1 
ATOM   1532 C CG  . LEU B 2 52  ? 1.216   -5.587  19.115  1.00 80.49  ? 50  LEU B CG  1 
ATOM   1533 C CD1 . LEU B 2 52  ? -0.055  -6.380  19.383  1.00 79.09  ? 50  LEU B CD1 1 
ATOM   1534 C CD2 . LEU B 2 52  ? 2.429   -6.426  19.465  1.00 73.25  ? 50  LEU B CD2 1 
ATOM   1535 N N   . GLU B 2 53  ? -0.627  -3.268  15.516  1.00 84.44  ? 51  GLU B N   1 
ATOM   1536 C CA  . GLU B 2 53  ? -0.706  -2.330  14.400  1.00 92.26  ? 51  GLU B CA  1 
ATOM   1537 C C   . GLU B 2 53  ? -0.003  -1.033  14.775  1.00 90.76  ? 51  GLU B C   1 
ATOM   1538 O O   . GLU B 2 53  ? -0.016  -0.633  15.936  1.00 92.92  ? 51  GLU B O   1 
ATOM   1539 C CB  . GLU B 2 53  ? -2.174  -2.052  14.049  1.00 86.70  ? 51  GLU B CB  1 
ATOM   1540 N N   . ASP B 2 54  ? 0.612   -0.370  13.803  1.00 91.97  ? 52  ASP B N   1 
ATOM   1541 C CA  . ASP B 2 54  ? 1.322   0.879   14.088  1.00 96.12  ? 52  ASP B CA  1 
ATOM   1542 C C   . ASP B 2 54  ? 0.375   1.957   14.612  1.00 98.96  ? 52  ASP B C   1 
ATOM   1543 O O   . ASP B 2 54  ? -0.843  1.876   14.424  1.00 96.99  ? 52  ASP B O   1 
ATOM   1544 C CB  . ASP B 2 54  ? 2.033   1.384   12.837  1.00 97.82  ? 52  ASP B CB  1 
ATOM   1545 C CG  . ASP B 2 54  ? 2.920   0.326   12.201  1.00 101.75 ? 52  ASP B CG  1 
ATOM   1546 O OD1 . ASP B 2 54  ? 2.882   -0.850  12.643  1.00 99.97  ? 52  ASP B OD1 1 
ATOM   1547 O OD2 . ASP B 2 54  ? 3.646   0.674   11.245  1.00 101.42 ? 52  ASP B OD2 1 
ATOM   1548 N N   . GLY B 2 55  ? 0.926   2.963   15.280  1.00 96.13  ? 53  GLY B N   1 
ATOM   1549 C CA  . GLY B 2 55  ? 0.102   4.057   15.762  1.00 94.48  ? 53  GLY B CA  1 
ATOM   1550 C C   . GLY B 2 55  ? -0.784  3.691   16.939  1.00 98.81  ? 53  GLY B C   1 
ATOM   1551 O O   . GLY B 2 55  ? -1.650  4.472   17.349  1.00 97.09  ? 53  GLY B O   1 
ATOM   1552 N N   . ARG B 2 56  ? -0.591  2.487   17.468  1.00 96.04  ? 54  ARG B N   1 
ATOM   1553 C CA  . ARG B 2 56  ? -1.098  2.150   18.792  1.00 92.88  ? 54  ARG B CA  1 
ATOM   1554 C C   . ARG B 2 56  ? 0.122   2.039   19.703  1.00 89.39  ? 54  ARG B C   1 
ATOM   1555 O O   . ARG B 2 56  ? 1.241   1.847   19.224  1.00 87.26  ? 54  ARG B O   1 
ATOM   1556 C CB  . ARG B 2 56  ? -1.906  0.849   18.769  1.00 88.23  ? 54  ARG B CB  1 
ATOM   1557 N N   . THR B 2 57  ? -0.078  2.186   21.006  1.00 88.98  ? 55  THR B N   1 
ATOM   1558 C CA  . THR B 2 57  ? 1.030   2.112   21.952  1.00 84.19  ? 55  THR B CA  1 
ATOM   1559 C C   . THR B 2 57  ? 1.072   0.753   22.640  1.00 82.33  ? 55  THR B C   1 
ATOM   1560 O O   . THR B 2 57  ? 0.131   -0.025  22.543  1.00 83.10  ? 55  THR B O   1 
ATOM   1561 C CB  . THR B 2 57  ? 0.903   3.173   23.046  1.00 84.81  ? 55  THR B CB  1 
ATOM   1562 O OG1 . THR B 2 57  ? -0.283  2.920   23.803  1.00 83.01  ? 55  THR B OG1 1 
ATOM   1563 C CG2 . THR B 2 57  ? 0.827   4.566   22.442  1.00 87.20  ? 55  THR B CG2 1 
ATOM   1564 N N   . LEU B 2 58  ? 2.161   0.489   23.353  1.00 79.05  ? 56  LEU B N   1 
ATOM   1565 C CA  . LEU B 2 58  ? 2.310   -0.736  24.126  1.00 79.89  ? 56  LEU B CA  1 
ATOM   1566 C C   . LEU B 2 58  ? 1.236   -0.870  25.195  1.00 80.44  ? 56  LEU B C   1 
ATOM   1567 O O   . LEU B 2 58  ? 0.633   -1.938  25.345  1.00 83.30  ? 56  LEU B O   1 
ATOM   1568 C CB  . LEU B 2 58  ? 3.701   -0.816  24.778  1.00 76.74  ? 56  LEU B CB  1 
ATOM   1569 C CG  . LEU B 2 58  ? 4.891   -0.870  23.816  1.00 76.37  ? 56  LEU B CG  1 
ATOM   1570 C CD1 . LEU B 2 58  ? 6.175   -1.025  24.588  1.00 73.17  ? 56  LEU B CD1 1 
ATOM   1571 C CD2 . LEU B 2 58  ? 4.737   -2.005  22.794  1.00 78.37  ? 56  LEU B CD2 1 
ATOM   1572 N N   . SER B 2 59  ? 0.997   0.202   25.941  1.00 81.23  ? 57  SER B N   1 
ATOM   1573 C CA  . SER B 2 59  ? 0.022   0.152   27.025  1.00 85.63  ? 57  SER B CA  1 
ATOM   1574 C C   . SER B 2 59  ? -1.367  -0.234  26.504  1.00 87.28  ? 57  SER B C   1 
ATOM   1575 O O   . SER B 2 59  ? -2.111  -0.954  27.179  1.00 87.30  ? 57  SER B O   1 
ATOM   1576 C CB  . SER B 2 59  ? -0.028  1.481   27.784  1.00 88.46  ? 57  SER B CB  1 
ATOM   1577 O OG  . SER B 2 59  ? -0.740  2.461   27.055  1.00 92.08  ? 57  SER B OG  1 
ATOM   1578 N N   . ASP B 2 60  ? -1.696  0.228   25.297  1.00 81.15  ? 58  ASP B N   1 
ATOM   1579 C CA  . ASP B 2 60  ? -2.961  -0.114  24.652  1.00 85.34  ? 58  ASP B CA  1 
ATOM   1580 C C   . ASP B 2 60  ? -3.203  -1.629  24.608  1.00 87.79  ? 58  ASP B C   1 
ATOM   1581 O O   . ASP B 2 60  ? -4.331  -2.103  24.783  1.00 86.81  ? 58  ASP B O   1 
ATOM   1582 C CB  . ASP B 2 60  ? -3.002  0.444   23.220  1.00 88.85  ? 58  ASP B CB  1 
ATOM   1583 C CG  . ASP B 2 60  ? -3.213  1.952   23.174  1.00 91.57  ? 58  ASP B CG  1 
ATOM   1584 O OD1 . ASP B 2 60  ? -3.732  2.517   24.164  1.00 100.07 ? 58  ASP B OD1 1 
ATOM   1585 O OD2 . ASP B 2 60  ? -2.871  2.569   22.141  1.00 89.76  ? 58  ASP B OD2 1 
ATOM   1586 N N   . TYR B 2 61  ? -2.140  -2.385  24.366  1.00 85.25  ? 59  TYR B N   1 
ATOM   1587 C CA  . TYR B 2 61  ? -2.261  -3.828  24.233  1.00 83.94  ? 59  TYR B CA  1 
ATOM   1588 C C   . TYR B 2 61  ? -2.012  -4.502  25.568  1.00 87.22  ? 59  TYR B C   1 
ATOM   1589 O O   . TYR B 2 61  ? -1.964  -5.730  25.653  1.00 93.33  ? 59  TYR B O   1 
ATOM   1590 C CB  . TYR B 2 61  ? -1.278  -4.356  23.195  1.00 78.36  ? 59  TYR B CB  1 
ATOM   1591 C CG  . TYR B 2 61  ? -1.616  -3.991  21.770  1.00 80.41  ? 59  TYR B CG  1 
ATOM   1592 C CD1 . TYR B 2 61  ? -2.603  -4.675  21.074  1.00 79.86  ? 59  TYR B CD1 1 
ATOM   1593 C CD2 . TYR B 2 61  ? -0.930  -2.978  21.110  1.00 81.48  ? 59  TYR B CD2 1 
ATOM   1594 C CE1 . TYR B 2 61  ? -2.908  -4.352  19.760  1.00 85.27  ? 59  TYR B CE1 1 
ATOM   1595 C CE2 . TYR B 2 61  ? -1.224  -2.650  19.797  1.00 81.92  ? 59  TYR B CE2 1 
ATOM   1596 C CZ  . TYR B 2 61  ? -2.212  -3.337  19.127  1.00 83.36  ? 59  TYR B CZ  1 
ATOM   1597 O OH  . TYR B 2 61  ? -2.509  -3.015  17.819  1.00 86.34  ? 59  TYR B OH  1 
ATOM   1598 N N   . ASN B 2 62  ? -1.845  -3.685  26.600  1.00 84.82  ? 60  ASN B N   1 
ATOM   1599 C CA  . ASN B 2 62  ? -1.605  -4.165  27.952  1.00 86.03  ? 60  ASN B CA  1 
ATOM   1600 C C   . ASN B 2 62  ? -0.255  -4.837  28.109  1.00 86.36  ? 60  ASN B C   1 
ATOM   1601 O O   . ASN B 2 62  ? -0.012  -5.555  29.077  1.00 91.26  ? 60  ASN B O   1 
ATOM   1602 C CB  . ASN B 2 62  ? -2.725  -5.091  28.429  1.00 85.72  ? 60  ASN B CB  1 
ATOM   1603 C CG  . ASN B 2 62  ? -3.081  -4.854  29.877  1.00 91.73  ? 60  ASN B CG  1 
ATOM   1604 O OD1 . ASN B 2 62  ? -2.905  -5.724  30.733  1.00 91.91  ? 60  ASN B OD1 1 
ATOM   1605 N ND2 . ASN B 2 62  ? -3.564  -3.651  30.166  1.00 91.50  ? 60  ASN B ND2 1 
ATOM   1606 N N   . ILE B 2 63  ? 0.630   -4.601  27.154  1.00 85.80  ? 61  ILE B N   1 
ATOM   1607 C CA  . ILE B 2 63  ? 1.979   -5.118  27.264  1.00 80.62  ? 61  ILE B CA  1 
ATOM   1608 C C   . ILE B 2 63  ? 2.623   -4.506  28.492  1.00 82.36  ? 61  ILE B C   1 
ATOM   1609 O O   . ILE B 2 63  ? 2.907   -3.300  28.538  1.00 82.10  ? 61  ILE B O   1 
ATOM   1610 C CB  . ILE B 2 63  ? 2.784   -4.813  26.011  1.00 78.21  ? 61  ILE B CB  1 
ATOM   1611 C CG1 . ILE B 2 63  ? 2.114   -5.500  24.818  1.00 74.83  ? 61  ILE B CG1 1 
ATOM   1612 C CG2 . ILE B 2 63  ? 4.232   -5.258  26.188  1.00 74.59  ? 61  ILE B CG2 1 
ATOM   1613 C CD1 . ILE B 2 63  ? 2.580   -5.004  23.475  1.00 72.59  ? 61  ILE B CD1 1 
ATOM   1614 N N   . GLN B 2 64  ? 2.816   -5.345  29.501  1.00 80.14  ? 62  GLN B N   1 
ATOM   1615 C CA  . GLN B 2 64  ? 3.440   -4.909  30.733  1.00 82.98  ? 62  GLN B CA  1 
ATOM   1616 C C   . GLN B 2 64  ? 4.888   -5.372  30.782  1.00 79.19  ? 62  GLN B C   1 
ATOM   1617 O O   . GLN B 2 64  ? 5.372   -5.975  29.837  1.00 81.47  ? 62  GLN B O   1 
ATOM   1618 C CB  . GLN B 2 64  ? 2.666   -5.459  31.921  1.00 87.24  ? 62  GLN B CB  1 
ATOM   1619 C CG  . GLN B 2 64  ? 1.196   -5.086  31.913  1.00 91.86  ? 62  GLN B CG  1 
ATOM   1620 C CD  . GLN B 2 64  ? 0.449   -5.704  33.078  1.00 99.47  ? 62  GLN B CD  1 
ATOM   1621 O OE1 . GLN B 2 64  ? 0.920   -6.668  33.686  1.00 105.96 ? 62  GLN B OE1 1 
ATOM   1622 N NE2 . GLN B 2 64  ? -0.714  -5.149  33.403  1.00 95.50  ? 62  GLN B NE2 1 
ATOM   1623 N N   . LYS B 2 65  ? 5.567   -5.096  31.895  1.00 83.85  ? 63  LYS B N   1 
ATOM   1624 C CA  . LYS B 2 65  ? 6.998   -5.385  32.054  1.00 82.02  ? 63  LYS B CA  1 
ATOM   1625 C C   . LYS B 2 65  ? 7.316   -6.868  31.939  1.00 79.42  ? 63  LYS B C   1 
ATOM   1626 O O   . LYS B 2 65  ? 6.553   -7.705  32.423  1.00 83.46  ? 63  LYS B O   1 
ATOM   1627 C CB  . LYS B 2 65  ? 7.506   -4.869  33.407  1.00 82.08  ? 63  LYS B CB  1 
ATOM   1628 N N   . GLU B 2 66  ? 8.447   -7.175  31.297  1.00 83.94  ? 64  GLU B N   1 
ATOM   1629 C CA  . GLU B 2 66  ? 8.935   -8.551  31.097  1.00 79.94  ? 64  GLU B CA  1 
ATOM   1630 C C   . GLU B 2 66  ? 8.087   -9.406  30.140  1.00 71.83  ? 64  GLU B C   1 
ATOM   1631 O O   . GLU B 2 66  ? 8.379   -10.583 29.944  1.00 78.12  ? 64  GLU B O   1 
ATOM   1632 C CB  . GLU B 2 66  ? 9.131   -9.261  32.447  1.00 81.07  ? 64  GLU B CB  1 
ATOM   1633 C CG  . GLU B 2 66  ? 9.928   -8.427  33.445  1.00 83.45  ? 64  GLU B CG  1 
ATOM   1634 C CD  . GLU B 2 66  ? 9.660   -8.800  34.899  1.00 91.58  ? 64  GLU B CD  1 
ATOM   1635 O OE1 . GLU B 2 66  ? 8.643   -9.481  35.182  1.00 92.93  ? 64  GLU B OE1 1 
ATOM   1636 O OE2 . GLU B 2 66  ? 10.478  -8.407  35.762  1.00 90.96  ? 64  GLU B OE2 1 
ATOM   1637 N N   . SER B 2 67  ? 7.052   -8.816  29.544  1.00 72.16  ? 65  SER B N   1 
ATOM   1638 C CA  . SER B 2 67  ? 6.272   -9.494  28.504  1.00 73.77  ? 65  SER B CA  1 
ATOM   1639 C C   . SER B 2 67  ? 7.159   -9.933  27.340  1.00 74.37  ? 65  SER B C   1 
ATOM   1640 O O   . SER B 2 67  ? 8.188   -9.311  27.076  1.00 72.07  ? 65  SER B O   1 
ATOM   1641 C CB  . SER B 2 67  ? 5.169   -8.578  27.967  1.00 72.54  ? 65  SER B CB  1 
ATOM   1642 O OG  . SER B 2 67  ? 4.264   -8.204  28.992  1.00 82.13  ? 65  SER B OG  1 
ATOM   1643 N N   . THR B 2 68  ? 6.755   -11.007 26.656  1.00 72.41  ? 66  THR B N   1 
ATOM   1644 C CA  . THR B 2 68  ? 7.412   -11.473 25.433  1.00 68.71  ? 66  THR B CA  1 
ATOM   1645 C C   . THR B 2 68  ? 6.469   -11.304 24.245  1.00 70.87  ? 66  THR B C   1 
ATOM   1646 O O   . THR B 2 68  ? 5.372   -11.865 24.251  1.00 69.11  ? 66  THR B O   1 
ATOM   1647 C CB  . THR B 2 68  ? 7.784   -12.989 25.499  1.00 76.11  ? 66  THR B CB  1 
ATOM   1648 O OG1 . THR B 2 68  ? 8.756   -13.219 26.527  1.00 78.67  ? 66  THR B OG1 1 
ATOM   1649 C CG2 . THR B 2 68  ? 8.348   -13.479 24.159  1.00 66.68  ? 66  THR B CG2 1 
ATOM   1650 N N   . LEU B 2 69  ? 6.903   -10.538 23.239  1.00 70.80  ? 67  LEU B N   1 
ATOM   1651 C CA  . LEU B 2 69  ? 6.179   -10.407 21.978  1.00 67.11  ? 67  LEU B CA  1 
ATOM   1652 C C   . LEU B 2 69  ? 6.729   -11.402 20.980  1.00 68.78  ? 67  LEU B C   1 
ATOM   1653 O O   . LEU B 2 69  ? 7.944   -11.644 20.934  1.00 66.68  ? 67  LEU B O   1 
ATOM   1654 C CB  . LEU B 2 69  ? 6.345   -9.006  21.387  1.00 67.23  ? 67  LEU B CB  1 
ATOM   1655 C CG  . LEU B 2 69  ? 6.244   -7.771  22.287  1.00 67.54  ? 67  LEU B CG  1 
ATOM   1656 C CD1 . LEU B 2 69  ? 6.365   -6.517  21.440  1.00 63.40  ? 67  LEU B CD1 1 
ATOM   1657 C CD2 . LEU B 2 69  ? 4.941   -7.763  23.061  1.00 76.87  ? 67  LEU B CD2 1 
ATOM   1658 N N   . HIS B 2 70  ? 5.844   -11.968 20.168  1.00 67.26  ? 68  HIS B N   1 
ATOM   1659 C CA  . HIS B 2 70  ? 6.252   -12.929 19.157  1.00 65.41  ? 68  HIS B CA  1 
ATOM   1660 C C   . HIS B 2 70  ? 6.418   -12.212 17.834  1.00 69.37  ? 68  HIS B C   1 
ATOM   1661 O O   . HIS B 2 70  ? 5.496   -11.551 17.346  1.00 68.57  ? 68  HIS B O   1 
ATOM   1662 C CB  . HIS B 2 70  ? 5.215   -14.048 18.991  1.00 73.03  ? 68  HIS B CB  1 
ATOM   1663 C CG  . HIS B 2 70  ? 4.843   -14.737 20.267  1.00 75.19  ? 68  HIS B CG  1 
ATOM   1664 N ND1 . HIS B 2 70  ? 5.761   -15.412 21.048  1.00 77.52  ? 68  HIS B ND1 1 
ATOM   1665 C CD2 . HIS B 2 70  ? 3.648   -14.863 20.897  1.00 78.95  ? 68  HIS B CD2 1 
ATOM   1666 C CE1 . HIS B 2 70  ? 5.152   -15.906 22.113  1.00 77.20  ? 68  HIS B CE1 1 
ATOM   1667 N NE2 . HIS B 2 70  ? 3.867   -15.598 22.041  1.00 80.16  ? 68  HIS B NE2 1 
ATOM   1668 N N   . LEU B 2 71  ? 7.602   -12.354 17.253  1.00 69.95  ? 69  LEU B N   1 
ATOM   1669 C CA  . LEU B 2 71  ? 7.933   -11.719 15.991  1.00 67.61  ? 69  LEU B CA  1 
ATOM   1670 C C   . LEU B 2 71  ? 7.911   -12.758 14.874  1.00 65.01  ? 69  LEU B C   1 
ATOM   1671 O O   . LEU B 2 71  ? 8.633   -13.749 14.930  1.00 68.78  ? 69  LEU B O   1 
ATOM   1672 C CB  . LEU B 2 71  ? 9.323   -11.083 16.093  1.00 64.32  ? 69  LEU B CB  1 
ATOM   1673 C CG  . LEU B 2 71  ? 9.950   -10.558 14.806  1.00 70.85  ? 69  LEU B CG  1 
ATOM   1674 C CD1 . LEU B 2 71  ? 9.072   -9.474  14.175  1.00 66.55  ? 69  LEU B CD1 1 
ATOM   1675 C CD2 . LEU B 2 71  ? 11.354  -10.043 15.082  1.00 60.06  ? 69  LEU B CD2 1 
ATOM   1676 N N   . VAL B 2 72  ? 7.082   -12.521 13.868  1.00 69.54  ? 70  VAL B N   1 
ATOM   1677 C CA  . VAL B 2 72  ? 6.973   -13.403 12.721  1.00 71.74  ? 70  VAL B CA  1 
ATOM   1678 C C   . VAL B 2 72  ? 7.504   -12.679 11.517  1.00 74.74  ? 70  VAL B C   1 
ATOM   1679 O O   . VAL B 2 72  ? 7.066   -11.572 11.207  1.00 79.02  ? 70  VAL B O   1 
ATOM   1680 C CB  . VAL B 2 72  ? 5.522   -13.776 12.425  1.00 77.05  ? 70  VAL B CB  1 
ATOM   1681 C CG1 . VAL B 2 72  ? 5.455   -14.658 11.169  1.00 80.89  ? 70  VAL B CG1 1 
ATOM   1682 C CG2 . VAL B 2 72  ? 4.913   -14.470 13.620  1.00 70.02  ? 70  VAL B CG2 1 
ATOM   1683 N N   . LEU B 2 73  ? 8.458   -13.302 10.840  1.00 76.74  ? 71  LEU B N   1 
ATOM   1684 C CA  . LEU B 2 73  ? 9.090   -12.687 9.690   1.00 82.19  ? 71  LEU B CA  1 
ATOM   1685 C C   . LEU B 2 73  ? 8.385   -13.133 8.425   1.00 88.21  ? 71  LEU B C   1 
ATOM   1686 O O   . LEU B 2 73  ? 8.045   -14.308 8.268   1.00 87.31  ? 71  LEU B O   1 
ATOM   1687 C CB  . LEU B 2 73  ? 10.564  -13.070 9.634   1.00 76.70  ? 71  LEU B CB  1 
ATOM   1688 C CG  . LEU B 2 73  ? 11.257  -12.942 10.995  1.00 82.05  ? 71  LEU B CG  1 
ATOM   1689 C CD1 . LEU B 2 73  ? 12.668  -13.515 10.964  1.00 80.95  ? 71  LEU B CD1 1 
ATOM   1690 C CD2 . LEU B 2 73  ? 11.270  -11.484 11.444  1.00 80.50  ? 71  LEU B CD2 1 
ATOM   1691 N N   . ARG B 2 74  ? 8.152   -12.180 7.532   1.00 88.92  ? 72  ARG B N   1 
ATOM   1692 C CA  . ARG B 2 74  ? 7.577   -12.475 6.234   1.00 88.85  ? 72  ARG B CA  1 
ATOM   1693 C C   . ARG B 2 74  ? 8.542   -11.986 5.169   1.00 97.06  ? 72  ARG B C   1 
ATOM   1694 O O   . ARG B 2 74  ? 8.734   -10.781 4.991   1.00 95.22  ? 72  ARG B O   1 
ATOM   1695 C CB  . ARG B 2 74  ? 6.213   -11.804 6.073   1.00 88.11  ? 72  ARG B CB  1 
ATOM   1696 C CG  . ARG B 2 74  ? 5.096   -12.746 5.618   1.00 94.64  ? 72  ARG B CG  1 
ATOM   1697 C CD  . ARG B 2 74  ? 4.048   -12.973 6.707   1.00 90.08  ? 72  ARG B CD  1 
ATOM   1698 N NE  . ARG B 2 74  ? 4.062   -14.348 7.205   1.00 92.20  ? 72  ARG B NE  1 
ATOM   1699 C CZ  . ARG B 2 74  ? 3.223   -14.832 8.122   1.00 95.28  ? 72  ARG B CZ  1 
ATOM   1700 N NH1 . ARG B 2 74  ? 2.283   -14.051 8.652   1.00 89.82  ? 72  ARG B NH1 1 
ATOM   1701 N NH2 . ARG B 2 74  ? 3.325   -16.103 8.513   1.00 89.98  ? 72  ARG B NH2 1 
ATOM   1702 N N   . LEU B 2 75  ? 9.180   -12.938 4.496   1.00 102.64 ? 73  LEU B N   1 
ATOM   1703 C CA  . LEU B 2 75  ? 10.033  -12.656 3.347   1.00 104.42 ? 73  LEU B CA  1 
ATOM   1704 C C   . LEU B 2 75  ? 9.338   -13.223 2.100   1.00 106.17 ? 73  LEU B C   1 
ATOM   1705 O O   . LEU B 2 75  ? 8.684   -14.265 2.191   1.00 107.09 ? 73  LEU B O   1 
ATOM   1706 C CB  . LEU B 2 75  ? 11.423  -13.276 3.540   1.00 99.28  ? 73  LEU B CB  1 
ATOM   1707 N N   . ARG B 2 76  ? 9.443   -12.553 0.949   1.00 108.41 ? 74  ARG B N   1 
ATOM   1708 C CA  . ARG B 2 76  ? 10.192  -11.309 0.783   1.00 105.80 ? 74  ARG B CA  1 
ATOM   1709 C C   . ARG B 2 76  ? 9.498   -10.141 1.484   1.00 102.43 ? 74  ARG B C   1 
ATOM   1710 O O   . ARG B 2 76  ? 10.114  -9.108  1.739   1.00 98.85  ? 74  ARG B O   1 
ATOM   1711 C CB  . ARG B 2 76  ? 10.369  -10.996 -0.705  1.00 98.64  ? 74  ARG B CB  1 
ATOM   1712 N N   . GLY B 2 77  ? 8.217   -10.324 1.797   1.00 100.55 ? 75  GLY B N   1 
ATOM   1713 C CA  . GLY B 2 77  ? 7.452   -9.346  2.553   1.00 96.75  ? 75  GLY B CA  1 
ATOM   1714 C C   . GLY B 2 77  ? 7.262   -8.028  1.827   1.00 97.74  ? 75  GLY B C   1 
ATOM   1715 O O   . GLY B 2 77  ? 6.714   -7.068  2.380   1.00 93.67  ? 75  GLY B O   1 
ATOM   1716 N N   . GLY B 2 78  ? 7.721   -7.982  0.581   1.00 93.57  ? 76  GLY B N   1 
ATOM   1717 C CA  . GLY B 2 78  ? 7.568   -6.799  -0.238  1.00 96.47  ? 76  GLY B CA  1 
ATOM   1718 C C   . GLY B 2 78  ? 6.703   -7.071  -1.455  1.00 93.96  ? 76  GLY B C   1 
ATOM   1719 O O   . GLY B 2 78  ? 6.657   -8.196  -1.960  1.00 98.08  ? 76  GLY B O   1 
HETATM 1720 C C   . ACT C 3 .   ? 4.613   4.090   -7.773  1.00 76.25  ? 201 ACT A C   1 
HETATM 1721 O O   . ACT C 3 .   ? 4.775   5.280   -8.183  1.00 71.71  ? 201 ACT A O   1 
HETATM 1722 O OXT . ACT C 3 .   ? 3.443   3.690   -7.487  1.00 65.91  ? 201 ACT A OXT 1 
HETATM 1723 C CH3 . ACT C 3 .   ? 5.783   3.171   -7.629  1.00 71.17  ? 201 ACT A CH3 1 
HETATM 1724 O O   . HOH D 4 .   ? -19.986 -5.745  -3.425  1.00 71.02  ? 301 HOH A O   1 
HETATM 1725 O O   . HOH D 4 .   ? -3.835  0.419   1.614   1.00 54.60  ? 302 HOH A O   1 
HETATM 1726 O O   . HOH D 4 .   ? 3.187   0.832   -28.743 1.00 87.16  ? 303 HOH A O   1 
HETATM 1727 O O   . HOH D 4 .   ? -3.883  8.220   0.178   1.00 72.17  ? 304 HOH A O   1 
HETATM 1728 O O   . HOH D 4 .   ? -7.337  13.216  -9.384  1.00 65.97  ? 305 HOH A O   1 
HETATM 1729 O O   . HOH D 4 .   ? 6.543   3.168   -0.982  1.00 80.38  ? 306 HOH A O   1 
HETATM 1730 O O   . HOH D 4 .   ? 5.557   18.925  -13.547 1.00 72.82  ? 307 HOH A O   1 
HETATM 1731 O O   . HOH D 4 .   ? -11.092 9.485   -19.858 1.00 74.78  ? 308 HOH A O   1 
HETATM 1732 O O   . HOH E 4 .   ? 14.150  -1.686  30.973  1.00 82.30  ? 101 HOH B O   1 
HETATM 1733 O O   . HOH E 4 .   ? 10.567  -17.756 25.948  1.00 84.44  ? 102 HOH B O   1 
HETATM 1734 O O   . HOH E 4 .   ? 8.105   -16.869 26.278  1.00 87.22  ? 103 HOH B O   1 
HETATM 1735 O O   . HOH E 4 .   ? 20.289  -10.053 17.221  1.00 80.59  ? 104 HOH B O   1 
# 
loop_
_pdbx_poly_seq_scheme.asym_id 
_pdbx_poly_seq_scheme.entity_id 
_pdbx_poly_seq_scheme.seq_id 
_pdbx_poly_seq_scheme.mon_id 
_pdbx_poly_seq_scheme.ndb_seq_num 
_pdbx_poly_seq_scheme.pdb_seq_num 
_pdbx_poly_seq_scheme.auth_seq_num 
_pdbx_poly_seq_scheme.pdb_mon_id 
_pdbx_poly_seq_scheme.auth_mon_id 
_pdbx_poly_seq_scheme.pdb_strand_id 
_pdbx_poly_seq_scheme.pdb_ins_code 
_pdbx_poly_seq_scheme.hetero 
A 1 1   MET 1   1   ?   ?   ?   A . n 
A 1 2   SER 2   2   2   SER SER A . n 
A 1 3   THR 3   3   3   THR THR A . n 
A 1 4   PRO 4   4   4   PRO PRO A . n 
A 1 5   ALA 5   5   5   ALA ALA A . n 
A 1 6   ARG 6   6   6   ARG ARG A . n 
A 1 7   ARG 7   7   7   ARG ARG A . n 
A 1 8   ARG 8   8   8   ARG ARG A . n 
A 1 9   LEU 9   9   9   LEU LEU A . n 
A 1 10  MET 10  10  10  MET MET A . n 
A 1 11  ARG 11  11  11  ARG ARG A . n 
A 1 12  ASP 12  12  12  ASP ASP A . n 
A 1 13  PHE 13  13  13  PHE PHE A . n 
A 1 14  LYS 14  14  14  LYS LYS A . n 
A 1 15  ARG 15  15  15  ARG ARG A . n 
A 1 16  MET 16  16  16  MET MET A . n 
A 1 17  LYS 17  17  17  LYS LYS A . n 
A 1 18  GLU 18  18  18  GLU GLU A . n 
A 1 19  ASP 19  19  19  ASP ASP A . n 
A 1 20  ALA 20  20  20  ALA ALA A . n 
A 1 21  PRO 21  21  21  PRO PRO A . n 
A 1 22  PRO 22  22  22  PRO PRO A . n 
A 1 23  GLY 23  23  23  GLY GLY A . n 
A 1 24  VAL 24  24  24  VAL VAL A . n 
A 1 25  SER 25  25  25  SER SER A . n 
A 1 26  ALA 26  26  26  ALA ALA A . n 
A 1 27  SER 27  27  27  SER SER A . n 
A 1 28  PRO 28  28  28  PRO PRO A . n 
A 1 29  LEU 29  29  29  LEU LEU A . n 
A 1 30  PRO 30  30  30  PRO PRO A . n 
A 1 31  ASP 31  31  31  ASP ASP A . n 
A 1 32  ASN 32  32  32  ASN ASN A . n 
A 1 33  VAL 33  33  33  VAL VAL A . n 
A 1 34  MET 34  34  34  MET MET A . n 
A 1 35  VAL 35  35  35  VAL VAL A . n 
A 1 36  TRP 36  36  36  TRP TRP A . n 
A 1 37  ASN 37  37  37  ASN ASN A . n 
A 1 38  ALA 38  38  38  ALA ALA A . n 
A 1 39  MET 39  39  39  MET MET A . n 
A 1 40  ILE 40  40  40  ILE ILE A . n 
A 1 41  ILE 41  41  41  ILE ILE A . n 
A 1 42  GLY 42  42  42  GLY GLY A . n 
A 1 43  PRO 43  43  43  PRO PRO A . n 
A 1 44  ALA 44  44  44  ALA ALA A . n 
A 1 45  ASP 45  45  45  ASP ASP A . n 
A 1 46  THR 46  46  46  THR THR A . n 
A 1 47  PRO 47  47  47  PRO PRO A . n 
A 1 48  TYR 48  48  48  TYR TYR A . n 
A 1 49  GLU 49  49  49  GLU GLU A . n 
A 1 50  ASP 50  50  50  ASP ASP A . n 
A 1 51  GLY 51  51  51  GLY GLY A . n 
A 1 52  THR 52  52  52  THR THR A . n 
A 1 53  PHE 53  53  53  PHE PHE A . n 
A 1 54  ARG 54  54  54  ARG ARG A . n 
A 1 55  LEU 55  55  55  LEU LEU A . n 
A 1 56  LEU 56  56  56  LEU LEU A . n 
A 1 57  LEU 57  57  57  LEU LEU A . n 
A 1 58  GLU 58  58  58  GLU GLU A . n 
A 1 59  PHE 59  59  59  PHE PHE A . n 
A 1 60  ASP 60  60  60  ASP ASP A . n 
A 1 61  GLU 61  61  61  GLU GLU A . n 
A 1 62  GLU 62  62  62  GLU GLU A . n 
A 1 63  TYR 63  63  63  TYR TYR A . n 
A 1 64  PRO 64  64  64  PRO PRO A . n 
A 1 65  ASN 65  65  65  ASN ASN A . n 
A 1 66  LYS 66  66  66  LYS LYS A . n 
A 1 67  PRO 67  67  67  PRO PRO A . n 
A 1 68  PRO 68  68  68  PRO PRO A . n 
A 1 69  HIS 69  69  69  HIS HIS A . n 
A 1 70  VAL 70  70  70  VAL VAL A . n 
A 1 71  LYS 71  71  71  LYS LYS A . n 
A 1 72  PHE 72  72  72  PHE PHE A . n 
A 1 73  LEU 73  73  73  LEU LEU A . n 
A 1 74  SER 74  74  74  SER SER A . n 
A 1 75  GLU 75  75  75  GLU GLU A . n 
A 1 76  MET 76  76  76  MET MET A . n 
A 1 77  PHE 77  77  77  PHE PHE A . n 
A 1 78  HIS 78  78  78  HIS HIS A . n 
A 1 79  PRO 79  79  79  PRO PRO A . n 
A 1 80  ASN 80  80  80  ASN ASN A . n 
A 1 81  VAL 81  81  81  VAL VAL A . n 
A 1 82  TYR 82  82  82  TYR TYR A . n 
A 1 83  ALA 83  83  83  ALA ALA A . n 
A 1 84  ASN 84  84  84  ASN ASN A . n 
A 1 85  GLY 85  85  85  GLY GLY A . n 
A 1 86  GLU 86  86  86  GLU GLU A . n 
A 1 87  ILE 87  87  87  ILE ILE A . n 
A 1 88  LYS 88  88  88  LYS LYS A . n 
A 1 89  LEU 89  89  89  LEU LEU A . n 
A 1 90  ASP 90  90  90  ASP ASP A . n 
A 1 91  ILE 91  91  91  ILE ILE A . n 
A 1 92  LEU 92  92  92  LEU LEU A . n 
A 1 93  GLN 93  93  93  GLN GLN A . n 
A 1 94  ASN 94  94  94  ASN ASN A . n 
A 1 95  ARG 95  95  95  ARG ARG A . n 
A 1 96  TRP 96  96  96  TRP TRP A . n 
A 1 97  THR 97  97  97  THR THR A . n 
A 1 98  PRO 98  98  98  PRO PRO A . n 
A 1 99  THR 99  99  99  THR THR A . n 
A 1 100 TYR 100 100 100 TYR TYR A . n 
A 1 101 ASP 101 101 101 ASP ASP A . n 
A 1 102 VAL 102 102 102 VAL VAL A . n 
A 1 103 ALA 103 103 103 ALA ALA A . n 
A 1 104 SER 104 104 104 SER SER A . n 
A 1 105 ILE 105 105 105 ILE ILE A . n 
A 1 106 LEU 106 106 106 LEU LEU A . n 
A 1 107 THR 107 107 107 THR THR A . n 
A 1 108 SER 108 108 108 SER SER A . n 
A 1 109 ILE 109 109 109 ILE ILE A . n 
A 1 110 GLN 110 110 110 GLN GLN A . n 
A 1 111 SER 111 111 111 SER SER A . n 
A 1 112 LEU 112 112 112 LEU LEU A . n 
A 1 113 PHE 113 113 113 PHE PHE A . n 
A 1 114 ASN 114 114 114 ASN ASN A . n 
A 1 115 ASP 115 115 115 ASP ASP A . n 
A 1 116 PRO 116 116 116 PRO PRO A . n 
A 1 117 ASN 117 117 117 ASN ASN A . n 
A 1 118 PRO 118 118 118 PRO PRO A . n 
A 1 119 ALA 119 119 119 ALA ALA A . n 
A 1 120 SER 120 120 120 SER SER A . n 
A 1 121 PRO 121 121 121 PRO PRO A . n 
A 1 122 ALA 122 122 122 ALA ALA A . n 
A 1 123 ASN 123 123 123 ASN ASN A . n 
A 1 124 VAL 124 124 124 VAL VAL A . n 
A 1 125 GLU 125 125 125 GLU GLU A . n 
A 1 126 ALA 126 126 126 ALA ALA A . n 
A 1 127 ALA 127 127 127 ALA ALA A . n 
A 1 128 THR 128 128 128 THR THR A . n 
A 1 129 LEU 129 129 129 LEU LEU A . n 
A 1 130 PHE 130 130 130 PHE PHE A . n 
A 1 131 LYS 131 131 131 LYS LYS A . n 
A 1 132 ASP 132 132 132 ASP ASP A . n 
A 1 133 HIS 133 133 133 HIS HIS A . n 
A 1 134 LYS 134 134 134 LYS LYS A . n 
A 1 135 SER 135 135 135 SER SER A . n 
A 1 136 GLN 136 136 136 GLN GLN A . n 
A 1 137 TYR 137 137 137 TYR TYR A . n 
A 1 138 VAL 138 138 138 VAL VAL A . n 
A 1 139 LYS 139 139 139 LYS LYS A . n 
A 1 140 ARG 140 140 140 ARG ARG A . n 
A 1 141 VAL 141 141 141 VAL VAL A . n 
A 1 142 LYS 142 142 142 LYS LYS A . n 
A 1 143 GLU 143 143 143 GLU GLU A . n 
A 1 144 THR 144 144 144 THR THR A . n 
A 1 145 VAL 145 145 145 VAL VAL A . n 
A 1 146 GLU 146 146 146 GLU GLU A . n 
A 1 147 LYS 147 147 147 LYS LYS A . n 
A 1 148 SER 148 148 148 SER SER A . n 
A 1 149 TRP 149 149 149 TRP TRP A . n 
A 1 150 GLU 150 150 150 GLU GLU A . n 
A 1 151 ASP 151 151 ?   ?   ?   A . n 
A 1 152 ASP 152 152 ?   ?   ?   A . n 
A 1 153 MET 153 153 ?   ?   ?   A . n 
A 1 154 ASP 154 154 ?   ?   ?   A . n 
A 1 155 ASP 155 155 ?   ?   ?   A . n 
A 1 156 MET 156 156 ?   ?   ?   A . n 
A 1 157 ASP 157 157 ?   ?   ?   A . n 
A 1 158 ASP 158 158 ?   ?   ?   A . n 
A 1 159 ASP 159 159 ?   ?   ?   A . n 
A 1 160 ASP 160 160 ?   ?   ?   A . n 
A 1 161 ASP 161 161 ?   ?   ?   A . n 
A 1 162 ASP 162 162 ?   ?   ?   A . n 
A 1 163 ASP 163 163 ?   ?   ?   A . n 
A 1 164 ASP 164 164 ?   ?   ?   A . n 
A 1 165 ASP 165 165 ?   ?   ?   A . n 
A 1 166 ASP 166 166 ?   ?   ?   A . n 
A 1 167 ASP 167 167 ?   ?   ?   A . n 
A 1 168 ASP 168 168 ?   ?   ?   A . n 
A 1 169 ASP 169 169 ?   ?   ?   A . n 
A 1 170 GLU 170 170 ?   ?   ?   A . n 
A 1 171 ALA 171 171 ?   ?   ?   A . n 
A 1 172 ASP 172 172 ?   ?   ?   A . n 
B 2 1   ILE 1   -1  -1  ILE ILE B . n 
B 2 2   GLN 2   0   0   GLN GLN B . n 
B 2 3   MET 3   1   1   MET MET B . n 
B 2 4   GLN 4   2   2   GLN GLN B . n 
B 2 5   ILE 5   3   3   ILE ILE B . n 
B 2 6   PHE 6   4   4   PHE PHE B . n 
B 2 7   VAL 7   5   5   VAL VAL B . n 
B 2 8   LYS 8   6   6   LYS LYS B . n 
B 2 9   THR 9   7   7   THR THR B . n 
B 2 10  LEU 10  8   8   LEU LEU B . n 
B 2 11  THR 11  9   9   THR THR B . n 
B 2 12  GLY 12  10  10  GLY GLY B . n 
B 2 13  LYS 13  11  11  LYS LYS B . n 
B 2 14  THR 14  12  12  THR THR B . n 
B 2 15  ILE 15  13  13  ILE ILE B . n 
B 2 16  THR 16  14  14  THR THR B . n 
B 2 17  LEU 17  15  15  LEU LEU B . n 
B 2 18  GLU 18  16  16  GLU GLU B . n 
B 2 19  VAL 19  17  17  VAL VAL B . n 
B 2 20  GLU 20  18  18  GLU GLU B . n 
B 2 21  PRO 21  19  19  PRO PRO B . n 
B 2 22  SER 22  20  20  SER SER B . n 
B 2 23  ASP 23  21  21  ASP ASP B . n 
B 2 24  THR 24  22  22  THR THR B . n 
B 2 25  ILE 25  23  23  ILE ILE B . n 
B 2 26  GLU 26  24  24  GLU GLU B . n 
B 2 27  ASN 27  25  25  ASN ASN B . n 
B 2 28  VAL 28  26  26  VAL VAL B . n 
B 2 29  LYS 29  27  27  LYS LYS B . n 
B 2 30  ALA 30  28  28  ALA ALA B . n 
B 2 31  LYS 31  29  29  LYS LYS B . n 
B 2 32  ILE 32  30  30  ILE ILE B . n 
B 2 33  GLN 33  31  31  GLN GLN B . n 
B 2 34  ASP 34  32  32  ASP ASP B . n 
B 2 35  LYS 35  33  33  LYS LYS B . n 
B 2 36  GLU 36  34  34  GLU GLU B . n 
B 2 37  GLY 37  35  35  GLY GLY B . n 
B 2 38  ILE 38  36  36  ILE ILE B . n 
B 2 39  PRO 39  37  37  PRO PRO B . n 
B 2 40  PRO 40  38  38  PRO PRO B . n 
B 2 41  ASP 41  39  39  ASP ASP B . n 
B 2 42  GLN 42  40  40  GLN GLN B . n 
B 2 43  GLN 43  41  41  GLN GLN B . n 
B 2 44  ARG 44  42  42  ARG ARG B . n 
B 2 45  LEU 45  43  43  LEU LEU B . n 
B 2 46  ILE 46  44  44  ILE ILE B . n 
B 2 47  PHE 47  45  45  PHE PHE B . n 
B 2 48  ALA 48  46  46  ALA ALA B . n 
B 2 49  GLY 49  47  47  GLY GLY B . n 
B 2 50  LYS 50  48  48  LYS LYS B . n 
B 2 51  GLN 51  49  49  GLN GLN B . n 
B 2 52  LEU 52  50  50  LEU LEU B . n 
B 2 53  GLU 53  51  51  GLU GLU B . n 
B 2 54  ASP 54  52  52  ASP ASP B . n 
B 2 55  GLY 55  53  53  GLY GLY B . n 
B 2 56  ARG 56  54  54  ARG ARG B . n 
B 2 57  THR 57  55  55  THR THR B . n 
B 2 58  LEU 58  56  56  LEU LEU B . n 
B 2 59  SER 59  57  57  SER SER B . n 
B 2 60  ASP 60  58  58  ASP ASP B . n 
B 2 61  TYR 61  59  59  TYR TYR B . n 
B 2 62  ASN 62  60  60  ASN ASN B . n 
B 2 63  ILE 63  61  61  ILE ILE B . n 
B 2 64  GLN 64  62  62  GLN GLN B . n 
B 2 65  LYS 65  63  63  LYS LYS B . n 
B 2 66  GLU 66  64  64  GLU GLU B . n 
B 2 67  SER 67  65  65  SER SER B . n 
B 2 68  THR 68  66  66  THR THR B . n 
B 2 69  LEU 69  67  67  LEU LEU B . n 
B 2 70  HIS 70  68  68  HIS HIS B . n 
B 2 71  LEU 71  69  69  LEU LEU B . n 
B 2 72  VAL 72  70  70  VAL VAL B . n 
B 2 73  LEU 73  71  71  LEU LEU B . n 
B 2 74  ARG 74  72  72  ARG ARG B . n 
B 2 75  LEU 75  73  73  LEU LEU B . n 
B 2 76  ARG 76  74  74  ARG ARG B . n 
B 2 77  GLY 77  75  75  GLY GLY B . n 
B 2 78  GLY 78  76  76  GLY GLY B . n 
# 
loop_
_pdbx_nonpoly_scheme.asym_id 
_pdbx_nonpoly_scheme.entity_id 
_pdbx_nonpoly_scheme.mon_id 
_pdbx_nonpoly_scheme.ndb_seq_num 
_pdbx_nonpoly_scheme.pdb_seq_num 
_pdbx_nonpoly_scheme.auth_seq_num 
_pdbx_nonpoly_scheme.pdb_mon_id 
_pdbx_nonpoly_scheme.auth_mon_id 
_pdbx_nonpoly_scheme.pdb_strand_id 
_pdbx_nonpoly_scheme.pdb_ins_code 
C 3 ACT 1 201 1428 ACT ACT A . 
D 4 HOH 1 301 1    HOH HOH A . 
D 4 HOH 2 302 2    HOH HOH A . 
D 4 HOH 3 303 3    HOH HOH A . 
D 4 HOH 4 304 4    HOH HOH A . 
D 4 HOH 5 305 5    HOH HOH A . 
D 4 HOH 6 306 6    HOH HOH A . 
D 4 HOH 7 307 7    HOH HOH A . 
D 4 HOH 8 308 10   HOH HOH A . 
E 4 HOH 1 101 8    HOH HOH B . 
E 4 HOH 2 102 9    HOH HOH B . 
E 4 HOH 3 103 11   HOH HOH B . 
E 4 HOH 4 104 12   HOH HOH B . 
# 
_pdbx_struct_assembly.id                   1 
_pdbx_struct_assembly.details              author_defined_assembly 
_pdbx_struct_assembly.method_details       ? 
_pdbx_struct_assembly.oligomeric_details   dimeric 
_pdbx_struct_assembly.oligomeric_count     2 
# 
_pdbx_struct_assembly_gen.assembly_id       1 
_pdbx_struct_assembly_gen.oper_expression   1 
_pdbx_struct_assembly_gen.asym_id_list      A,B,C,D,E 
# 
_pdbx_struct_oper_list.id                   1 
_pdbx_struct_oper_list.type                 'identity operation' 
_pdbx_struct_oper_list.name                 1_555 
_pdbx_struct_oper_list.symmetry_operation   x,y,z 
_pdbx_struct_oper_list.matrix[1][1]         1.0000000000 
_pdbx_struct_oper_list.matrix[1][2]         0.0000000000 
_pdbx_struct_oper_list.matrix[1][3]         0.0000000000 
_pdbx_struct_oper_list.vector[1]            0.0000000000 
_pdbx_struct_oper_list.matrix[2][1]         0.0000000000 
_pdbx_struct_oper_list.matrix[2][2]         1.0000000000 
_pdbx_struct_oper_list.matrix[2][3]         0.0000000000 
_pdbx_struct_oper_list.vector[2]            0.0000000000 
_pdbx_struct_oper_list.matrix[3][1]         0.0000000000 
_pdbx_struct_oper_list.matrix[3][2]         0.0000000000 
_pdbx_struct_oper_list.matrix[3][3]         1.0000000000 
_pdbx_struct_oper_list.vector[3]            0.0000000000 
# 
loop_
_pdbx_audit_revision_history.ordinal 
_pdbx_audit_revision_history.data_content_type 
_pdbx_audit_revision_history.major_revision 
_pdbx_audit_revision_history.minor_revision 
_pdbx_audit_revision_history.revision_date 
1 'Structure model' 1 0 2015-09-02 
2 'Structure model' 1 1 2015-10-28 
3 'Structure model' 1 2 2023-09-20 
# 
_pdbx_audit_revision_details.ordinal             1 
_pdbx_audit_revision_details.revision_ordinal    1 
_pdbx_audit_revision_details.data_content_type   'Structure model' 
_pdbx_audit_revision_details.provider            repository 
_pdbx_audit_revision_details.type                'Initial release' 
_pdbx_audit_revision_details.description         ? 
_pdbx_audit_revision_details.details             ? 
# 
loop_
_pdbx_audit_revision_group.ordinal 
_pdbx_audit_revision_group.revision_ordinal 
_pdbx_audit_revision_group.data_content_type 
_pdbx_audit_revision_group.group 
1 2 'Structure model' 'Database references'    
2 3 'Structure model' 'Data collection'        
3 3 'Structure model' 'Database references'    
4 3 'Structure model' 'Derived calculations'   
5 3 'Structure model' 'Refinement description' 
# 
loop_
_pdbx_audit_revision_category.ordinal 
_pdbx_audit_revision_category.revision_ordinal 
_pdbx_audit_revision_category.data_content_type 
_pdbx_audit_revision_category.category 
1 3 'Structure model' chem_comp_atom                
2 3 'Structure model' chem_comp_bond                
3 3 'Structure model' database_2                    
4 3 'Structure model' pdbx_initial_refinement_model 
5 3 'Structure model' struct_ref_seq_dif            
6 3 'Structure model' struct_site                   
# 
loop_
_pdbx_audit_revision_item.ordinal 
_pdbx_audit_revision_item.revision_ordinal 
_pdbx_audit_revision_item.data_content_type 
_pdbx_audit_revision_item.item 
1 3 'Structure model' '_database_2.pdbx_DOI'                
2 3 'Structure model' '_database_2.pdbx_database_accession' 
3 3 'Structure model' '_struct_ref_seq_dif.details'         
4 3 'Structure model' '_struct_site.pdbx_auth_asym_id'      
5 3 'Structure model' '_struct_site.pdbx_auth_comp_id'      
6 3 'Structure model' '_struct_site.pdbx_auth_seq_id'       
# 
loop_
_software.name 
_software.classification 
_software.version 
_software.citation_id 
_software.pdbx_ordinal 
HKL-3000 'data collection' .                             ? 1 
PHENIX   'model building'  .                             ? 2 
PHENIX   refinement        '(phenix.refine: 1.8.2_1309)' ? 3 
HKL-3000 'data reduction'  .                             ? 4 
HKL-3000 'data scaling'    .                             ? 5 
PHENIX   phasing           .                             ? 6 
# 
loop_
_pdbx_validate_close_contact.id 
_pdbx_validate_close_contact.PDB_model_num 
_pdbx_validate_close_contact.auth_atom_id_1 
_pdbx_validate_close_contact.auth_asym_id_1 
_pdbx_validate_close_contact.auth_comp_id_1 
_pdbx_validate_close_contact.auth_seq_id_1 
_pdbx_validate_close_contact.PDB_ins_code_1 
_pdbx_validate_close_contact.label_alt_id_1 
_pdbx_validate_close_contact.auth_atom_id_2 
_pdbx_validate_close_contact.auth_asym_id_2 
_pdbx_validate_close_contact.auth_comp_id_2 
_pdbx_validate_close_contact.auth_seq_id_2 
_pdbx_validate_close_contact.PDB_ins_code_2 
_pdbx_validate_close_contact.label_alt_id_2 
_pdbx_validate_close_contact.dist 
1 1 NZ  A LYS 88 ? ? C  B GLY 76 ? ? 1.88 
2 1 NZ  A LYS 88 ? ? CA B GLY 76 ? ? 2.16 
3 1 NH2 A ARG 8  ? ? O  A PRO 98 ? ? 2.19 
# 
loop_
_pdbx_validate_torsion.id 
_pdbx_validate_torsion.PDB_model_num 
_pdbx_validate_torsion.auth_comp_id 
_pdbx_validate_torsion.auth_asym_id 
_pdbx_validate_torsion.auth_seq_id 
_pdbx_validate_torsion.PDB_ins_code 
_pdbx_validate_torsion.label_alt_id 
_pdbx_validate_torsion.phi 
_pdbx_validate_torsion.psi 
1 1 PRO A 64 ? ? -97.16  30.32   
2 1 GLN A 93 ? ? -127.24 -104.67 
3 1 PRO A 98 ? ? -58.00  -2.15   
# 
loop_
_pdbx_unobs_or_zero_occ_atoms.id 
_pdbx_unobs_or_zero_occ_atoms.PDB_model_num 
_pdbx_unobs_or_zero_occ_atoms.polymer_flag 
_pdbx_unobs_or_zero_occ_atoms.occupancy_flag 
_pdbx_unobs_or_zero_occ_atoms.auth_asym_id 
_pdbx_unobs_or_zero_occ_atoms.auth_comp_id 
_pdbx_unobs_or_zero_occ_atoms.auth_seq_id 
_pdbx_unobs_or_zero_occ_atoms.PDB_ins_code 
_pdbx_unobs_or_zero_occ_atoms.auth_atom_id 
_pdbx_unobs_or_zero_occ_atoms.label_alt_id 
_pdbx_unobs_or_zero_occ_atoms.label_asym_id 
_pdbx_unobs_or_zero_occ_atoms.label_comp_id 
_pdbx_unobs_or_zero_occ_atoms.label_seq_id 
_pdbx_unobs_or_zero_occ_atoms.label_atom_id 
1   1 Y 1 A ARG 7   ? CG  ? A ARG 7   CG  
2   1 Y 1 A ARG 7   ? CD  ? A ARG 7   CD  
3   1 Y 1 A ARG 7   ? NE  ? A ARG 7   NE  
4   1 Y 1 A ARG 7   ? CZ  ? A ARG 7   CZ  
5   1 Y 1 A ARG 7   ? NH1 ? A ARG 7   NH1 
6   1 Y 1 A ARG 7   ? NH2 ? A ARG 7   NH2 
7   1 Y 1 A LYS 14  ? CG  ? A LYS 14  CG  
8   1 Y 1 A LYS 14  ? CD  ? A LYS 14  CD  
9   1 Y 1 A LYS 14  ? CE  ? A LYS 14  CE  
10  1 Y 1 A LYS 14  ? NZ  ? A LYS 14  NZ  
11  1 Y 1 A ASP 19  ? CG  ? A ASP 19  CG  
12  1 Y 1 A ASP 19  ? OD1 ? A ASP 19  OD1 
13  1 Y 1 A ASP 19  ? OD2 ? A ASP 19  OD2 
14  1 Y 1 A LYS 66  ? CG  ? A LYS 66  CG  
15  1 Y 1 A LYS 66  ? CD  ? A LYS 66  CD  
16  1 Y 1 A LYS 66  ? CE  ? A LYS 66  CE  
17  1 Y 1 A LYS 66  ? NZ  ? A LYS 66  NZ  
18  1 Y 1 A GLU 75  ? CG  ? A GLU 75  CG  
19  1 Y 1 A GLU 75  ? CD  ? A GLU 75  CD  
20  1 Y 1 A GLU 75  ? OE1 ? A GLU 75  OE1 
21  1 Y 1 A GLU 75  ? OE2 ? A GLU 75  OE2 
22  1 Y 1 A ASN 94  ? CG  ? A ASN 94  CG  
23  1 Y 1 A ASN 94  ? OD1 ? A ASN 94  OD1 
24  1 Y 1 A ASN 94  ? ND2 ? A ASN 94  ND2 
25  1 Y 1 A ARG 95  ? CG  ? A ARG 95  CG  
26  1 Y 1 A ARG 95  ? CD  ? A ARG 95  CD  
27  1 Y 1 A ARG 95  ? NE  ? A ARG 95  NE  
28  1 Y 1 A ARG 95  ? CZ  ? A ARG 95  CZ  
29  1 Y 1 A ARG 95  ? NH1 ? A ARG 95  NH1 
30  1 Y 1 A ARG 95  ? NH2 ? A ARG 95  NH2 
31  1 Y 1 A ASP 115 ? CG  ? A ASP 115 CG  
32  1 Y 1 A ASP 115 ? OD1 ? A ASP 115 OD1 
33  1 Y 1 A ASP 115 ? OD2 ? A ASP 115 OD2 
34  1 Y 1 A LYS 131 ? CG  ? A LYS 131 CG  
35  1 Y 1 A LYS 131 ? CD  ? A LYS 131 CD  
36  1 Y 1 A LYS 131 ? CE  ? A LYS 131 CE  
37  1 Y 1 A LYS 131 ? NZ  ? A LYS 131 NZ  
38  1 Y 1 A LYS 139 ? CG  ? A LYS 139 CG  
39  1 Y 1 A LYS 139 ? CD  ? A LYS 139 CD  
40  1 Y 1 A LYS 139 ? CE  ? A LYS 139 CE  
41  1 Y 1 A LYS 139 ? NZ  ? A LYS 139 NZ  
42  1 Y 1 A GLU 143 ? CG  ? A GLU 143 CG  
43  1 Y 1 A GLU 143 ? CD  ? A GLU 143 CD  
44  1 Y 1 A GLU 143 ? OE1 ? A GLU 143 OE1 
45  1 Y 1 A GLU 143 ? OE2 ? A GLU 143 OE2 
46  1 Y 1 A LYS 147 ? CG  ? A LYS 147 CG  
47  1 Y 1 A LYS 147 ? CD  ? A LYS 147 CD  
48  1 Y 1 A LYS 147 ? CE  ? A LYS 147 CE  
49  1 Y 1 A LYS 147 ? NZ  ? A LYS 147 NZ  
50  1 Y 1 B GLU 16  ? CG  ? B GLU 18  CG  
51  1 Y 1 B GLU 16  ? CD  ? B GLU 18  CD  
52  1 Y 1 B GLU 16  ? OE1 ? B GLU 18  OE1 
53  1 Y 1 B GLU 16  ? OE2 ? B GLU 18  OE2 
54  1 Y 1 B GLU 18  ? CG  ? B GLU 20  CG  
55  1 Y 1 B GLU 18  ? CD  ? B GLU 20  CD  
56  1 Y 1 B GLU 18  ? OE1 ? B GLU 20  OE1 
57  1 Y 1 B GLU 18  ? OE2 ? B GLU 20  OE2 
58  1 Y 1 B GLU 24  ? CG  ? B GLU 26  CG  
59  1 Y 1 B GLU 24  ? CD  ? B GLU 26  CD  
60  1 Y 1 B GLU 24  ? OE1 ? B GLU 26  OE1 
61  1 Y 1 B GLU 24  ? OE2 ? B GLU 26  OE2 
62  1 Y 1 B ASN 25  ? CG  ? B ASN 27  CG  
63  1 Y 1 B ASN 25  ? OD1 ? B ASN 27  OD1 
64  1 Y 1 B ASN 25  ? ND2 ? B ASN 27  ND2 
65  1 Y 1 B LYS 29  ? CG  ? B LYS 31  CG  
66  1 Y 1 B LYS 29  ? CD  ? B LYS 31  CD  
67  1 Y 1 B LYS 29  ? CE  ? B LYS 31  CE  
68  1 Y 1 B LYS 29  ? NZ  ? B LYS 31  NZ  
69  1 Y 1 B GLU 34  ? CG  ? B GLU 36  CG  
70  1 Y 1 B GLU 34  ? CD  ? B GLU 36  CD  
71  1 Y 1 B GLU 34  ? OE1 ? B GLU 36  OE1 
72  1 Y 1 B GLU 34  ? OE2 ? B GLU 36  OE2 
73  1 Y 1 B ASP 39  ? CG  ? B ASP 41  CG  
74  1 Y 1 B ASP 39  ? OD1 ? B ASP 41  OD1 
75  1 Y 1 B ASP 39  ? OD2 ? B ASP 41  OD2 
76  1 Y 1 B LYS 48  ? CG  ? B LYS 50  CG  
77  1 Y 1 B LYS 48  ? CD  ? B LYS 50  CD  
78  1 Y 1 B LYS 48  ? CE  ? B LYS 50  CE  
79  1 Y 1 B LYS 48  ? NZ  ? B LYS 50  NZ  
80  1 Y 1 B GLU 51  ? CG  ? B GLU 53  CG  
81  1 Y 1 B GLU 51  ? CD  ? B GLU 53  CD  
82  1 Y 1 B GLU 51  ? OE1 ? B GLU 53  OE1 
83  1 Y 1 B GLU 51  ? OE2 ? B GLU 53  OE2 
84  1 Y 1 B ARG 54  ? CG  ? B ARG 56  CG  
85  1 Y 1 B ARG 54  ? CD  ? B ARG 56  CD  
86  1 Y 1 B ARG 54  ? NE  ? B ARG 56  NE  
87  1 Y 1 B ARG 54  ? CZ  ? B ARG 56  CZ  
88  1 Y 1 B ARG 54  ? NH1 ? B ARG 56  NH1 
89  1 Y 1 B ARG 54  ? NH2 ? B ARG 56  NH2 
90  1 Y 1 B LYS 63  ? CG  ? B LYS 65  CG  
91  1 Y 1 B LYS 63  ? CD  ? B LYS 65  CD  
92  1 Y 1 B LYS 63  ? CE  ? B LYS 65  CE  
93  1 Y 1 B LYS 63  ? NZ  ? B LYS 65  NZ  
94  1 Y 1 B LEU 73  ? CG  ? B LEU 75  CG  
95  1 Y 1 B LEU 73  ? CD1 ? B LEU 75  CD1 
96  1 Y 1 B LEU 73  ? CD2 ? B LEU 75  CD2 
97  1 Y 1 B ARG 74  ? CG  ? B ARG 76  CG  
98  1 Y 1 B ARG 74  ? CD  ? B ARG 76  CD  
99  1 Y 1 B ARG 74  ? NE  ? B ARG 76  NE  
100 1 Y 1 B ARG 74  ? CZ  ? B ARG 76  CZ  
101 1 Y 1 B ARG 74  ? NH1 ? B ARG 76  NH1 
102 1 Y 1 B ARG 74  ? NH2 ? B ARG 76  NH2 
# 
loop_
_pdbx_unobs_or_zero_occ_residues.id 
_pdbx_unobs_or_zero_occ_residues.PDB_model_num 
_pdbx_unobs_or_zero_occ_residues.polymer_flag 
_pdbx_unobs_or_zero_occ_residues.occupancy_flag 
_pdbx_unobs_or_zero_occ_residues.auth_asym_id 
_pdbx_unobs_or_zero_occ_residues.auth_comp_id 
_pdbx_unobs_or_zero_occ_residues.auth_seq_id 
_pdbx_unobs_or_zero_occ_residues.PDB_ins_code 
_pdbx_unobs_or_zero_occ_residues.label_asym_id 
_pdbx_unobs_or_zero_occ_residues.label_comp_id 
_pdbx_unobs_or_zero_occ_residues.label_seq_id 
1  1 Y 1 A MET 1   ? A MET 1   
2  1 Y 1 A ASP 151 ? A ASP 151 
3  1 Y 1 A ASP 152 ? A ASP 152 
4  1 Y 1 A MET 153 ? A MET 153 
5  1 Y 1 A ASP 154 ? A ASP 154 
6  1 Y 1 A ASP 155 ? A ASP 155 
7  1 Y 1 A MET 156 ? A MET 156 
8  1 Y 1 A ASP 157 ? A ASP 157 
9  1 Y 1 A ASP 158 ? A ASP 158 
10 1 Y 1 A ASP 159 ? A ASP 159 
11 1 Y 1 A ASP 160 ? A ASP 160 
12 1 Y 1 A ASP 161 ? A ASP 161 
13 1 Y 1 A ASP 162 ? A ASP 162 
14 1 Y 1 A ASP 163 ? A ASP 163 
15 1 Y 1 A ASP 164 ? A ASP 164 
16 1 Y 1 A ASP 165 ? A ASP 165 
17 1 Y 1 A ASP 166 ? A ASP 166 
18 1 Y 1 A ASP 167 ? A ASP 167 
19 1 Y 1 A ASP 168 ? A ASP 168 
20 1 Y 1 A ASP 169 ? A ASP 169 
21 1 Y 1 A GLU 170 ? A GLU 170 
22 1 Y 1 A ALA 171 ? A ALA 171 
23 1 Y 1 A ASP 172 ? A ASP 172 
# 
loop_
_chem_comp_atom.comp_id 
_chem_comp_atom.atom_id 
_chem_comp_atom.type_symbol 
_chem_comp_atom.pdbx_aromatic_flag 
_chem_comp_atom.pdbx_stereo_config 
_chem_comp_atom.pdbx_ordinal 
ACT C    C N N 1   
ACT O    O N N 2   
ACT OXT  O N N 3   
ACT CH3  C N N 4   
ACT H1   H N N 5   
ACT H2   H N N 6   
ACT H3   H N N 7   
ALA N    N N N 8   
ALA CA   C N S 9   
ALA C    C N N 10  
ALA O    O N N 11  
ALA CB   C N N 12  
ALA OXT  O N N 13  
ALA H    H N N 14  
ALA H2   H N N 15  
ALA HA   H N N 16  
ALA HB1  H N N 17  
ALA HB2  H N N 18  
ALA HB3  H N N 19  
ALA HXT  H N N 20  
ARG N    N N N 21  
ARG CA   C N S 22  
ARG C    C N N 23  
ARG O    O N N 24  
ARG CB   C N N 25  
ARG CG   C N N 26  
ARG CD   C N N 27  
ARG NE   N N N 28  
ARG CZ   C N N 29  
ARG NH1  N N N 30  
ARG NH2  N N N 31  
ARG OXT  O N N 32  
ARG H    H N N 33  
ARG H2   H N N 34  
ARG HA   H N N 35  
ARG HB2  H N N 36  
ARG HB3  H N N 37  
ARG HG2  H N N 38  
ARG HG3  H N N 39  
ARG HD2  H N N 40  
ARG HD3  H N N 41  
ARG HE   H N N 42  
ARG HH11 H N N 43  
ARG HH12 H N N 44  
ARG HH21 H N N 45  
ARG HH22 H N N 46  
ARG HXT  H N N 47  
ASN N    N N N 48  
ASN CA   C N S 49  
ASN C    C N N 50  
ASN O    O N N 51  
ASN CB   C N N 52  
ASN CG   C N N 53  
ASN OD1  O N N 54  
ASN ND2  N N N 55  
ASN OXT  O N N 56  
ASN H    H N N 57  
ASN H2   H N N 58  
ASN HA   H N N 59  
ASN HB2  H N N 60  
ASN HB3  H N N 61  
ASN HD21 H N N 62  
ASN HD22 H N N 63  
ASN HXT  H N N 64  
ASP N    N N N 65  
ASP CA   C N S 66  
ASP C    C N N 67  
ASP O    O N N 68  
ASP CB   C N N 69  
ASP CG   C N N 70  
ASP OD1  O N N 71  
ASP OD2  O N N 72  
ASP OXT  O N N 73  
ASP H    H N N 74  
ASP H2   H N N 75  
ASP HA   H N N 76  
ASP HB2  H N N 77  
ASP HB3  H N N 78  
ASP HD2  H N N 79  
ASP HXT  H N N 80  
CYS N    N N N 81  
CYS CA   C N R 82  
CYS C    C N N 83  
CYS O    O N N 84  
CYS CB   C N N 85  
CYS SG   S N N 86  
CYS OXT  O N N 87  
CYS H    H N N 88  
CYS H2   H N N 89  
CYS HA   H N N 90  
CYS HB2  H N N 91  
CYS HB3  H N N 92  
CYS HG   H N N 93  
CYS HXT  H N N 94  
GLN N    N N N 95  
GLN CA   C N S 96  
GLN C    C N N 97  
GLN O    O N N 98  
GLN CB   C N N 99  
GLN CG   C N N 100 
GLN CD   C N N 101 
GLN OE1  O N N 102 
GLN NE2  N N N 103 
GLN OXT  O N N 104 
GLN H    H N N 105 
GLN H2   H N N 106 
GLN HA   H N N 107 
GLN HB2  H N N 108 
GLN HB3  H N N 109 
GLN HG2  H N N 110 
GLN HG3  H N N 111 
GLN HE21 H N N 112 
GLN HE22 H N N 113 
GLN HXT  H N N 114 
GLU N    N N N 115 
GLU CA   C N S 116 
GLU C    C N N 117 
GLU O    O N N 118 
GLU CB   C N N 119 
GLU CG   C N N 120 
GLU CD   C N N 121 
GLU OE1  O N N 122 
GLU OE2  O N N 123 
GLU OXT  O N N 124 
GLU H    H N N 125 
GLU H2   H N N 126 
GLU HA   H N N 127 
GLU HB2  H N N 128 
GLU HB3  H N N 129 
GLU HG2  H N N 130 
GLU HG3  H N N 131 
GLU HE2  H N N 132 
GLU HXT  H N N 133 
GLY N    N N N 134 
GLY CA   C N N 135 
GLY C    C N N 136 
GLY O    O N N 137 
GLY OXT  O N N 138 
GLY H    H N N 139 
GLY H2   H N N 140 
GLY HA2  H N N 141 
GLY HA3  H N N 142 
GLY HXT  H N N 143 
HIS N    N N N 144 
HIS CA   C N S 145 
HIS C    C N N 146 
HIS O    O N N 147 
HIS CB   C N N 148 
HIS CG   C Y N 149 
HIS ND1  N Y N 150 
HIS CD2  C Y N 151 
HIS CE1  C Y N 152 
HIS NE2  N Y N 153 
HIS OXT  O N N 154 
HIS H    H N N 155 
HIS H2   H N N 156 
HIS HA   H N N 157 
HIS HB2  H N N 158 
HIS HB3  H N N 159 
HIS HD1  H N N 160 
HIS HD2  H N N 161 
HIS HE1  H N N 162 
HIS HE2  H N N 163 
HIS HXT  H N N 164 
HOH O    O N N 165 
HOH H1   H N N 166 
HOH H2   H N N 167 
ILE N    N N N 168 
ILE CA   C N S 169 
ILE C    C N N 170 
ILE O    O N N 171 
ILE CB   C N S 172 
ILE CG1  C N N 173 
ILE CG2  C N N 174 
ILE CD1  C N N 175 
ILE OXT  O N N 176 
ILE H    H N N 177 
ILE H2   H N N 178 
ILE HA   H N N 179 
ILE HB   H N N 180 
ILE HG12 H N N 181 
ILE HG13 H N N 182 
ILE HG21 H N N 183 
ILE HG22 H N N 184 
ILE HG23 H N N 185 
ILE HD11 H N N 186 
ILE HD12 H N N 187 
ILE HD13 H N N 188 
ILE HXT  H N N 189 
LEU N    N N N 190 
LEU CA   C N S 191 
LEU C    C N N 192 
LEU O    O N N 193 
LEU CB   C N N 194 
LEU CG   C N N 195 
LEU CD1  C N N 196 
LEU CD2  C N N 197 
LEU OXT  O N N 198 
LEU H    H N N 199 
LEU H2   H N N 200 
LEU HA   H N N 201 
LEU HB2  H N N 202 
LEU HB3  H N N 203 
LEU HG   H N N 204 
LEU HD11 H N N 205 
LEU HD12 H N N 206 
LEU HD13 H N N 207 
LEU HD21 H N N 208 
LEU HD22 H N N 209 
LEU HD23 H N N 210 
LEU HXT  H N N 211 
LYS N    N N N 212 
LYS CA   C N S 213 
LYS C    C N N 214 
LYS O    O N N 215 
LYS CB   C N N 216 
LYS CG   C N N 217 
LYS CD   C N N 218 
LYS CE   C N N 219 
LYS NZ   N N N 220 
LYS OXT  O N N 221 
LYS H    H N N 222 
LYS H2   H N N 223 
LYS HA   H N N 224 
LYS HB2  H N N 225 
LYS HB3  H N N 226 
LYS HG2  H N N 227 
LYS HG3  H N N 228 
LYS HD2  H N N 229 
LYS HD3  H N N 230 
LYS HE2  H N N 231 
LYS HE3  H N N 232 
LYS HZ1  H N N 233 
LYS HZ2  H N N 234 
LYS HZ3  H N N 235 
LYS HXT  H N N 236 
MET N    N N N 237 
MET CA   C N S 238 
MET C    C N N 239 
MET O    O N N 240 
MET CB   C N N 241 
MET CG   C N N 242 
MET SD   S N N 243 
MET CE   C N N 244 
MET OXT  O N N 245 
MET H    H N N 246 
MET H2   H N N 247 
MET HA   H N N 248 
MET HB2  H N N 249 
MET HB3  H N N 250 
MET HG2  H N N 251 
MET HG3  H N N 252 
MET HE1  H N N 253 
MET HE2  H N N 254 
MET HE3  H N N 255 
MET HXT  H N N 256 
PHE N    N N N 257 
PHE CA   C N S 258 
PHE C    C N N 259 
PHE O    O N N 260 
PHE CB   C N N 261 
PHE CG   C Y N 262 
PHE CD1  C Y N 263 
PHE CD2  C Y N 264 
PHE CE1  C Y N 265 
PHE CE2  C Y N 266 
PHE CZ   C Y N 267 
PHE OXT  O N N 268 
PHE H    H N N 269 
PHE H2   H N N 270 
PHE HA   H N N 271 
PHE HB2  H N N 272 
PHE HB3  H N N 273 
PHE HD1  H N N 274 
PHE HD2  H N N 275 
PHE HE1  H N N 276 
PHE HE2  H N N 277 
PHE HZ   H N N 278 
PHE HXT  H N N 279 
PRO N    N N N 280 
PRO CA   C N S 281 
PRO C    C N N 282 
PRO O    O N N 283 
PRO CB   C N N 284 
PRO CG   C N N 285 
PRO CD   C N N 286 
PRO OXT  O N N 287 
PRO H    H N N 288 
PRO HA   H N N 289 
PRO HB2  H N N 290 
PRO HB3  H N N 291 
PRO HG2  H N N 292 
PRO HG3  H N N 293 
PRO HD2  H N N 294 
PRO HD3  H N N 295 
PRO HXT  H N N 296 
SER N    N N N 297 
SER CA   C N S 298 
SER C    C N N 299 
SER O    O N N 300 
SER CB   C N N 301 
SER OG   O N N 302 
SER OXT  O N N 303 
SER H    H N N 304 
SER H2   H N N 305 
SER HA   H N N 306 
SER HB2  H N N 307 
SER HB3  H N N 308 
SER HG   H N N 309 
SER HXT  H N N 310 
THR N    N N N 311 
THR CA   C N S 312 
THR C    C N N 313 
THR O    O N N 314 
THR CB   C N R 315 
THR OG1  O N N 316 
THR CG2  C N N 317 
THR OXT  O N N 318 
THR H    H N N 319 
THR H2   H N N 320 
THR HA   H N N 321 
THR HB   H N N 322 
THR HG1  H N N 323 
THR HG21 H N N 324 
THR HG22 H N N 325 
THR HG23 H N N 326 
THR HXT  H N N 327 
TRP N    N N N 328 
TRP CA   C N S 329 
TRP C    C N N 330 
TRP O    O N N 331 
TRP CB   C N N 332 
TRP CG   C Y N 333 
TRP CD1  C Y N 334 
TRP CD2  C Y N 335 
TRP NE1  N Y N 336 
TRP CE2  C Y N 337 
TRP CE3  C Y N 338 
TRP CZ2  C Y N 339 
TRP CZ3  C Y N 340 
TRP CH2  C Y N 341 
TRP OXT  O N N 342 
TRP H    H N N 343 
TRP H2   H N N 344 
TRP HA   H N N 345 
TRP HB2  H N N 346 
TRP HB3  H N N 347 
TRP HD1  H N N 348 
TRP HE1  H N N 349 
TRP HE3  H N N 350 
TRP HZ2  H N N 351 
TRP HZ3  H N N 352 
TRP HH2  H N N 353 
TRP HXT  H N N 354 
TYR N    N N N 355 
TYR CA   C N S 356 
TYR C    C N N 357 
TYR O    O N N 358 
TYR CB   C N N 359 
TYR CG   C Y N 360 
TYR CD1  C Y N 361 
TYR CD2  C Y N 362 
TYR CE1  C Y N 363 
TYR CE2  C Y N 364 
TYR CZ   C Y N 365 
TYR OH   O N N 366 
TYR OXT  O N N 367 
TYR H    H N N 368 
TYR H2   H N N 369 
TYR HA   H N N 370 
TYR HB2  H N N 371 
TYR HB3  H N N 372 
TYR HD1  H N N 373 
TYR HD2  H N N 374 
TYR HE1  H N N 375 
TYR HE2  H N N 376 
TYR HH   H N N 377 
TYR HXT  H N N 378 
VAL N    N N N 379 
VAL CA   C N S 380 
VAL C    C N N 381 
VAL O    O N N 382 
VAL CB   C N N 383 
VAL CG1  C N N 384 
VAL CG2  C N N 385 
VAL OXT  O N N 386 
VAL H    H N N 387 
VAL H2   H N N 388 
VAL HA   H N N 389 
VAL HB   H N N 390 
VAL HG11 H N N 391 
VAL HG12 H N N 392 
VAL HG13 H N N 393 
VAL HG21 H N N 394 
VAL HG22 H N N 395 
VAL HG23 H N N 396 
VAL HXT  H N N 397 
# 
loop_
_chem_comp_bond.comp_id 
_chem_comp_bond.atom_id_1 
_chem_comp_bond.atom_id_2 
_chem_comp_bond.value_order 
_chem_comp_bond.pdbx_aromatic_flag 
_chem_comp_bond.pdbx_stereo_config 
_chem_comp_bond.pdbx_ordinal 
ACT C   O    doub N N 1   
ACT C   OXT  sing N N 2   
ACT C   CH3  sing N N 3   
ACT CH3 H1   sing N N 4   
ACT CH3 H2   sing N N 5   
ACT CH3 H3   sing N N 6   
ALA N   CA   sing N N 7   
ALA N   H    sing N N 8   
ALA N   H2   sing N N 9   
ALA CA  C    sing N N 10  
ALA CA  CB   sing N N 11  
ALA CA  HA   sing N N 12  
ALA C   O    doub N N 13  
ALA C   OXT  sing N N 14  
ALA CB  HB1  sing N N 15  
ALA CB  HB2  sing N N 16  
ALA CB  HB3  sing N N 17  
ALA OXT HXT  sing N N 18  
ARG N   CA   sing N N 19  
ARG N   H    sing N N 20  
ARG N   H2   sing N N 21  
ARG CA  C    sing N N 22  
ARG CA  CB   sing N N 23  
ARG CA  HA   sing N N 24  
ARG C   O    doub N N 25  
ARG C   OXT  sing N N 26  
ARG CB  CG   sing N N 27  
ARG CB  HB2  sing N N 28  
ARG CB  HB3  sing N N 29  
ARG CG  CD   sing N N 30  
ARG CG  HG2  sing N N 31  
ARG CG  HG3  sing N N 32  
ARG CD  NE   sing N N 33  
ARG CD  HD2  sing N N 34  
ARG CD  HD3  sing N N 35  
ARG NE  CZ   sing N N 36  
ARG NE  HE   sing N N 37  
ARG CZ  NH1  sing N N 38  
ARG CZ  NH2  doub N N 39  
ARG NH1 HH11 sing N N 40  
ARG NH1 HH12 sing N N 41  
ARG NH2 HH21 sing N N 42  
ARG NH2 HH22 sing N N 43  
ARG OXT HXT  sing N N 44  
ASN N   CA   sing N N 45  
ASN N   H    sing N N 46  
ASN N   H2   sing N N 47  
ASN CA  C    sing N N 48  
ASN CA  CB   sing N N 49  
ASN CA  HA   sing N N 50  
ASN C   O    doub N N 51  
ASN C   OXT  sing N N 52  
ASN CB  CG   sing N N 53  
ASN CB  HB2  sing N N 54  
ASN CB  HB3  sing N N 55  
ASN CG  OD1  doub N N 56  
ASN CG  ND2  sing N N 57  
ASN ND2 HD21 sing N N 58  
ASN ND2 HD22 sing N N 59  
ASN OXT HXT  sing N N 60  
ASP N   CA   sing N N 61  
ASP N   H    sing N N 62  
ASP N   H2   sing N N 63  
ASP CA  C    sing N N 64  
ASP CA  CB   sing N N 65  
ASP CA  HA   sing N N 66  
ASP C   O    doub N N 67  
ASP C   OXT  sing N N 68  
ASP CB  CG   sing N N 69  
ASP CB  HB2  sing N N 70  
ASP CB  HB3  sing N N 71  
ASP CG  OD1  doub N N 72  
ASP CG  OD2  sing N N 73  
ASP OD2 HD2  sing N N 74  
ASP OXT HXT  sing N N 75  
CYS N   CA   sing N N 76  
CYS N   H    sing N N 77  
CYS N   H2   sing N N 78  
CYS CA  C    sing N N 79  
CYS CA  CB   sing N N 80  
CYS CA  HA   sing N N 81  
CYS C   O    doub N N 82  
CYS C   OXT  sing N N 83  
CYS CB  SG   sing N N 84  
CYS CB  HB2  sing N N 85  
CYS CB  HB3  sing N N 86  
CYS SG  HG   sing N N 87  
CYS OXT HXT  sing N N 88  
GLN N   CA   sing N N 89  
GLN N   H    sing N N 90  
GLN N   H2   sing N N 91  
GLN CA  C    sing N N 92  
GLN CA  CB   sing N N 93  
GLN CA  HA   sing N N 94  
GLN C   O    doub N N 95  
GLN C   OXT  sing N N 96  
GLN CB  CG   sing N N 97  
GLN CB  HB2  sing N N 98  
GLN CB  HB3  sing N N 99  
GLN CG  CD   sing N N 100 
GLN CG  HG2  sing N N 101 
GLN CG  HG3  sing N N 102 
GLN CD  OE1  doub N N 103 
GLN CD  NE2  sing N N 104 
GLN NE2 HE21 sing N N 105 
GLN NE2 HE22 sing N N 106 
GLN OXT HXT  sing N N 107 
GLU N   CA   sing N N 108 
GLU N   H    sing N N 109 
GLU N   H2   sing N N 110 
GLU CA  C    sing N N 111 
GLU CA  CB   sing N N 112 
GLU CA  HA   sing N N 113 
GLU C   O    doub N N 114 
GLU C   OXT  sing N N 115 
GLU CB  CG   sing N N 116 
GLU CB  HB2  sing N N 117 
GLU CB  HB3  sing N N 118 
GLU CG  CD   sing N N 119 
GLU CG  HG2  sing N N 120 
GLU CG  HG3  sing N N 121 
GLU CD  OE1  doub N N 122 
GLU CD  OE2  sing N N 123 
GLU OE2 HE2  sing N N 124 
GLU OXT HXT  sing N N 125 
GLY N   CA   sing N N 126 
GLY N   H    sing N N 127 
GLY N   H2   sing N N 128 
GLY CA  C    sing N N 129 
GLY CA  HA2  sing N N 130 
GLY CA  HA3  sing N N 131 
GLY C   O    doub N N 132 
GLY C   OXT  sing N N 133 
GLY OXT HXT  sing N N 134 
HIS N   CA   sing N N 135 
HIS N   H    sing N N 136 
HIS N   H2   sing N N 137 
HIS CA  C    sing N N 138 
HIS CA  CB   sing N N 139 
HIS CA  HA   sing N N 140 
HIS C   O    doub N N 141 
HIS C   OXT  sing N N 142 
HIS CB  CG   sing N N 143 
HIS CB  HB2  sing N N 144 
HIS CB  HB3  sing N N 145 
HIS CG  ND1  sing Y N 146 
HIS CG  CD2  doub Y N 147 
HIS ND1 CE1  doub Y N 148 
HIS ND1 HD1  sing N N 149 
HIS CD2 NE2  sing Y N 150 
HIS CD2 HD2  sing N N 151 
HIS CE1 NE2  sing Y N 152 
HIS CE1 HE1  sing N N 153 
HIS NE2 HE2  sing N N 154 
HIS OXT HXT  sing N N 155 
HOH O   H1   sing N N 156 
HOH O   H2   sing N N 157 
ILE N   CA   sing N N 158 
ILE N   H    sing N N 159 
ILE N   H2   sing N N 160 
ILE CA  C    sing N N 161 
ILE CA  CB   sing N N 162 
ILE CA  HA   sing N N 163 
ILE C   O    doub N N 164 
ILE C   OXT  sing N N 165 
ILE CB  CG1  sing N N 166 
ILE CB  CG2  sing N N 167 
ILE CB  HB   sing N N 168 
ILE CG1 CD1  sing N N 169 
ILE CG1 HG12 sing N N 170 
ILE CG1 HG13 sing N N 171 
ILE CG2 HG21 sing N N 172 
ILE CG2 HG22 sing N N 173 
ILE CG2 HG23 sing N N 174 
ILE CD1 HD11 sing N N 175 
ILE CD1 HD12 sing N N 176 
ILE CD1 HD13 sing N N 177 
ILE OXT HXT  sing N N 178 
LEU N   CA   sing N N 179 
LEU N   H    sing N N 180 
LEU N   H2   sing N N 181 
LEU CA  C    sing N N 182 
LEU CA  CB   sing N N 183 
LEU CA  HA   sing N N 184 
LEU C   O    doub N N 185 
LEU C   OXT  sing N N 186 
LEU CB  CG   sing N N 187 
LEU CB  HB2  sing N N 188 
LEU CB  HB3  sing N N 189 
LEU CG  CD1  sing N N 190 
LEU CG  CD2  sing N N 191 
LEU CG  HG   sing N N 192 
LEU CD1 HD11 sing N N 193 
LEU CD1 HD12 sing N N 194 
LEU CD1 HD13 sing N N 195 
LEU CD2 HD21 sing N N 196 
LEU CD2 HD22 sing N N 197 
LEU CD2 HD23 sing N N 198 
LEU OXT HXT  sing N N 199 
LYS N   CA   sing N N 200 
LYS N   H    sing N N 201 
LYS N   H2   sing N N 202 
LYS CA  C    sing N N 203 
LYS CA  CB   sing N N 204 
LYS CA  HA   sing N N 205 
LYS C   O    doub N N 206 
LYS C   OXT  sing N N 207 
LYS CB  CG   sing N N 208 
LYS CB  HB2  sing N N 209 
LYS CB  HB3  sing N N 210 
LYS CG  CD   sing N N 211 
LYS CG  HG2  sing N N 212 
LYS CG  HG3  sing N N 213 
LYS CD  CE   sing N N 214 
LYS CD  HD2  sing N N 215 
LYS CD  HD3  sing N N 216 
LYS CE  NZ   sing N N 217 
LYS CE  HE2  sing N N 218 
LYS CE  HE3  sing N N 219 
LYS NZ  HZ1  sing N N 220 
LYS NZ  HZ2  sing N N 221 
LYS NZ  HZ3  sing N N 222 
LYS OXT HXT  sing N N 223 
MET N   CA   sing N N 224 
MET N   H    sing N N 225 
MET N   H2   sing N N 226 
MET CA  C    sing N N 227 
MET CA  CB   sing N N 228 
MET CA  HA   sing N N 229 
MET C   O    doub N N 230 
MET C   OXT  sing N N 231 
MET CB  CG   sing N N 232 
MET CB  HB2  sing N N 233 
MET CB  HB3  sing N N 234 
MET CG  SD   sing N N 235 
MET CG  HG2  sing N N 236 
MET CG  HG3  sing N N 237 
MET SD  CE   sing N N 238 
MET CE  HE1  sing N N 239 
MET CE  HE2  sing N N 240 
MET CE  HE3  sing N N 241 
MET OXT HXT  sing N N 242 
PHE N   CA   sing N N 243 
PHE N   H    sing N N 244 
PHE N   H2   sing N N 245 
PHE CA  C    sing N N 246 
PHE CA  CB   sing N N 247 
PHE CA  HA   sing N N 248 
PHE C   O    doub N N 249 
PHE C   OXT  sing N N 250 
PHE CB  CG   sing N N 251 
PHE CB  HB2  sing N N 252 
PHE CB  HB3  sing N N 253 
PHE CG  CD1  doub Y N 254 
PHE CG  CD2  sing Y N 255 
PHE CD1 CE1  sing Y N 256 
PHE CD1 HD1  sing N N 257 
PHE CD2 CE2  doub Y N 258 
PHE CD2 HD2  sing N N 259 
PHE CE1 CZ   doub Y N 260 
PHE CE1 HE1  sing N N 261 
PHE CE2 CZ   sing Y N 262 
PHE CE2 HE2  sing N N 263 
PHE CZ  HZ   sing N N 264 
PHE OXT HXT  sing N N 265 
PRO N   CA   sing N N 266 
PRO N   CD   sing N N 267 
PRO N   H    sing N N 268 
PRO CA  C    sing N N 269 
PRO CA  CB   sing N N 270 
PRO CA  HA   sing N N 271 
PRO C   O    doub N N 272 
PRO C   OXT  sing N N 273 
PRO CB  CG   sing N N 274 
PRO CB  HB2  sing N N 275 
PRO CB  HB3  sing N N 276 
PRO CG  CD   sing N N 277 
PRO CG  HG2  sing N N 278 
PRO CG  HG3  sing N N 279 
PRO CD  HD2  sing N N 280 
PRO CD  HD3  sing N N 281 
PRO OXT HXT  sing N N 282 
SER N   CA   sing N N 283 
SER N   H    sing N N 284 
SER N   H2   sing N N 285 
SER CA  C    sing N N 286 
SER CA  CB   sing N N 287 
SER CA  HA   sing N N 288 
SER C   O    doub N N 289 
SER C   OXT  sing N N 290 
SER CB  OG   sing N N 291 
SER CB  HB2  sing N N 292 
SER CB  HB3  sing N N 293 
SER OG  HG   sing N N 294 
SER OXT HXT  sing N N 295 
THR N   CA   sing N N 296 
THR N   H    sing N N 297 
THR N   H2   sing N N 298 
THR CA  C    sing N N 299 
THR CA  CB   sing N N 300 
THR CA  HA   sing N N 301 
THR C   O    doub N N 302 
THR C   OXT  sing N N 303 
THR CB  OG1  sing N N 304 
THR CB  CG2  sing N N 305 
THR CB  HB   sing N N 306 
THR OG1 HG1  sing N N 307 
THR CG2 HG21 sing N N 308 
THR CG2 HG22 sing N N 309 
THR CG2 HG23 sing N N 310 
THR OXT HXT  sing N N 311 
TRP N   CA   sing N N 312 
TRP N   H    sing N N 313 
TRP N   H2   sing N N 314 
TRP CA  C    sing N N 315 
TRP CA  CB   sing N N 316 
TRP CA  HA   sing N N 317 
TRP C   O    doub N N 318 
TRP C   OXT  sing N N 319 
TRP CB  CG   sing N N 320 
TRP CB  HB2  sing N N 321 
TRP CB  HB3  sing N N 322 
TRP CG  CD1  doub Y N 323 
TRP CG  CD2  sing Y N 324 
TRP CD1 NE1  sing Y N 325 
TRP CD1 HD1  sing N N 326 
TRP CD2 CE2  doub Y N 327 
TRP CD2 CE3  sing Y N 328 
TRP NE1 CE2  sing Y N 329 
TRP NE1 HE1  sing N N 330 
TRP CE2 CZ2  sing Y N 331 
TRP CE3 CZ3  doub Y N 332 
TRP CE3 HE3  sing N N 333 
TRP CZ2 CH2  doub Y N 334 
TRP CZ2 HZ2  sing N N 335 
TRP CZ3 CH2  sing Y N 336 
TRP CZ3 HZ3  sing N N 337 
TRP CH2 HH2  sing N N 338 
TRP OXT HXT  sing N N 339 
TYR N   CA   sing N N 340 
TYR N   H    sing N N 341 
TYR N   H2   sing N N 342 
TYR CA  C    sing N N 343 
TYR CA  CB   sing N N 344 
TYR CA  HA   sing N N 345 
TYR C   O    doub N N 346 
TYR C   OXT  sing N N 347 
TYR CB  CG   sing N N 348 
TYR CB  HB2  sing N N 349 
TYR CB  HB3  sing N N 350 
TYR CG  CD1  doub Y N 351 
TYR CG  CD2  sing Y N 352 
TYR CD1 CE1  sing Y N 353 
TYR CD1 HD1  sing N N 354 
TYR CD2 CE2  doub Y N 355 
TYR CD2 HD2  sing N N 356 
TYR CE1 CZ   doub Y N 357 
TYR CE1 HE1  sing N N 358 
TYR CE2 CZ   sing Y N 359 
TYR CE2 HE2  sing N N 360 
TYR CZ  OH   sing N N 361 
TYR OH  HH   sing N N 362 
TYR OXT HXT  sing N N 363 
VAL N   CA   sing N N 364 
VAL N   H    sing N N 365 
VAL N   H2   sing N N 366 
VAL CA  C    sing N N 367 
VAL CA  CB   sing N N 368 
VAL CA  HA   sing N N 369 
VAL C   O    doub N N 370 
VAL C   OXT  sing N N 371 
VAL CB  CG1  sing N N 372 
VAL CB  CG2  sing N N 373 
VAL CB  HB   sing N N 374 
VAL CG1 HG11 sing N N 375 
VAL CG1 HG12 sing N N 376 
VAL CG1 HG13 sing N N 377 
VAL CG2 HG21 sing N N 378 
VAL CG2 HG22 sing N N 379 
VAL CG2 HG23 sing N N 380 
VAL OXT HXT  sing N N 381 
# 
loop_
_pdbx_entity_nonpoly.entity_id 
_pdbx_entity_nonpoly.name 
_pdbx_entity_nonpoly.comp_id 
3 'ACETATE ION' ACT 
4 water         HOH 
# 
loop_
_pdbx_initial_refinement_model.id 
_pdbx_initial_refinement_model.entity_id_list 
_pdbx_initial_refinement_model.type 
_pdbx_initial_refinement_model.source_name 
_pdbx_initial_refinement_model.accession_code 
_pdbx_initial_refinement_model.details 
1 ? 'experimental model' PDB 1AYZ '1AYZ and 1UBQ' 
2 ? 'experimental model' PDB 1UBQ '1AYZ and 1UBQ' 
# 
